data_9DSZ
#
_entry.id   9DSZ
#
_cell.length_a   92.843
_cell.length_b   79.311
_cell.length_c   115.827
_cell.angle_alpha   90.00
_cell.angle_beta   90.30
_cell.angle_gamma   90.00
#
_symmetry.space_group_name_H-M   'P 1 21 1'
#
loop_
_entity.id
_entity.type
_entity.pdbx_description
1 polymer 'ADP-ribose pyrophosphatase'
2 non-polymer "2'-DEOXYADENOSINE 5'-TRIPHOSPHATE"
3 non-polymer 'MAGNESIUM ION'
4 water water
#
_entity_poly.entity_id   1
_entity_poly.type   'polypeptide(L)'
_entity_poly.pdbx_seq_one_letter_code
;MAHHHHHHMSKPTQQGITFSKNDVEIIARETLYRGFFSLDLYRFRHRLFNGGMSGEITREIFERGHAAVLLPFDPVRDEV
VLVEQIRIAAYDTSESPWLLEMVAGMIEAGETVEDVARREALEEAGLEVGRTKPILSYLASPGGTSERLSILVGEVDAST
AKGIHGLAEENEDIRVHVVSREQAYQWVEEGKIDNAASVIALQWLQLHYHNLRNEWTK
;
_entity_poly.pdbx_strand_id   A,B,C,D,E,F,G,H
#
loop_
_chem_comp.id
_chem_comp.type
_chem_comp.name
_chem_comp.formula
DTP non-polymer '2'-DEOXYADENOSINE 5'-TRIPHOSPHATE' 'C10 H16 N5 O12 P3'
MG non-polymer 'MAGNESIUM ION' 'Mg 2'
#
# COMPACT_ATOMS: atom_id res chain seq x y z
N THR A 18 -25.99 -14.03 6.42
CA THR A 18 -24.73 -13.45 6.88
C THR A 18 -24.72 -13.33 8.40
N PHE A 19 -25.48 -12.35 8.91
CA PHE A 19 -25.53 -12.06 10.33
C PHE A 19 -26.73 -12.72 10.98
N SER A 20 -26.63 -12.91 12.30
CA SER A 20 -27.67 -13.54 13.11
C SER A 20 -28.09 -12.61 14.25
N LYS A 21 -29.01 -13.09 15.08
CA LYS A 21 -29.49 -12.30 16.21
C LYS A 21 -28.39 -11.98 17.20
N ASN A 22 -27.36 -12.82 17.30
CA ASN A 22 -26.24 -12.46 18.20
C ASN A 22 -25.55 -11.18 17.72
N ASP A 23 -25.78 -10.78 16.48
CA ASP A 23 -25.16 -9.60 15.90
C ASP A 23 -26.03 -8.36 16.08
N VAL A 24 -27.07 -8.45 16.91
CA VAL A 24 -27.94 -7.32 17.22
CA VAL A 24 -27.96 -7.34 17.21
C VAL A 24 -28.20 -7.29 18.72
N GLU A 25 -28.15 -6.09 19.29
CA GLU A 25 -28.44 -5.87 20.70
C GLU A 25 -29.71 -5.01 20.74
N ILE A 26 -30.83 -5.59 21.14
CA ILE A 26 -32.03 -4.79 21.37
C ILE A 26 -31.92 -4.23 22.78
N ILE A 27 -31.67 -2.92 22.89
CA ILE A 27 -31.43 -2.28 24.18
C ILE A 27 -32.73 -2.05 24.93
N ALA A 28 -33.76 -1.62 24.23
CA ALA A 28 -35.03 -1.32 24.88
C ALA A 28 -36.15 -1.35 23.84
N ARG A 29 -37.36 -1.58 24.33
CA ARG A 29 -38.58 -1.40 23.56
C ARG A 29 -39.44 -0.46 24.38
N GLU A 30 -39.56 0.77 23.92
CA GLU A 30 -40.22 1.83 24.67
C GLU A 30 -41.60 2.04 24.06
N THR A 31 -42.63 1.84 24.87
CA THR A 31 -44.00 2.05 24.42
C THR A 31 -44.25 3.52 24.08
N LEU A 32 -44.58 3.77 22.81
CA LEU A 32 -44.92 5.11 22.36
C LEU A 32 -46.43 5.34 22.42
N TYR A 33 -47.21 4.30 22.12
CA TYR A 33 -48.66 4.35 22.18
C TYR A 33 -49.20 2.96 22.50
N ARG A 34 -50.22 2.90 23.36
CA ARG A 34 -50.90 1.65 23.68
C ARG A 34 -52.41 1.88 23.60
N GLY A 35 -53.03 1.38 22.54
CA GLY A 35 -54.47 1.41 22.41
C GLY A 35 -54.97 0.04 21.99
N PHE A 36 -55.80 -0.02 20.95
CA PHE A 36 -56.12 -1.33 20.38
C PHE A 36 -54.87 -1.99 19.81
N PHE A 37 -54.05 -1.21 19.11
CA PHE A 37 -52.73 -1.62 18.65
C PHE A 37 -51.69 -0.85 19.47
N SER A 38 -50.43 -1.12 19.19
CA SER A 38 -49.34 -0.50 19.92
C SER A 38 -48.31 0.05 18.94
N LEU A 39 -47.61 1.09 19.38
CA LEU A 39 -46.47 1.62 18.67
C LEU A 39 -45.32 1.66 19.67
N ASP A 40 -44.24 0.93 19.35
CA ASP A 40 -43.07 0.80 20.20
C ASP A 40 -41.85 1.40 19.54
N LEU A 41 -40.96 1.96 20.35
CA LEU A 41 -39.66 2.44 19.87
C LEU A 41 -38.63 1.37 20.20
N TYR A 42 -38.12 0.72 19.16
CA TYR A 42 -37.03 -0.23 19.31
C TYR A 42 -35.72 0.55 19.41
N ARG A 43 -34.93 0.25 20.42
CA ARG A 43 -33.61 0.86 20.59
C ARG A 43 -32.62 -0.30 20.51
N PHE A 44 -31.72 -0.24 19.53
CA PHE A 44 -30.88 -1.40 19.25
C PHE A 44 -29.58 -0.95 18.58
N ARG A 45 -28.62 -1.87 18.60
CA ARG A 45 -27.37 -1.75 17.88
C ARG A 45 -27.21 -3.03 17.09
N HIS A 46 -26.51 -2.94 15.95
CA HIS A 46 -26.37 -4.10 15.09
C HIS A 46 -25.02 -4.07 14.39
N ARG A 47 -24.55 -5.26 14.03
CA ARG A 47 -23.27 -5.38 13.37
C ARG A 47 -23.33 -4.80 11.96
N LEU A 48 -22.19 -4.26 11.52
CA LEU A 48 -22.07 -3.63 10.21
C LEU A 48 -21.35 -4.56 9.26
N PHE A 49 -21.67 -4.44 7.96
CA PHE A 49 -21.09 -5.35 6.98
C PHE A 49 -19.58 -5.20 6.89
N ASN A 50 -19.07 -3.98 7.07
CA ASN A 50 -17.64 -3.71 7.00
C ASN A 50 -16.92 -3.91 8.33
N GLY A 51 -17.61 -4.36 9.36
CA GLY A 51 -16.95 -4.65 10.62
C GLY A 51 -17.42 -3.72 11.71
N GLY A 52 -17.40 -4.21 12.96
CA GLY A 52 -17.85 -3.41 14.07
C GLY A 52 -19.37 -3.40 14.25
N MET A 53 -19.79 -2.59 15.22
CA MET A 53 -21.18 -2.40 15.63
C MET A 53 -21.67 -1.01 15.29
N SER A 54 -22.94 -0.90 14.94
CA SER A 54 -23.54 0.41 14.78
C SER A 54 -23.58 1.13 16.13
N GLY A 55 -23.84 2.44 16.08
CA GLY A 55 -24.25 3.16 17.27
C GLY A 55 -25.70 2.80 17.61
N GLU A 56 -26.21 3.46 18.65
N GLU A 56 -26.23 3.47 18.64
CA GLU A 56 -27.60 3.23 19.03
CA GLU A 56 -27.60 3.22 19.05
C GLU A 56 -28.52 3.76 17.94
C GLU A 56 -28.57 3.78 18.00
N ILE A 57 -29.48 2.93 17.53
CA ILE A 57 -30.46 3.28 16.51
C ILE A 57 -31.85 3.09 17.10
N THR A 58 -32.78 3.95 16.71
CA THR A 58 -34.15 3.85 17.15
C THR A 58 -35.08 3.79 15.95
N ARG A 59 -36.13 2.96 16.05
CA ARG A 59 -37.13 2.77 15.01
C ARG A 59 -38.50 2.66 15.66
N GLU A 60 -39.47 3.40 15.10
CA GLU A 60 -40.86 3.26 15.50
C GLU A 60 -41.46 2.08 14.74
N ILE A 61 -42.03 1.14 15.49
CA ILE A 61 -42.54 -0.11 14.93
C ILE A 61 -43.99 -0.28 15.37
N PHE A 62 -44.88 -0.44 14.40
CA PHE A 62 -46.29 -0.69 14.63
C PHE A 62 -46.48 -2.16 14.98
N GLU A 63 -47.02 -2.42 16.17
CA GLU A 63 -47.23 -3.77 16.68
C GLU A 63 -48.73 -4.04 16.71
N ARG A 64 -49.17 -4.99 15.89
CA ARG A 64 -50.59 -5.31 15.79
C ARG A 64 -50.83 -6.81 15.74
N GLY A 65 -49.90 -7.60 16.23
CA GLY A 65 -50.05 -9.05 16.14
C GLY A 65 -49.82 -9.54 14.72
N HIS A 66 -50.21 -10.79 14.50
CA HIS A 66 -49.95 -11.50 13.27
C HIS A 66 -51.22 -12.23 12.83
N ALA A 67 -51.26 -12.61 11.57
CA ALA A 67 -52.49 -13.04 10.94
C ALA A 67 -52.33 -14.33 10.17
N ALA A 68 -53.44 -15.03 9.99
CA ALA A 68 -53.53 -16.18 9.12
C ALA A 68 -54.43 -15.85 7.94
N VAL A 69 -54.02 -16.29 6.74
CA VAL A 69 -54.72 -15.97 5.51
C VAL A 69 -55.06 -17.26 4.78
N LEU A 70 -56.29 -17.33 4.23
CA LEU A 70 -56.73 -18.49 3.47
C LEU A 70 -57.22 -18.08 2.09
N LEU A 71 -56.63 -18.68 1.06
CA LEU A 71 -57.12 -18.56 -0.31
C LEU A 71 -58.10 -19.70 -0.52
N PRO A 72 -59.43 -19.43 -0.60
CA PRO A 72 -60.37 -20.54 -0.82
C PRO A 72 -60.45 -20.85 -2.32
N PHE A 73 -59.99 -22.04 -2.68
CA PHE A 73 -59.87 -22.46 -4.08
C PHE A 73 -60.66 -23.74 -4.31
N ASP A 74 -61.51 -23.71 -5.34
CA ASP A 74 -62.29 -24.87 -5.75
C ASP A 74 -61.57 -25.52 -6.92
N PRO A 75 -60.84 -26.62 -6.72
CA PRO A 75 -60.07 -27.18 -7.84
C PRO A 75 -60.94 -27.84 -8.89
N VAL A 76 -62.13 -28.31 -8.53
CA VAL A 76 -63.01 -28.93 -9.50
C VAL A 76 -63.50 -27.87 -10.49
N ARG A 77 -63.93 -26.72 -9.96
CA ARG A 77 -64.52 -25.67 -10.77
C ARG A 77 -63.54 -24.58 -11.19
N ASP A 78 -62.34 -24.55 -10.60
CA ASP A 78 -61.36 -23.50 -10.91
C ASP A 78 -61.90 -22.12 -10.56
N GLU A 79 -62.44 -22.03 -9.34
CA GLU A 79 -63.04 -20.80 -8.83
C GLU A 79 -62.41 -20.45 -7.49
N VAL A 80 -62.36 -19.15 -7.22
CA VAL A 80 -61.85 -18.60 -5.97
CA VAL A 80 -61.86 -18.63 -5.96
C VAL A 80 -62.99 -17.86 -5.27
N VAL A 81 -63.02 -17.94 -3.96
CA VAL A 81 -64.00 -17.25 -3.14
C VAL A 81 -63.31 -16.02 -2.56
N LEU A 82 -63.88 -14.85 -2.82
CA LEU A 82 -63.37 -13.60 -2.28
C LEU A 82 -64.35 -13.06 -1.24
N VAL A 83 -63.85 -12.17 -0.39
CA VAL A 83 -64.63 -11.51 0.64
CA VAL A 83 -64.66 -11.51 0.62
C VAL A 83 -64.48 -10.01 0.47
N GLU A 84 -65.58 -9.27 0.62
CA GLU A 84 -65.59 -7.84 0.41
C GLU A 84 -65.97 -7.15 1.72
N GLN A 85 -65.16 -6.18 2.13
CA GLN A 85 -65.51 -5.35 3.27
C GLN A 85 -64.70 -4.06 3.20
N ILE A 86 -65.15 -3.08 3.96
CA ILE A 86 -64.51 -1.77 3.93
C ILE A 86 -63.20 -1.83 4.72
N ARG A 87 -62.16 -1.22 4.17
CA ARG A 87 -60.89 -1.01 4.88
C ARG A 87 -60.58 0.47 4.79
N ILE A 88 -60.91 1.23 5.84
CA ILE A 88 -60.87 2.69 5.73
C ILE A 88 -59.44 3.18 5.44
N ALA A 89 -58.43 2.43 5.87
CA ALA A 89 -57.05 2.86 5.62
C ALA A 89 -56.75 2.94 4.13
N ALA A 90 -57.51 2.26 3.29
CA ALA A 90 -57.32 2.34 1.85
C ALA A 90 -57.86 3.64 1.26
N TYR A 91 -58.63 4.41 2.03
CA TYR A 91 -59.40 5.53 1.48
C TYR A 91 -58.52 6.51 0.72
N ASP A 92 -57.40 6.90 1.32
CA ASP A 92 -56.67 8.04 0.78
C ASP A 92 -56.01 7.76 -0.56
N THR A 93 -55.73 6.49 -0.88
CA THR A 93 -54.97 6.15 -2.08
C THR A 93 -55.70 5.19 -3.02
N SER A 94 -56.99 4.92 -2.81
CA SER A 94 -57.71 3.92 -3.58
C SER A 94 -58.97 4.51 -4.17
N GLU A 95 -59.47 3.87 -5.23
CA GLU A 95 -60.72 4.32 -5.82
C GLU A 95 -61.88 4.13 -4.84
N SER A 96 -61.85 3.05 -4.06
CA SER A 96 -62.85 2.77 -3.04
C SER A 96 -62.21 2.09 -1.85
N PRO A 97 -62.69 2.38 -0.63
CA PRO A 97 -62.17 1.65 0.55
C PRO A 97 -62.72 0.24 0.70
N TRP A 98 -63.71 -0.15 -0.11
CA TRP A 98 -64.15 -1.54 -0.13
C TRP A 98 -63.17 -2.34 -0.99
N LEU A 99 -62.60 -3.38 -0.40
CA LEU A 99 -61.60 -4.21 -1.03
C LEU A 99 -62.13 -5.63 -1.19
N LEU A 100 -61.67 -6.30 -2.24
CA LEU A 100 -61.85 -7.74 -2.40
C LEU A 100 -60.63 -8.45 -1.81
N GLU A 101 -60.85 -9.33 -0.84
CA GLU A 101 -59.77 -9.86 -0.02
C GLU A 101 -59.90 -11.37 0.16
N MET A 102 -58.83 -11.95 0.68
CA MET A 102 -58.79 -13.31 1.17
C MET A 102 -59.44 -13.40 2.55
N VAL A 103 -59.92 -14.59 2.89
CA VAL A 103 -60.27 -14.89 4.28
C VAL A 103 -59.02 -14.70 5.14
N ALA A 104 -59.17 -14.02 6.28
CA ALA A 104 -58.01 -13.73 7.12
C ALA A 104 -58.46 -13.38 8.53
N GLY A 105 -57.60 -13.65 9.49
CA GLY A 105 -57.90 -13.29 10.87
C GLY A 105 -56.65 -13.20 11.70
N MET A 106 -56.77 -12.46 12.80
CA MET A 106 -55.66 -12.34 13.74
C MET A 106 -55.44 -13.65 14.46
N ILE A 107 -54.18 -13.91 14.79
CA ILE A 107 -53.77 -15.09 15.54
C ILE A 107 -53.57 -14.66 16.99
N GLU A 108 -54.32 -15.26 17.91
CA GLU A 108 -54.09 -15.04 19.34
C GLU A 108 -53.10 -16.06 19.88
N ALA A 109 -52.59 -15.79 21.08
CA ALA A 109 -51.58 -16.63 21.69
C ALA A 109 -52.03 -18.10 21.76
N GLY A 110 -51.13 -19.00 21.36
CA GLY A 110 -51.42 -20.41 21.41
C GLY A 110 -52.20 -20.96 20.25
N GLU A 111 -52.68 -20.11 19.34
CA GLU A 111 -53.44 -20.56 18.19
C GLU A 111 -52.52 -20.87 17.01
N THR A 112 -52.95 -21.81 16.17
CA THR A 112 -52.22 -22.14 14.97
C THR A 112 -52.79 -21.43 13.76
N VAL A 113 -51.94 -21.25 12.75
CA VAL A 113 -52.39 -20.69 11.48
C VAL A 113 -53.56 -21.50 10.94
N GLU A 114 -53.46 -22.83 10.97
CA GLU A 114 -54.50 -23.64 10.36
C GLU A 114 -55.82 -23.48 11.11
N ASP A 115 -55.78 -23.47 12.45
CA ASP A 115 -57.00 -23.29 13.22
C ASP A 115 -57.66 -21.95 12.90
N VAL A 116 -56.87 -20.89 12.87
CA VAL A 116 -57.44 -19.58 12.61
C VAL A 116 -57.98 -19.51 11.19
N ALA A 117 -57.22 -20.04 10.22
CA ALA A 117 -57.64 -19.95 8.82
C ALA A 117 -58.97 -20.66 8.62
N ARG A 118 -59.08 -21.87 9.13
CA ARG A 118 -60.30 -22.66 8.97
C ARG A 118 -61.47 -22.03 9.71
N ARG A 119 -61.21 -21.50 10.90
CA ARG A 119 -62.30 -20.86 11.65
C ARG A 119 -62.84 -19.66 10.88
N GLU A 120 -61.94 -18.83 10.35
CA GLU A 120 -62.38 -17.63 9.65
C GLU A 120 -63.13 -17.96 8.37
N ALA A 121 -62.69 -19.01 7.66
CA ALA A 121 -63.39 -19.40 6.43
C ALA A 121 -64.85 -19.77 6.73
N LEU A 122 -65.09 -20.46 7.83
CA LEU A 122 -66.45 -20.83 8.17
C LEU A 122 -67.26 -19.62 8.61
N GLU A 123 -66.70 -18.76 9.47
CA GLU A 123 -67.51 -17.67 9.99
C GLU A 123 -67.59 -16.49 9.02
N GLU A 124 -66.56 -16.24 8.22
CA GLU A 124 -66.62 -15.14 7.25
C GLU A 124 -67.27 -15.54 5.93
N ALA A 125 -67.27 -16.82 5.57
CA ALA A 125 -67.77 -17.22 4.26
C ALA A 125 -68.57 -18.51 4.29
N GLY A 126 -68.85 -19.06 5.46
CA GLY A 126 -69.63 -20.29 5.55
C GLY A 126 -69.00 -21.46 4.85
N LEU A 127 -67.67 -21.45 4.74
CA LEU A 127 -66.95 -22.44 3.95
C LEU A 127 -66.33 -23.48 4.86
N GLU A 128 -66.69 -24.73 4.63
CA GLU A 128 -65.96 -25.87 5.18
C GLU A 128 -64.72 -26.08 4.31
N VAL A 129 -63.58 -26.30 4.96
CA VAL A 129 -62.33 -26.44 4.24
C VAL A 129 -61.91 -27.90 4.23
N GLY A 130 -61.48 -28.39 3.07
CA GLY A 130 -60.95 -29.72 2.98
C GLY A 130 -59.46 -29.70 3.21
N ARG A 131 -58.69 -30.07 2.19
CA ARG A 131 -57.24 -30.05 2.27
C ARG A 131 -56.73 -28.62 2.25
N THR A 132 -55.54 -28.44 2.83
CA THR A 132 -54.81 -27.19 2.80
C THR A 132 -53.35 -27.50 2.49
N LYS A 133 -52.66 -26.49 1.95
CA LYS A 133 -51.22 -26.52 1.69
C LYS A 133 -50.72 -25.12 2.05
N PRO A 134 -49.53 -25.01 2.64
CA PRO A 134 -48.96 -23.67 2.83
C PRO A 134 -48.61 -23.05 1.49
N ILE A 135 -48.88 -21.75 1.37
CA ILE A 135 -48.42 -20.93 0.24
C ILE A 135 -47.11 -20.28 0.68
N LEU A 136 -47.20 -19.21 1.48
CA LEU A 136 -46.03 -18.48 1.97
CA LEU A 136 -46.00 -18.63 2.08
C LEU A 136 -46.40 -17.73 3.23
N SER A 137 -45.37 -17.33 3.99
CA SER A 137 -45.53 -16.46 5.16
C SER A 137 -44.67 -15.23 4.94
N TYR A 138 -45.28 -14.04 5.04
CA TYR A 138 -44.58 -12.83 4.67
C TYR A 138 -44.76 -11.71 5.69
N LEU A 139 -43.77 -10.84 5.71
CA LEU A 139 -43.80 -9.61 6.50
C LEU A 139 -44.43 -8.52 5.65
N ALA A 140 -45.51 -7.91 6.16
CA ALA A 140 -46.31 -6.98 5.35
C ALA A 140 -45.51 -5.74 4.97
N SER A 141 -44.72 -5.20 5.89
CA SER A 141 -43.97 -3.98 5.62
C SER A 141 -42.90 -3.82 6.69
N PRO A 142 -41.83 -4.61 6.64
CA PRO A 142 -40.99 -4.79 7.84
C PRO A 142 -40.13 -3.58 8.22
N GLY A 143 -40.16 -2.48 7.44
CA GLY A 143 -39.53 -1.25 7.85
C GLY A 143 -40.24 -0.49 8.96
N GLY A 144 -41.55 -0.72 9.12
CA GLY A 144 -42.33 0.04 10.07
C GLY A 144 -43.31 -0.76 10.88
N THR A 145 -43.49 -2.05 10.57
CA THR A 145 -44.40 -2.90 11.31
C THR A 145 -43.84 -4.30 11.40
N SER A 146 -44.11 -4.97 12.53
CA SER A 146 -43.67 -6.35 12.73
C SER A 146 -44.61 -7.39 12.11
N GLU A 147 -45.73 -6.97 11.55
CA GLU A 147 -46.79 -7.89 11.20
C GLU A 147 -46.34 -8.94 10.19
N ARG A 148 -46.58 -10.21 10.54
CA ARG A 148 -46.38 -11.35 9.66
C ARG A 148 -47.73 -11.98 9.35
N LEU A 149 -47.91 -12.37 8.08
CA LEU A 149 -49.13 -13.04 7.62
C LEU A 149 -48.76 -14.36 6.97
N SER A 150 -49.42 -15.44 7.39
CA SER A 150 -49.13 -16.78 6.91
C SER A 150 -50.32 -17.28 6.09
N ILE A 151 -50.06 -17.58 4.81
CA ILE A 151 -51.09 -17.88 3.84
C ILE A 151 -51.15 -19.37 3.61
N LEU A 152 -52.36 -19.91 3.61
CA LEU A 152 -52.66 -21.26 3.17
C LEU A 152 -53.61 -21.20 1.98
N VAL A 153 -53.53 -22.20 1.13
CA VAL A 153 -54.57 -22.45 0.15
C VAL A 153 -55.46 -23.55 0.71
N GLY A 154 -56.77 -23.37 0.61
CA GLY A 154 -57.71 -24.34 1.14
C GLY A 154 -58.71 -24.81 0.12
N GLU A 155 -58.92 -26.13 0.07
CA GLU A 155 -59.86 -26.76 -0.85
C GLU A 155 -61.28 -26.52 -0.37
N VAL A 156 -62.10 -25.89 -1.20
CA VAL A 156 -63.47 -25.59 -0.82
C VAL A 156 -64.40 -25.96 -1.95
N ASP A 157 -65.66 -26.14 -1.59
CA ASP A 157 -66.74 -26.35 -2.54
C ASP A 157 -67.37 -25.00 -2.78
N ALA A 158 -67.06 -24.39 -3.93
CA ALA A 158 -67.51 -23.02 -4.16
C ALA A 158 -69.02 -22.90 -4.17
N SER A 159 -69.75 -24.00 -4.42
CA SER A 159 -71.21 -23.92 -4.41
C SER A 159 -71.79 -23.78 -3.01
N THR A 160 -71.00 -23.99 -1.96
CA THR A 160 -71.47 -23.87 -0.59
C THR A 160 -71.16 -22.51 0.04
N ALA A 161 -70.52 -21.61 -0.70
CA ALA A 161 -70.16 -20.30 -0.17
C ALA A 161 -71.38 -19.39 -0.15
N LYS A 162 -71.65 -18.79 1.00
CA LYS A 162 -72.82 -17.94 1.17
C LYS A 162 -72.48 -16.74 2.05
N GLY A 163 -71.76 -17.00 3.14
CA GLY A 163 -71.44 -15.96 4.10
C GLY A 163 -72.33 -15.99 5.33
N GLU A 172 -69.12 -6.74 11.73
CA GLU A 172 -68.37 -7.09 10.53
C GLU A 172 -69.32 -7.33 9.35
N ASP A 173 -69.43 -6.33 8.47
CA ASP A 173 -70.31 -6.41 7.31
C ASP A 173 -69.51 -6.92 6.12
N ILE A 174 -69.82 -8.13 5.67
CA ILE A 174 -69.01 -8.87 4.71
C ILE A 174 -69.91 -9.42 3.60
N ARG A 175 -69.45 -9.29 2.36
CA ARG A 175 -70.11 -9.85 1.17
C ARG A 175 -69.18 -10.83 0.50
N VAL A 176 -69.71 -11.99 0.14
CA VAL A 176 -68.93 -13.06 -0.47
C VAL A 176 -69.08 -13.00 -1.99
N HIS A 177 -67.97 -13.15 -2.70
CA HIS A 177 -67.98 -13.21 -4.16
C HIS A 177 -67.38 -14.54 -4.59
N VAL A 178 -68.01 -15.21 -5.56
CA VAL A 178 -67.45 -16.40 -6.17
C VAL A 178 -67.12 -16.06 -7.61
N VAL A 179 -65.85 -16.20 -7.98
CA VAL A 179 -65.39 -15.85 -9.31
C VAL A 179 -64.45 -16.93 -9.82
N SER A 180 -64.30 -16.97 -11.14
CA SER A 180 -63.30 -17.83 -11.75
C SER A 180 -61.91 -17.41 -11.31
N ARG A 181 -60.99 -18.37 -11.28
CA ARG A 181 -59.59 -18.04 -10.99
C ARG A 181 -59.08 -17.00 -11.99
N GLU A 182 -59.38 -17.21 -13.27
CA GLU A 182 -58.85 -16.30 -14.29
C GLU A 182 -59.35 -14.88 -14.05
N GLN A 183 -60.63 -14.74 -13.69
CA GLN A 183 -61.16 -13.41 -13.41
C GLN A 183 -60.47 -12.81 -12.20
N ALA A 184 -60.27 -13.60 -11.15
CA ALA A 184 -59.60 -13.09 -9.96
C ALA A 184 -58.19 -12.62 -10.30
N TYR A 185 -57.46 -13.39 -11.12
CA TYR A 185 -56.11 -12.95 -11.48
C TYR A 185 -56.14 -11.74 -12.41
N GLN A 186 -57.06 -11.71 -13.37
CA GLN A 186 -57.23 -10.53 -14.21
C GLN A 186 -57.44 -9.28 -13.37
N TRP A 187 -58.19 -9.39 -12.27
CA TRP A 187 -58.40 -8.23 -11.39
C TRP A 187 -57.13 -7.82 -10.68
N VAL A 188 -56.26 -8.80 -10.35
CA VAL A 188 -54.94 -8.45 -9.84
C VAL A 188 -54.19 -7.63 -10.89
N GLU A 189 -54.20 -8.10 -12.13
CA GLU A 189 -53.46 -7.40 -13.18
C GLU A 189 -54.01 -5.99 -13.40
N GLU A 190 -55.32 -5.83 -13.31
CA GLU A 190 -55.95 -4.53 -13.53
C GLU A 190 -55.91 -3.60 -12.33
N GLY A 191 -55.50 -4.08 -11.17
CA GLY A 191 -55.49 -3.24 -9.98
C GLY A 191 -56.78 -3.25 -9.19
N LYS A 192 -57.77 -4.04 -9.60
CA LYS A 192 -59.02 -4.12 -8.85
C LYS A 192 -58.86 -4.95 -7.56
N ILE A 193 -57.89 -5.87 -7.54
CA ILE A 193 -57.44 -6.54 -6.32
C ILE A 193 -56.01 -6.09 -6.09
N ASP A 194 -55.75 -5.37 -4.96
CA ASP A 194 -54.44 -4.77 -4.76
C ASP A 194 -54.04 -4.67 -3.30
N ASN A 195 -54.46 -5.61 -2.48
CA ASN A 195 -53.96 -5.75 -1.13
C ASN A 195 -52.96 -6.90 -1.13
N ALA A 196 -51.91 -6.75 -0.33
CA ALA A 196 -50.76 -7.65 -0.43
C ALA A 196 -51.18 -9.11 -0.34
N ALA A 197 -52.00 -9.46 0.66
CA ALA A 197 -52.33 -10.87 0.86
C ALA A 197 -53.00 -11.47 -0.36
N SER A 198 -53.92 -10.74 -0.99
CA SER A 198 -54.63 -11.30 -2.13
C SER A 198 -53.75 -11.35 -3.37
N VAL A 199 -52.92 -10.32 -3.58
CA VAL A 199 -52.00 -10.32 -4.72
C VAL A 199 -51.05 -11.49 -4.60
N ILE A 200 -50.44 -11.65 -3.41
CA ILE A 200 -49.48 -12.74 -3.22
C ILE A 200 -50.16 -14.09 -3.43
N ALA A 201 -51.34 -14.29 -2.83
CA ALA A 201 -52.03 -15.58 -2.96
C ALA A 201 -52.43 -15.85 -4.39
N LEU A 202 -52.98 -14.86 -5.07
CA LEU A 202 -53.48 -15.13 -6.42
C LEU A 202 -52.34 -15.22 -7.42
N GLN A 203 -51.24 -14.49 -7.22
CA GLN A 203 -50.07 -14.73 -8.06
C GLN A 203 -49.53 -16.13 -7.85
N TRP A 204 -49.49 -16.60 -6.60
CA TRP A 204 -49.05 -17.97 -6.32
C TRP A 204 -49.96 -18.97 -7.02
N LEU A 205 -51.26 -18.77 -6.92
CA LEU A 205 -52.21 -19.67 -7.58
C LEU A 205 -52.00 -19.69 -9.09
N GLN A 206 -51.79 -18.51 -9.68
CA GLN A 206 -51.55 -18.47 -11.11
C GLN A 206 -50.31 -19.28 -11.48
N LEU A 207 -49.33 -19.34 -10.57
CA LEU A 207 -48.14 -20.12 -10.87
C LEU A 207 -48.30 -21.62 -10.59
N HIS A 208 -49.26 -22.01 -9.75
CA HIS A 208 -49.32 -23.39 -9.28
C HIS A 208 -50.65 -24.10 -9.53
N TYR A 209 -51.63 -23.44 -10.15
CA TYR A 209 -52.97 -24.02 -10.18
C TYR A 209 -53.02 -25.33 -10.96
N HIS A 210 -52.23 -25.46 -12.04
CA HIS A 210 -52.29 -26.71 -12.80
C HIS A 210 -51.91 -27.92 -11.94
N ASN A 211 -50.76 -27.83 -11.25
CA ASN A 211 -50.36 -28.95 -10.40
C ASN A 211 -51.32 -29.11 -9.24
N LEU A 212 -51.82 -28.00 -8.68
CA LEU A 212 -52.75 -28.10 -7.55
C LEU A 212 -54.05 -28.79 -7.94
N ARG A 213 -54.60 -28.47 -9.11
CA ARG A 213 -55.84 -29.12 -9.51
C ARG A 213 -55.63 -30.61 -9.74
N ASN A 214 -54.48 -31.00 -10.31
CA ASN A 214 -54.20 -32.42 -10.48
C ASN A 214 -54.11 -33.11 -9.13
N GLU A 215 -53.40 -32.50 -8.19
CA GLU A 215 -53.21 -33.13 -6.89
C GLU A 215 -54.53 -33.30 -6.16
N TRP A 216 -55.43 -32.32 -6.26
CA TRP A 216 -56.66 -32.35 -5.50
C TRP A 216 -57.84 -32.93 -6.27
N THR A 217 -57.61 -33.39 -7.50
CA THR A 217 -58.61 -34.14 -8.24
C THR A 217 -58.03 -35.54 -8.44
N GLN B 14 -68.27 -12.05 -12.33
CA GLN B 14 -69.11 -11.31 -11.39
C GLN B 14 -68.95 -9.80 -11.55
N GLN B 15 -69.66 -9.04 -10.71
CA GLN B 15 -69.63 -7.59 -10.83
C GLN B 15 -68.40 -6.99 -10.17
N GLY B 16 -67.95 -7.55 -9.05
CA GLY B 16 -66.88 -6.92 -8.28
C GLY B 16 -67.40 -6.13 -7.10
N ILE B 17 -66.69 -5.09 -6.68
CA ILE B 17 -67.08 -4.39 -5.46
C ILE B 17 -68.38 -3.62 -5.69
N THR B 18 -69.03 -3.27 -4.58
CA THR B 18 -70.36 -2.67 -4.59
C THR B 18 -70.33 -1.16 -4.36
N PHE B 19 -69.58 -0.70 -3.37
CA PHE B 19 -69.67 0.66 -2.88
C PHE B 19 -68.42 1.45 -3.23
N SER B 20 -68.58 2.76 -3.26
CA SER B 20 -67.50 3.69 -3.59
C SER B 20 -67.33 4.68 -2.44
N LYS B 21 -66.41 5.64 -2.65
CA LYS B 21 -66.15 6.62 -1.61
C LYS B 21 -67.38 7.43 -1.26
N ASN B 22 -68.30 7.62 -2.22
CA ASN B 22 -69.53 8.34 -1.92
C ASN B 22 -70.36 7.60 -0.87
N ASP B 23 -70.09 6.31 -0.66
CA ASP B 23 -70.86 5.49 0.27
C ASP B 23 -70.27 5.45 1.67
N VAL B 24 -69.22 6.22 1.93
CA VAL B 24 -68.60 6.28 3.25
C VAL B 24 -68.47 7.74 3.66
N GLU B 25 -68.70 8.01 4.94
CA GLU B 25 -68.60 9.35 5.51
C GLU B 25 -67.51 9.32 6.59
N ILE B 26 -66.37 9.93 6.30
CA ILE B 26 -65.31 10.06 7.30
C ILE B 26 -65.65 11.27 8.15
N ILE B 27 -66.11 11.04 9.37
CA ILE B 27 -66.58 12.13 10.21
C ILE B 27 -65.40 12.95 10.71
N ALA B 28 -64.35 12.28 11.16
CA ALA B 28 -63.20 13.00 11.71
C ALA B 28 -61.99 12.08 11.75
N ARG B 29 -60.83 12.72 11.77
CA ARG B 29 -59.56 12.06 12.01
C ARG B 29 -58.87 12.72 13.20
N GLU B 30 -58.11 11.93 13.94
CA GLU B 30 -57.46 12.40 15.16
CA GLU B 30 -57.46 12.39 15.16
C GLU B 30 -56.08 11.76 15.26
N THR B 31 -55.05 12.59 15.40
CA THR B 31 -53.69 12.08 15.53
C THR B 31 -53.49 11.72 17.00
N LEU B 32 -53.32 10.43 17.28
CA LEU B 32 -53.11 9.92 18.63
C LEU B 32 -51.65 9.94 19.02
N TYR B 33 -50.76 9.75 18.05
CA TYR B 33 -49.32 9.81 18.28
C TYR B 33 -48.66 10.40 17.03
N ARG B 34 -47.71 11.30 17.23
CA ARG B 34 -46.95 11.90 16.14
CA ARG B 34 -46.95 11.90 16.14
C ARG B 34 -45.48 11.86 16.50
N GLY B 35 -44.68 11.19 15.68
CA GLY B 35 -43.25 11.11 15.82
C GLY B 35 -42.65 11.12 14.43
N PHE B 36 -41.77 10.17 14.13
CA PHE B 36 -41.36 10.01 12.73
C PHE B 36 -42.54 9.54 11.90
N PHE B 37 -43.32 8.62 12.43
CA PHE B 37 -44.59 8.19 11.87
C PHE B 37 -45.72 8.69 12.75
N SER B 38 -46.95 8.38 12.36
CA SER B 38 -48.13 8.78 13.09
C SER B 38 -49.07 7.60 13.30
N LEU B 39 -49.88 7.68 14.36
CA LEU B 39 -51.02 6.80 14.53
C LEU B 39 -52.25 7.68 14.60
N ASP B 40 -53.17 7.48 13.67
CA ASP B 40 -54.36 8.31 13.54
C ASP B 40 -55.59 7.46 13.87
N LEU B 41 -56.60 8.08 14.45
CA LEU B 41 -57.88 7.43 14.68
C LEU B 41 -58.86 7.93 13.63
N TYR B 42 -59.28 7.04 12.74
CA TYR B 42 -60.34 7.36 11.78
C TYR B 42 -61.71 7.17 12.43
N ARG B 43 -62.58 8.18 12.31
CA ARG B 43 -63.97 8.10 12.74
C ARG B 43 -64.87 8.26 11.52
N PHE B 44 -65.71 7.26 11.25
CA PHE B 44 -66.45 7.25 9.99
C PHE B 44 -67.74 6.44 10.08
N ARG B 45 -68.62 6.67 9.09
CA ARG B 45 -69.82 5.88 8.88
C ARG B 45 -69.87 5.41 7.44
N HIS B 46 -70.43 4.22 7.20
CA HIS B 46 -70.47 3.68 5.85
C HIS B 46 -71.75 2.88 5.63
N ARG B 47 -72.20 2.86 4.38
CA ARG B 47 -73.41 2.12 4.06
C ARG B 47 -73.15 0.62 4.14
N LEU B 48 -74.18 -0.13 4.49
CA LEU B 48 -74.12 -1.57 4.66
C LEU B 48 -74.65 -2.30 3.43
N PHE B 49 -74.21 -3.55 3.28
CA PHE B 49 -74.55 -4.33 2.09
C PHE B 49 -76.06 -4.55 1.98
N ASN B 50 -76.78 -4.56 3.09
CA ASN B 50 -78.23 -4.76 3.06
C ASN B 50 -79.00 -3.46 2.84
N GLY B 51 -78.32 -2.32 2.71
CA GLY B 51 -78.93 -1.05 2.36
C GLY B 51 -78.84 0.00 3.45
N GLY B 52 -78.86 -0.41 4.73
CA GLY B 52 -78.83 0.53 5.83
C GLY B 52 -77.48 1.20 6.03
N MET B 53 -77.40 1.99 7.11
CA MET B 53 -76.18 2.70 7.47
C MET B 53 -75.55 2.08 8.71
N SER B 54 -74.22 2.00 8.69
CA SER B 54 -73.49 1.52 9.84
C SER B 54 -73.58 2.52 10.99
N GLY B 55 -73.23 2.04 12.18
CA GLY B 55 -72.98 2.93 13.28
C GLY B 55 -71.68 3.69 13.08
N GLU B 56 -71.40 4.58 14.01
CA GLU B 56 -70.14 5.31 13.99
C GLU B 56 -69.00 4.35 14.34
N ILE B 57 -67.97 4.30 13.50
CA ILE B 57 -66.89 3.34 13.60
C ILE B 57 -65.58 4.09 13.84
N THR B 58 -64.70 3.50 14.64
CA THR B 58 -63.37 4.06 14.88
C THR B 58 -62.31 3.01 14.60
N ARG B 59 -61.23 3.43 13.96
CA ARG B 59 -60.13 2.54 13.60
C ARG B 59 -58.81 3.24 13.84
N GLU B 60 -57.87 2.53 14.48
CA GLU B 60 -56.50 3.00 14.59
C GLU B 60 -55.77 2.66 13.30
N ILE B 61 -55.13 3.64 12.68
CA ILE B 61 -54.48 3.48 11.39
C ILE B 61 -53.05 4.01 11.51
N PHE B 62 -52.08 3.14 11.20
CA PHE B 62 -50.67 3.49 11.18
C PHE B 62 -50.36 4.23 9.89
N GLU B 63 -49.86 5.46 10.01
CA GLU B 63 -49.66 6.36 8.89
C GLU B 63 -48.17 6.67 8.75
N ARG B 64 -47.59 6.25 7.63
CA ARG B 64 -46.16 6.37 7.41
C ARG B 64 -45.83 6.77 5.98
N GLY B 65 -46.78 7.36 5.27
CA GLY B 65 -46.54 7.74 3.90
C GLY B 65 -46.56 6.52 2.99
N HIS B 66 -46.03 6.71 1.80
CA HIS B 66 -46.08 5.71 0.74
C HIS B 66 -44.72 5.60 0.07
N ALA B 67 -44.54 4.49 -0.65
CA ALA B 67 -43.22 4.08 -1.10
C ALA B 67 -43.21 3.73 -2.59
N ALA B 68 -42.01 3.86 -3.15
CA ALA B 68 -41.67 3.37 -4.47
C ALA B 68 -40.71 2.19 -4.32
N VAL B 69 -40.93 1.16 -5.13
CA VAL B 69 -40.17 -0.08 -5.10
C VAL B 69 -39.67 -0.36 -6.52
N LEU B 70 -38.41 -0.79 -6.62
CA LEU B 70 -37.82 -1.11 -7.91
C LEU B 70 -37.28 -2.53 -7.88
N LEU B 71 -37.74 -3.36 -8.80
CA LEU B 71 -37.15 -4.67 -9.04
C LEU B 71 -36.08 -4.52 -10.10
N PRO B 72 -34.78 -4.58 -9.76
CA PRO B 72 -33.75 -4.43 -10.80
C PRO B 72 -33.55 -5.75 -11.52
N PHE B 73 -33.89 -5.77 -12.81
CA PHE B 73 -33.85 -7.00 -13.61
C PHE B 73 -32.92 -6.80 -14.81
N ASP B 74 -31.98 -7.73 -14.98
CA ASP B 74 -31.09 -7.76 -16.12
C ASP B 74 -31.61 -8.78 -17.12
N PRO B 75 -32.23 -8.37 -18.23
CA PRO B 75 -32.81 -9.36 -19.16
C PRO B 75 -31.77 -10.14 -19.93
N VAL B 76 -30.56 -9.61 -20.11
CA VAL B 76 -29.53 -10.36 -20.81
C VAL B 76 -29.08 -11.56 -19.97
N ARG B 77 -28.83 -11.33 -18.68
CA ARG B 77 -28.29 -12.35 -17.80
C ARG B 77 -29.38 -13.10 -17.04
N ASP B 78 -30.62 -12.64 -17.10
CA ASP B 78 -31.72 -13.26 -16.36
C ASP B 78 -31.36 -13.30 -14.87
N GLU B 79 -30.89 -12.15 -14.36
CA GLU B 79 -30.50 -11.96 -12.98
C GLU B 79 -31.26 -10.80 -12.36
N VAL B 80 -31.40 -10.84 -11.03
CA VAL B 80 -31.97 -9.72 -10.29
C VAL B 80 -30.92 -9.23 -9.30
N VAL B 81 -31.05 -7.98 -8.88
CA VAL B 81 -30.18 -7.40 -7.87
C VAL B 81 -31.02 -7.18 -6.63
N LEU B 82 -30.58 -7.76 -5.52
CA LEU B 82 -31.23 -7.64 -4.22
C LEU B 82 -30.36 -6.81 -3.28
N VAL B 83 -31.01 -6.17 -2.32
CA VAL B 83 -30.33 -5.38 -1.31
C VAL B 83 -30.59 -6.01 0.05
N GLU B 84 -29.54 -6.19 0.85
CA GLU B 84 -29.66 -6.80 2.17
C GLU B 84 -29.45 -5.74 3.24
N GLN B 85 -30.39 -5.65 4.19
CA GLN B 85 -30.19 -4.76 5.32
C GLN B 85 -31.08 -5.18 6.47
N ILE B 86 -30.74 -4.70 7.66
CA ILE B 86 -31.48 -5.09 8.85
C ILE B 86 -32.82 -4.37 8.88
N ARG B 87 -33.87 -5.11 9.24
CA ARG B 87 -35.19 -4.55 9.51
C ARG B 87 -35.56 -5.05 10.90
N ILE B 88 -35.42 -4.18 11.91
CA ILE B 88 -35.51 -4.70 13.28
C ILE B 88 -36.87 -5.31 13.55
N ALA B 89 -37.92 -4.81 12.88
CA ALA B 89 -39.28 -5.31 13.12
C ALA B 89 -39.44 -6.78 12.74
N ALA B 90 -38.58 -7.31 11.89
CA ALA B 90 -38.62 -8.73 11.54
C ALA B 90 -38.09 -9.60 12.68
N TYR B 91 -37.48 -8.99 13.70
CA TYR B 91 -36.74 -9.75 14.69
C TYR B 91 -37.61 -10.84 15.31
N ASP B 92 -38.83 -10.48 15.75
CA ASP B 92 -39.59 -11.39 16.60
C ASP B 92 -40.12 -12.62 15.87
N THR B 93 -40.27 -12.57 14.56
CA THR B 93 -40.86 -13.68 13.82
C THR B 93 -39.93 -14.27 12.77
N SER B 94 -38.67 -13.87 12.76
CA SER B 94 -37.72 -14.30 11.73
C SER B 94 -36.49 -14.88 12.42
N GLU B 95 -35.78 -15.78 11.74
CA GLU B 95 -34.53 -16.31 12.28
C GLU B 95 -33.47 -15.22 12.33
N SER B 96 -33.50 -14.28 11.38
CA SER B 96 -32.59 -13.16 11.34
C SER B 96 -33.37 -11.93 10.91
N PRO B 97 -33.06 -10.76 11.49
CA PRO B 97 -33.68 -9.51 11.01
C PRO B 97 -33.04 -8.94 9.74
N TRP B 98 -31.94 -9.50 9.25
CA TRP B 98 -31.40 -9.04 7.99
C TRP B 98 -32.21 -9.64 6.84
N LEU B 99 -32.78 -8.78 6.00
CA LEU B 99 -33.67 -9.23 4.93
C LEU B 99 -33.06 -8.96 3.56
N LEU B 100 -33.40 -9.82 2.60
CA LEU B 100 -33.11 -9.58 1.18
C LEU B 100 -34.31 -8.89 0.55
N GLU B 101 -34.08 -7.71 -0.02
CA GLU B 101 -35.19 -6.85 -0.38
C GLU B 101 -34.98 -6.22 -1.74
N MET B 102 -36.07 -5.58 -2.22
CA MET B 102 -36.02 -4.69 -3.35
C MET B 102 -35.50 -3.31 -2.94
N VAL B 103 -34.91 -2.61 -3.92
CA VAL B 103 -34.64 -1.20 -3.78
C VAL B 103 -35.96 -0.49 -3.52
N ALA B 104 -35.96 0.43 -2.55
CA ALA B 104 -37.22 1.08 -2.20
C ALA B 104 -36.94 2.37 -1.44
N GLY B 105 -37.87 3.31 -1.54
CA GLY B 105 -37.75 4.56 -0.81
C GLY B 105 -39.08 5.24 -0.66
N MET B 106 -39.18 6.11 0.33
CA MET B 106 -40.40 6.85 0.55
C MET B 106 -40.61 7.86 -0.57
N ILE B 107 -41.88 8.14 -0.88
CA ILE B 107 -42.26 9.14 -1.87
C ILE B 107 -42.67 10.40 -1.12
N GLU B 108 -41.97 11.50 -1.36
CA GLU B 108 -42.35 12.78 -0.79
C GLU B 108 -43.27 13.54 -1.76
N ALA B 109 -43.91 14.58 -1.23
CA ALA B 109 -44.88 15.34 -2.01
C ALA B 109 -44.27 15.85 -3.31
N GLY B 110 -45.00 15.67 -4.40
CA GLY B 110 -44.56 16.14 -5.69
C GLY B 110 -43.59 15.24 -6.43
N GLU B 111 -43.13 14.16 -5.80
CA GLU B 111 -42.24 13.21 -6.46
C GLU B 111 -43.04 12.11 -7.14
N THR B 112 -42.49 11.59 -8.21
CA THR B 112 -43.08 10.46 -8.93
C THR B 112 -42.44 9.17 -8.46
N VAL B 113 -43.19 8.08 -8.64
CA VAL B 113 -42.68 6.76 -8.32
C VAL B 113 -41.37 6.51 -9.07
N GLU B 114 -41.36 6.82 -10.36
CA GLU B 114 -40.17 6.50 -11.14
C GLU B 114 -38.97 7.31 -10.68
N ASP B 115 -39.18 8.57 -10.32
CA ASP B 115 -38.08 9.41 -9.84
C ASP B 115 -37.45 8.83 -8.59
N VAL B 116 -38.28 8.43 -7.62
CA VAL B 116 -37.75 7.83 -6.40
C VAL B 116 -37.06 6.52 -6.71
N ALA B 117 -37.69 5.71 -7.56
CA ALA B 117 -37.15 4.39 -7.87
C ALA B 117 -35.75 4.48 -8.48
N ARG B 118 -35.58 5.39 -9.45
CA ARG B 118 -34.28 5.56 -10.09
C ARG B 118 -33.26 6.14 -9.11
N ARG B 119 -33.68 7.10 -8.28
CA ARG B 119 -32.76 7.67 -7.31
C ARG B 119 -32.31 6.61 -6.33
N GLU B 120 -33.26 5.87 -5.77
CA GLU B 120 -32.91 4.85 -4.78
C GLU B 120 -32.04 3.76 -5.40
N ALA B 121 -32.31 3.41 -6.65
CA ALA B 121 -31.48 2.43 -7.34
C ALA B 121 -30.02 2.90 -7.41
N LEU B 122 -29.81 4.20 -7.66
CA LEU B 122 -28.46 4.70 -7.78
C LEU B 122 -27.75 4.74 -6.42
N GLU B 123 -28.47 5.12 -5.36
CA GLU B 123 -27.83 5.31 -4.06
C GLU B 123 -27.87 4.09 -3.14
N GLU B 124 -28.82 3.17 -3.34
CA GLU B 124 -28.82 1.94 -2.55
C GLU B 124 -28.04 0.81 -3.20
N ALA B 125 -27.81 0.86 -4.52
CA ALA B 125 -27.13 -0.23 -5.21
C ALA B 125 -26.18 0.26 -6.31
N GLY B 126 -25.96 1.56 -6.44
CA GLY B 126 -25.07 2.05 -7.47
C GLY B 126 -25.51 1.70 -8.87
N LEU B 127 -26.81 1.55 -9.09
CA LEU B 127 -27.33 1.05 -10.36
C LEU B 127 -27.89 2.20 -11.18
N GLU B 128 -27.39 2.35 -12.41
CA GLU B 128 -28.09 3.14 -13.42
C GLU B 128 -29.20 2.27 -14.00
N VAL B 129 -30.40 2.83 -14.11
CA VAL B 129 -31.57 2.11 -14.59
C VAL B 129 -31.86 2.60 -16.01
N GLY B 130 -32.14 1.66 -16.91
CA GLY B 130 -32.56 2.01 -18.25
C GLY B 130 -34.07 2.13 -18.33
N ARG B 131 -34.72 1.23 -19.07
CA ARG B 131 -36.17 1.23 -19.15
C ARG B 131 -36.81 0.76 -17.83
N THR B 132 -38.04 1.20 -17.61
CA THR B 132 -38.84 0.76 -16.48
C THR B 132 -40.24 0.42 -16.97
N LYS B 133 -40.92 -0.47 -16.24
CA LYS B 133 -42.31 -0.80 -16.48
C LYS B 133 -43.02 -0.94 -15.14
N PRO B 134 -44.27 -0.50 -15.03
CA PRO B 134 -45.02 -0.79 -13.80
C PRO B 134 -45.30 -2.27 -13.64
N ILE B 135 -45.13 -2.75 -12.41
CA ILE B 135 -45.55 -4.10 -12.02
C ILE B 135 -46.95 -3.97 -11.42
N LEU B 136 -47.04 -3.41 -10.22
CA LEU B 136 -48.29 -3.39 -9.47
C LEU B 136 -48.13 -2.35 -8.37
N SER B 137 -49.26 -1.92 -7.82
CA SER B 137 -49.29 -1.04 -6.65
C SER B 137 -50.22 -1.71 -5.66
N TYR B 138 -49.74 -1.94 -4.43
CA TYR B 138 -50.50 -2.73 -3.45
C TYR B 138 -50.51 -2.03 -2.09
N LEU B 139 -51.56 -2.33 -1.34
CA LEU B 139 -51.69 -1.91 0.05
C LEU B 139 -51.04 -2.97 0.94
N ALA B 140 -50.07 -2.56 1.74
CA ALA B 140 -49.27 -3.51 2.50
C ALA B 140 -50.12 -4.31 3.49
N SER B 141 -51.04 -3.65 4.19
CA SER B 141 -51.88 -4.31 5.20
C SER B 141 -53.03 -3.39 5.56
N PRO B 142 -54.05 -3.28 4.71
CA PRO B 142 -55.02 -2.19 4.82
C PRO B 142 -55.96 -2.30 6.02
N GLY B 143 -55.92 -3.38 6.81
CA GLY B 143 -56.69 -3.37 8.04
C GLY B 143 -56.16 -2.41 9.09
N GLY B 144 -54.88 -2.07 9.03
CA GLY B 144 -54.30 -1.26 10.07
C GLY B 144 -53.31 -0.19 9.66
N THR B 145 -52.93 -0.13 8.38
CA THR B 145 -52.00 0.89 7.90
C THR B 145 -52.46 1.32 6.52
N SER B 146 -52.29 2.61 6.23
CA SER B 146 -52.66 3.16 4.93
C SER B 146 -51.59 2.93 3.87
N GLU B 147 -50.44 2.39 4.24
CA GLU B 147 -49.29 2.44 3.36
C GLU B 147 -49.56 1.74 2.02
N ARG B 148 -49.24 2.44 0.94
CA ARG B 148 -49.24 1.89 -0.42
C ARG B 148 -47.81 1.88 -0.95
N LEU B 149 -47.45 0.80 -1.64
CA LEU B 149 -46.14 0.64 -2.27
C LEU B 149 -46.36 0.36 -3.75
N SER B 150 -45.70 1.12 -4.60
CA SER B 150 -45.86 1.02 -6.07
C SER B 150 -44.57 0.46 -6.62
N ILE B 151 -44.66 -0.67 -7.31
CA ILE B 151 -43.50 -1.43 -7.75
C ILE B 151 -43.28 -1.21 -9.23
N LEU B 152 -42.04 -0.97 -9.61
CA LEU B 152 -41.60 -0.95 -11.00
C LEU B 152 -40.52 -2.00 -11.19
N VAL B 153 -40.44 -2.55 -12.42
CA VAL B 153 -39.29 -3.35 -12.83
C VAL B 153 -38.38 -2.44 -13.65
N GLY B 154 -37.08 -2.53 -13.39
CA GLY B 154 -36.12 -1.65 -14.03
C GLY B 154 -35.01 -2.40 -14.72
N GLU B 155 -34.69 -2.00 -15.94
CA GLU B 155 -33.63 -2.65 -16.71
C GLU B 155 -32.26 -2.22 -16.20
N VAL B 156 -31.47 -3.19 -15.73
CA VAL B 156 -30.14 -2.90 -15.22
C VAL B 156 -29.13 -3.89 -15.79
N ASP B 157 -27.86 -3.50 -15.72
CA ASP B 157 -26.74 -4.39 -16.03
C ASP B 157 -26.25 -4.95 -14.71
N ALA B 158 -26.59 -6.21 -14.43
CA ALA B 158 -26.28 -6.77 -13.12
C ALA B 158 -24.78 -6.86 -12.86
N SER B 159 -23.94 -6.89 -13.90
CA SER B 159 -22.51 -6.95 -13.65
C SER B 159 -21.95 -5.65 -13.11
N THR B 160 -22.72 -4.56 -13.16
CA THR B 160 -22.26 -3.25 -12.67
C THR B 160 -22.70 -2.98 -11.24
N ALA B 161 -23.37 -3.92 -10.58
CA ALA B 161 -23.94 -3.68 -9.27
C ALA B 161 -22.88 -3.63 -8.19
N LYS B 162 -22.88 -2.54 -7.42
CA LYS B 162 -21.85 -2.28 -6.41
C LYS B 162 -22.43 -1.66 -5.14
N GLU B 172 -28.16 3.91 6.54
CA GLU B 172 -28.44 2.58 6.03
C GLU B 172 -27.17 1.84 5.62
N ASP B 173 -26.95 0.68 6.22
CA ASP B 173 -25.84 -0.21 5.91
C ASP B 173 -26.38 -1.33 5.01
N ILE B 174 -25.95 -1.33 3.76
CA ILE B 174 -26.59 -2.11 2.71
C ILE B 174 -25.55 -2.94 1.97
N ARG B 175 -25.89 -4.20 1.71
CA ARG B 175 -25.08 -5.11 0.91
C ARG B 175 -25.88 -5.48 -0.33
N VAL B 176 -25.21 -5.44 -1.48
CA VAL B 176 -25.82 -5.73 -2.77
C VAL B 176 -25.54 -7.18 -3.13
N HIS B 177 -26.57 -7.89 -3.57
CA HIS B 177 -26.48 -9.27 -4.02
C HIS B 177 -26.98 -9.39 -5.45
N VAL B 178 -26.28 -10.17 -6.26
CA VAL B 178 -26.72 -10.48 -7.62
C VAL B 178 -27.00 -11.97 -7.68
N VAL B 179 -28.23 -12.35 -8.07
CA VAL B 179 -28.59 -13.76 -8.18
C VAL B 179 -29.45 -13.96 -9.44
N SER B 180 -29.46 -15.20 -9.93
CA SER B 180 -30.34 -15.53 -11.04
C SER B 180 -31.79 -15.43 -10.61
N ARG B 181 -32.66 -15.16 -11.58
CA ARG B 181 -34.10 -15.13 -11.32
C ARG B 181 -34.56 -16.44 -10.69
N GLU B 182 -34.12 -17.58 -11.23
CA GLU B 182 -34.60 -18.86 -10.70
C GLU B 182 -34.19 -19.03 -9.25
N GLN B 183 -32.98 -18.63 -8.89
CA GLN B 183 -32.55 -18.73 -7.50
C GLN B 183 -33.38 -17.82 -6.61
N ALA B 184 -33.58 -16.57 -7.04
CA ALA B 184 -34.37 -15.63 -6.25
C ALA B 184 -35.80 -16.15 -6.06
N TYR B 185 -36.38 -16.72 -7.11
CA TYR B 185 -37.74 -17.24 -6.96
C TYR B 185 -37.76 -18.48 -6.09
N GLN B 186 -36.73 -19.32 -6.20
CA GLN B 186 -36.57 -20.45 -5.28
C GLN B 186 -36.55 -19.97 -3.84
N TRP B 187 -35.89 -18.85 -3.58
CA TRP B 187 -35.80 -18.32 -2.22
C TRP B 187 -37.15 -17.80 -1.72
N VAL B 188 -37.98 -17.27 -2.62
CA VAL B 188 -39.36 -16.97 -2.25
C VAL B 188 -40.08 -18.24 -1.81
N GLU B 189 -39.99 -19.30 -2.62
CA GLU B 189 -40.64 -20.56 -2.31
C GLU B 189 -40.10 -21.16 -1.01
N GLU B 190 -38.79 -21.01 -0.77
CA GLU B 190 -38.21 -21.55 0.44
C GLU B 190 -38.43 -20.65 1.65
N GLY B 191 -38.92 -19.42 1.46
CA GLY B 191 -39.14 -18.48 2.54
C GLY B 191 -37.95 -17.62 2.93
N LYS B 192 -36.84 -17.73 2.21
CA LYS B 192 -35.67 -16.91 2.48
C LYS B 192 -35.88 -15.48 2.04
N ILE B 193 -36.78 -15.26 1.09
CA ILE B 193 -37.26 -13.94 0.74
C ILE B 193 -38.72 -13.94 1.13
N ASP B 194 -39.09 -13.13 2.13
CA ASP B 194 -40.45 -13.22 2.68
C ASP B 194 -40.96 -11.87 3.16
N ASN B 195 -40.56 -10.81 2.47
CA ASN B 195 -41.19 -9.51 2.63
C ASN B 195 -42.08 -9.24 1.42
N ALA B 196 -43.21 -8.60 1.66
CA ALA B 196 -44.26 -8.52 0.64
C ALA B 196 -43.74 -7.93 -0.67
N ALA B 197 -43.03 -6.81 -0.59
CA ALA B 197 -42.58 -6.11 -1.80
C ALA B 197 -41.77 -7.05 -2.69
N SER B 198 -40.86 -7.82 -2.10
CA SER B 198 -40.02 -8.72 -2.88
C SER B 198 -40.78 -9.95 -3.36
N VAL B 199 -41.67 -10.48 -2.51
CA VAL B 199 -42.50 -11.60 -2.95
C VAL B 199 -43.35 -11.22 -4.14
N ILE B 200 -44.06 -10.08 -4.05
CA ILE B 200 -44.96 -9.65 -5.12
C ILE B 200 -44.16 -9.42 -6.40
N ALA B 201 -43.03 -8.73 -6.30
CA ALA B 201 -42.24 -8.42 -7.49
C ALA B 201 -41.69 -9.68 -8.16
N LEU B 202 -41.17 -10.63 -7.37
CA LEU B 202 -40.53 -11.81 -7.93
C LEU B 202 -41.55 -12.84 -8.42
N GLN B 203 -42.71 -12.94 -7.76
CA GLN B 203 -43.79 -13.75 -8.34
C GLN B 203 -44.22 -13.17 -9.68
N TRP B 204 -44.36 -11.84 -9.76
CA TRP B 204 -44.71 -11.19 -11.02
C TRP B 204 -43.65 -11.48 -12.06
N LEU B 205 -42.37 -11.40 -11.67
CA LEU B 205 -41.30 -11.69 -12.61
C LEU B 205 -41.39 -13.11 -13.13
N GLN B 206 -41.67 -14.06 -12.23
CA GLN B 206 -41.80 -15.46 -12.64
C GLN B 206 -42.92 -15.64 -13.64
N LEU B 207 -43.95 -14.81 -13.56
CA LEU B 207 -45.06 -14.88 -14.51
C LEU B 207 -44.79 -14.11 -15.79
N HIS B 208 -43.86 -13.16 -15.80
CA HIS B 208 -43.73 -12.27 -16.92
C HIS B 208 -42.35 -12.20 -17.54
N TYR B 209 -41.38 -12.97 -17.04
CA TYR B 209 -40.00 -12.77 -17.47
C TYR B 209 -39.82 -13.09 -18.95
N HIS B 210 -40.55 -14.08 -19.47
CA HIS B 210 -40.37 -14.43 -20.88
C HIS B 210 -40.69 -13.23 -21.77
N ASN B 211 -41.85 -12.62 -21.58
CA ASN B 211 -42.20 -11.47 -22.38
C ASN B 211 -41.27 -10.29 -22.09
N LEU B 212 -40.91 -10.11 -20.83
CA LEU B 212 -40.04 -8.97 -20.50
C LEU B 212 -38.68 -9.10 -21.18
N ARG B 213 -38.11 -10.31 -21.19
CA ARG B 213 -36.83 -10.49 -21.87
C ARG B 213 -36.97 -10.26 -23.38
N ASN B 214 -38.08 -10.71 -23.97
CA ASN B 214 -38.29 -10.44 -25.39
C ASN B 214 -38.42 -8.95 -25.65
N GLU B 215 -39.17 -8.24 -24.80
CA GLU B 215 -39.39 -6.82 -25.03
C GLU B 215 -38.09 -6.02 -24.89
N TRP B 216 -37.25 -6.40 -23.92
CA TRP B 216 -36.06 -5.62 -23.62
C TRP B 216 -34.82 -6.13 -24.36
N THR B 217 -34.97 -7.12 -25.22
CA THR B 217 -33.87 -7.58 -26.07
C THR B 217 -34.18 -7.29 -27.54
N GLN C 15 24.37 1.99 23.68
CA GLN C 15 24.90 1.97 25.05
C GLN C 15 23.80 2.31 26.06
N GLY C 16 22.98 3.31 25.75
CA GLY C 16 21.90 3.70 26.63
C GLY C 16 22.28 4.81 27.59
N ILE C 17 21.40 5.04 28.57
CA ILE C 17 21.57 6.11 29.54
C ILE C 17 22.80 5.87 30.41
N THR C 18 23.22 6.90 31.14
CA THR C 18 24.49 6.90 31.86
C THR C 18 24.35 6.83 33.36
N PHE C 19 23.37 7.53 33.91
CA PHE C 19 23.21 7.77 35.33
C PHE C 19 21.99 7.03 35.88
N SER C 20 22.00 6.85 37.20
CA SER C 20 20.97 6.14 37.94
C SER C 20 20.39 7.04 39.03
N LYS C 21 19.53 6.46 39.87
CA LYS C 21 18.90 7.21 40.94
C LYS C 21 19.93 7.75 41.95
N ASN C 22 21.04 7.02 42.14
CA ASN C 22 22.07 7.50 43.06
C ASN C 22 22.70 8.80 42.59
N ASP C 23 22.57 9.16 41.32
CA ASP C 23 23.21 10.35 40.77
C ASP C 23 22.34 11.59 40.90
N VAL C 24 21.24 11.50 41.65
CA VAL C 24 20.37 12.65 41.88
C VAL C 24 20.12 12.78 43.38
N GLU C 25 20.08 14.02 43.85
CA GLU C 25 19.79 14.36 45.24
C GLU C 25 18.50 15.16 45.24
N ILE C 26 17.41 14.54 45.68
CA ILE C 26 16.16 15.26 45.85
C ILE C 26 16.21 15.92 47.22
N ILE C 27 16.34 17.25 47.22
CA ILE C 27 16.50 17.98 48.46
C ILE C 27 15.17 18.10 49.19
N ALA C 28 14.10 18.41 48.45
CA ALA C 28 12.80 18.63 49.06
C ALA C 28 11.74 18.52 47.97
N ARG C 29 10.51 18.25 48.42
CA ARG C 29 9.31 18.35 47.59
C ARG C 29 8.36 19.28 48.34
N GLU C 30 8.23 20.51 47.88
CA GLU C 30 7.44 21.51 48.57
C GLU C 30 6.02 21.52 48.02
N THR C 31 5.05 21.37 48.91
CA THR C 31 3.66 21.29 48.52
C THR C 31 3.21 22.61 47.92
N LEU C 32 2.81 22.61 46.65
CA LEU C 32 2.29 23.83 46.05
C LEU C 32 0.78 23.91 46.03
N TYR C 33 0.09 22.79 45.79
CA TYR C 33 -1.35 22.77 45.72
C TYR C 33 -1.85 21.38 46.11
N ARG C 34 -2.94 21.34 46.87
CA ARG C 34 -3.55 20.07 47.29
C ARG C 34 -5.05 20.13 47.06
N GLY C 35 -5.50 19.60 45.93
CA GLY C 35 -6.92 19.48 45.67
C GLY C 35 -7.33 18.09 45.23
N PHE C 36 -8.09 17.99 44.14
CA PHE C 36 -8.34 16.68 43.57
C PHE C 36 -7.04 16.07 43.08
N PHE C 37 -6.19 16.88 42.47
CA PHE C 37 -4.82 16.56 42.11
C PHE C 37 -3.88 17.34 43.04
N SER C 38 -2.59 17.17 42.80
CA SER C 38 -1.55 17.84 43.58
C SER C 38 -0.48 18.39 42.66
N LEU C 39 0.21 19.40 43.18
CA LEU C 39 1.33 20.05 42.50
C LEU C 39 2.42 20.24 43.53
N ASP C 40 3.59 19.67 43.27
CA ASP C 40 4.76 19.71 44.14
C ASP C 40 5.90 20.42 43.44
N LEU C 41 6.73 21.10 44.22
CA LEU C 41 7.96 21.70 43.72
C LEU C 41 9.07 20.72 44.10
N TYR C 42 9.63 20.04 43.09
CA TYR C 42 10.80 19.20 43.32
C TYR C 42 12.02 20.10 43.38
N ARG C 43 12.81 19.97 44.45
CA ARG C 43 14.06 20.69 44.61
C ARG C 43 15.16 19.65 44.63
N PHE C 44 16.10 19.73 43.68
CA PHE C 44 17.05 18.65 43.53
C PHE C 44 18.33 19.13 42.87
N ARG C 45 19.38 18.32 43.03
CA ARG C 45 20.63 18.46 42.30
C ARG C 45 20.94 17.12 41.65
N HIS C 46 21.62 17.16 40.52
CA HIS C 46 21.88 15.95 39.75
C HIS C 46 23.26 16.02 39.13
N ARG C 47 23.83 14.85 38.87
CA ARG C 47 25.16 14.78 38.30
C ARG C 47 25.12 15.26 36.86
N LEU C 48 26.23 15.86 36.43
CA LEU C 48 26.37 16.42 35.10
C LEU C 48 27.16 15.46 34.23
N PHE C 49 26.89 15.49 32.91
CA PHE C 49 27.56 14.54 32.03
C PHE C 49 29.08 14.76 32.05
N ASN C 50 29.53 15.99 32.18
CA ASN C 50 30.96 16.28 32.20
C ASN C 50 31.59 16.17 33.60
N GLY C 51 30.82 15.80 34.60
CA GLY C 51 31.34 15.57 35.92
C GLY C 51 30.84 16.61 36.92
N GLY C 52 30.77 16.21 38.16
CA GLY C 52 30.29 17.08 39.21
C GLY C 52 28.78 17.10 39.30
N MET C 53 28.32 17.91 40.25
CA MET C 53 26.90 18.07 40.57
C MET C 53 26.41 19.44 40.13
N SER C 54 25.17 19.48 39.65
CA SER C 54 24.52 20.73 39.29
C SER C 54 24.27 21.58 40.52
N GLY C 55 23.89 22.83 40.27
CA GLY C 55 23.28 23.65 41.29
C GLY C 55 21.87 23.18 41.58
N GLU C 56 21.25 23.83 42.57
CA GLU C 56 19.88 23.49 42.91
C GLU C 56 18.96 23.79 41.73
N ILE C 57 18.15 22.80 41.35
CA ILE C 57 17.13 22.91 40.32
C ILE C 57 15.77 22.74 40.99
N THR C 58 14.79 23.47 40.51
CA THR C 58 13.40 23.33 40.96
C THR C 58 12.49 23.09 39.75
N ARG C 59 11.52 22.20 39.94
CA ARG C 59 10.55 21.87 38.91
C ARG C 59 9.18 21.73 39.55
N GLU C 60 8.18 22.38 38.94
CA GLU C 60 6.79 22.16 39.33
C GLU C 60 6.32 20.87 38.67
N ILE C 61 5.79 19.95 39.48
CA ILE C 61 5.42 18.62 38.98
C ILE C 61 3.97 18.34 39.37
N PHE C 62 3.15 18.03 38.35
CA PHE C 62 1.75 17.67 38.45
C PHE C 62 1.65 16.22 38.90
N GLU C 63 1.05 16.01 40.08
CA GLU C 63 0.94 14.70 40.69
C GLU C 63 -0.53 14.28 40.69
N ARG C 64 -0.85 13.23 39.95
CA ARG C 64 -2.23 12.79 39.84
C ARG C 64 -2.34 11.29 39.91
N GLY C 65 -1.35 10.62 40.47
CA GLY C 65 -1.36 9.18 40.48
C GLY C 65 -1.04 8.62 39.11
N HIS C 66 -1.34 7.34 38.97
CA HIS C 66 -1.01 6.56 37.80
C HIS C 66 -2.21 5.73 37.41
N ALA C 67 -2.18 5.25 36.17
CA ALA C 67 -3.36 4.68 35.57
C ALA C 67 -3.09 3.32 34.94
N ALA C 68 -4.16 2.55 34.83
CA ALA C 68 -4.18 1.32 34.06
C ALA C 68 -5.04 1.57 32.83
N VAL C 69 -4.56 1.08 31.68
CA VAL C 69 -5.23 1.28 30.42
C VAL C 69 -5.44 -0.09 29.79
N LEU C 70 -6.61 -0.30 29.20
CA LEU C 70 -6.94 -1.57 28.57
C LEU C 70 -7.34 -1.36 27.13
N LEU C 71 -6.64 -2.07 26.23
CA LEU C 71 -7.07 -2.18 24.85
C LEU C 71 -7.95 -3.42 24.76
N PRO C 72 -9.25 -3.29 24.62
CA PRO C 72 -10.11 -4.48 24.53
C PRO C 72 -10.12 -4.97 23.09
N PHE C 73 -9.53 -6.15 22.84
CA PHE C 73 -9.36 -6.67 21.49
C PHE C 73 -10.08 -8.00 21.36
N ASP C 74 -10.92 -8.12 20.31
CA ASP C 74 -11.62 -9.34 19.96
C ASP C 74 -10.84 -9.99 18.83
N PRO C 75 -10.04 -11.04 19.09
CA PRO C 75 -9.20 -11.60 18.04
C PRO C 75 -9.98 -12.36 16.99
N VAL C 76 -11.16 -12.89 17.37
CA VAL C 76 -11.99 -13.62 16.42
C VAL C 76 -12.53 -12.67 15.36
N ARG C 77 -13.05 -11.53 15.79
CA ARG C 77 -13.66 -10.57 14.88
C ARG C 77 -12.69 -9.51 14.39
N ASP C 78 -11.51 -9.38 15.00
CA ASP C 78 -10.57 -8.30 14.66
C ASP C 78 -11.21 -6.94 14.94
N GLU C 79 -11.77 -6.80 16.15
CA GLU C 79 -12.45 -5.58 16.54
C GLU C 79 -11.92 -5.06 17.87
N VAL C 80 -12.09 -3.77 18.09
CA VAL C 80 -11.69 -3.14 19.33
C VAL C 80 -12.88 -2.39 19.88
N VAL C 81 -12.91 -2.28 21.21
CA VAL C 81 -13.95 -1.55 21.92
C VAL C 81 -13.36 -0.24 22.41
N LEU C 82 -14.00 0.87 22.02
CA LEU C 82 -13.60 2.20 22.44
C LEU C 82 -14.68 2.83 23.32
N VAL C 83 -14.28 3.83 24.09
CA VAL C 83 -15.18 4.55 24.98
C VAL C 83 -15.08 6.04 24.69
N GLU C 84 -16.23 6.68 24.55
CA GLU C 84 -16.33 8.10 24.26
C GLU C 84 -16.83 8.85 25.49
N GLN C 85 -16.14 9.94 25.85
CA GLN C 85 -16.65 10.84 26.87
C GLN C 85 -15.96 12.18 26.70
N ILE C 86 -16.54 13.20 27.32
CA ILE C 86 -15.99 14.55 27.19
C ILE C 86 -14.74 14.66 28.05
N ARG C 87 -13.69 15.26 27.49
CA ARG C 87 -12.47 15.60 28.22
C ARG C 87 -12.25 17.10 28.01
N ILE C 88 -12.64 17.90 29.01
CA ILE C 88 -12.70 19.34 28.80
C ILE C 88 -11.32 19.92 28.52
N ALA C 89 -10.26 19.29 29.03
CA ALA C 89 -8.92 19.82 28.77
C ALA C 89 -8.57 19.79 27.29
N ALA C 90 -9.23 18.93 26.49
CA ALA C 90 -9.00 18.89 25.05
C ALA C 90 -9.61 20.07 24.32
N TYR C 91 -10.46 20.84 24.98
CA TYR C 91 -11.28 21.85 24.32
C TYR C 91 -10.45 22.82 23.49
N ASP C 92 -9.37 23.35 24.08
CA ASP C 92 -8.68 24.48 23.47
C ASP C 92 -7.92 24.11 22.20
N THR C 93 -7.56 22.84 22.03
CA THR C 93 -6.72 22.42 20.91
C THR C 93 -7.35 21.36 20.03
N SER C 94 -8.62 21.06 20.23
CA SER C 94 -9.26 19.98 19.50
C SER C 94 -10.54 20.48 18.83
N GLU C 95 -10.94 19.80 17.76
CA GLU C 95 -12.20 20.15 17.12
C GLU C 95 -13.38 19.89 18.05
N SER C 96 -13.30 18.85 18.87
CA SER C 96 -14.32 18.54 19.87
C SER C 96 -13.68 18.01 21.14
N PRO C 97 -14.21 18.35 22.32
CA PRO C 97 -13.69 17.77 23.56
C PRO C 97 -14.18 16.36 23.85
N TRP C 98 -15.11 15.82 23.06
CA TRP C 98 -15.47 14.41 23.20
C TRP C 98 -14.41 13.57 22.49
N LEU C 99 -13.76 12.67 23.23
CA LEU C 99 -12.67 11.87 22.69
C LEU C 99 -13.05 10.39 22.64
N LEU C 100 -12.51 9.67 21.67
CA LEU C 100 -12.58 8.22 21.64
C LEU C 100 -11.32 7.68 22.33
N GLU C 101 -11.52 6.86 23.37
CA GLU C 101 -10.40 6.48 24.22
C GLU C 101 -10.44 5.00 24.54
N MET C 102 -9.33 4.53 25.09
CA MET C 102 -9.27 3.22 25.71
C MET C 102 -9.97 3.24 27.07
N VAL C 103 -10.42 2.06 27.50
CA VAL C 103 -10.84 1.86 28.89
C VAL C 103 -9.65 2.16 29.80
N ALA C 104 -9.92 2.87 30.90
CA ALA C 104 -8.81 3.30 31.76
C ALA C 104 -9.34 3.71 33.13
N GLY C 105 -8.47 3.58 34.14
CA GLY C 105 -8.83 4.00 35.48
C GLY C 105 -7.60 4.24 36.33
N MET C 106 -7.79 5.00 37.39
CA MET C 106 -6.71 5.29 38.32
C MET C 106 -6.37 4.05 39.15
N ILE C 107 -5.10 3.91 39.49
CA ILE C 107 -4.64 2.80 40.31
C ILE C 107 -4.49 3.31 41.73
N GLU C 108 -5.24 2.70 42.66
CA GLU C 108 -5.15 3.04 44.07
C GLU C 108 -4.10 2.16 44.76
N ALA C 109 -3.70 2.57 45.96
CA ALA C 109 -2.65 1.86 46.69
C ALA C 109 -3.03 0.39 46.86
N GLY C 110 -2.06 -0.49 46.59
CA GLY C 110 -2.27 -1.91 46.74
C GLY C 110 -2.97 -2.60 45.59
N GLU C 111 -3.46 -1.85 44.60
CA GLU C 111 -4.16 -2.44 43.46
C GLU C 111 -3.17 -2.79 42.36
N THR C 112 -3.53 -3.80 41.57
CA THR C 112 -2.74 -4.17 40.40
C THR C 112 -3.31 -3.52 39.14
N VAL C 113 -2.43 -3.35 38.15
CA VAL C 113 -2.88 -2.83 36.86
C VAL C 113 -4.04 -3.65 36.33
N GLU C 114 -3.90 -4.99 36.39
CA GLU C 114 -4.91 -5.86 35.79
C GLU C 114 -6.25 -5.77 36.51
N ASP C 115 -6.21 -5.68 37.84
CA ASP C 115 -7.46 -5.54 38.59
C ASP C 115 -8.23 -4.31 38.16
N VAL C 116 -7.54 -3.17 38.04
CA VAL C 116 -8.21 -1.94 37.65
C VAL C 116 -8.73 -2.02 36.23
N ALA C 117 -7.91 -2.54 35.30
CA ALA C 117 -8.34 -2.63 33.91
C ALA C 117 -9.58 -3.50 33.81
N ARG C 118 -9.58 -4.63 34.51
CA ARG C 118 -10.74 -5.51 34.44
C ARG C 118 -11.98 -4.85 35.04
N ARG C 119 -11.81 -4.15 36.17
CA ARG C 119 -12.95 -3.50 36.79
C ARG C 119 -13.53 -2.42 35.87
N GLU C 120 -12.66 -1.60 35.29
CA GLU C 120 -13.15 -0.53 34.44
C GLU C 120 -13.84 -1.07 33.18
N ALA C 121 -13.31 -2.16 32.62
CA ALA C 121 -13.94 -2.75 31.45
C ALA C 121 -15.38 -3.18 31.75
N LEU C 122 -15.61 -3.77 32.92
CA LEU C 122 -16.94 -4.20 33.30
C LEU C 122 -17.87 -3.03 33.57
N GLU C 123 -17.40 -2.04 34.32
CA GLU C 123 -18.29 -0.95 34.71
CA GLU C 123 -18.27 -0.95 34.72
C GLU C 123 -18.59 -0.01 33.55
N GLU C 124 -17.66 0.13 32.61
CA GLU C 124 -17.86 1.10 31.54
C GLU C 124 -18.42 0.48 30.26
N ALA C 125 -18.19 -0.82 30.04
CA ALA C 125 -18.60 -1.45 28.78
C ALA C 125 -19.16 -2.85 28.98
N GLY C 126 -19.36 -3.29 30.21
CA GLY C 126 -19.90 -4.61 30.44
C GLY C 126 -19.03 -5.73 29.92
N LEU C 127 -17.72 -5.52 29.85
CA LEU C 127 -16.84 -6.46 29.19
C LEU C 127 -16.11 -7.32 30.21
N GLU C 128 -16.31 -8.63 30.11
CA GLU C 128 -15.46 -9.60 30.76
C GLU C 128 -14.21 -9.78 29.92
N VAL C 129 -13.05 -9.81 30.59
CA VAL C 129 -11.76 -9.92 29.93
C VAL C 129 -11.22 -11.33 30.14
N GLY C 130 -10.70 -11.91 29.06
CA GLY C 130 -10.07 -13.21 29.16
C GLY C 130 -8.59 -13.11 29.46
N ARG C 131 -7.77 -13.55 28.50
CA ARG C 131 -6.32 -13.44 28.63
C ARG C 131 -5.91 -11.98 28.48
N THR C 132 -4.77 -11.63 29.08
CA THR C 132 -4.24 -10.29 28.97
C THR C 132 -2.75 -10.36 28.70
N LYS C 133 -2.21 -9.32 28.07
CA LYS C 133 -0.77 -9.20 27.85
C LYS C 133 -0.39 -7.74 28.10
N PRO C 134 0.76 -7.50 28.71
CA PRO C 134 1.24 -6.11 28.77
C PRO C 134 1.59 -5.62 27.37
N ILE C 135 1.23 -4.37 27.09
CA ILE C 135 1.65 -3.71 25.86
C ILE C 135 2.90 -2.90 26.20
N LEU C 136 2.72 -1.80 26.90
CA LEU C 136 3.80 -0.90 27.31
CA LEU C 136 3.84 -1.04 27.43
C LEU C 136 3.33 -0.11 28.52
N SER C 137 4.28 0.44 29.26
CA SER C 137 4.00 1.37 30.37
C SER C 137 4.81 2.62 30.09
N TYR C 138 4.14 3.77 30.03
CA TYR C 138 4.77 4.98 29.54
C TYR C 138 4.46 6.16 30.45
N LEU C 139 5.36 7.12 30.43
CA LEU C 139 5.19 8.40 31.11
C LEU C 139 4.51 9.38 30.17
N ALA C 140 3.40 9.96 30.62
CA ALA C 140 2.57 10.78 29.72
C ALA C 140 3.30 12.02 29.24
N SER C 141 4.03 12.68 30.14
CA SER C 141 4.71 13.93 29.81
C SER C 141 5.71 14.26 30.91
N PRO C 142 6.85 13.56 30.96
CA PRO C 142 7.65 13.58 32.20
C PRO C 142 8.39 14.89 32.48
N GLY C 143 8.33 15.87 31.59
CA GLY C 143 8.86 17.18 31.96
C GLY C 143 8.04 17.90 33.01
N GLY C 144 6.76 17.55 33.15
CA GLY C 144 5.87 18.29 34.03
C GLY C 144 4.89 17.48 34.88
N THR C 145 4.79 16.18 34.63
CA THR C 145 3.93 15.30 35.42
C THR C 145 4.61 13.96 35.63
N SER C 146 4.35 13.36 36.79
CA SER C 146 4.87 12.05 37.14
C SER C 146 4.04 10.91 36.54
N GLU C 147 2.93 11.23 35.89
CA GLU C 147 1.95 10.19 35.58
C GLU C 147 2.53 9.11 34.68
N ARG C 148 2.36 7.87 35.13
CA ARG C 148 2.65 6.68 34.34
C ARG C 148 1.34 5.95 34.06
N LEU C 149 1.20 5.46 32.84
CA LEU C 149 0.04 4.68 32.41
C LEU C 149 0.54 3.34 31.89
N SER C 150 -0.03 2.26 32.40
CA SER C 150 0.38 0.92 32.02
C SER C 150 -0.74 0.30 31.19
N ILE C 151 -0.42 -0.06 29.95
CA ILE C 151 -1.40 -0.50 28.98
C ILE C 151 -1.32 -2.01 28.90
N LEU C 152 -2.49 -2.65 28.95
CA LEU C 152 -2.65 -4.06 28.67
C LEU C 152 -3.57 -4.20 27.46
N VAL C 153 -3.35 -5.25 26.68
CA VAL C 153 -4.34 -5.70 25.70
C VAL C 153 -5.09 -6.85 26.37
N GLY C 154 -6.41 -6.85 26.23
CA GLY C 154 -7.25 -7.83 26.89
C GLY C 154 -8.19 -8.53 25.92
N GLU C 155 -8.28 -9.85 26.03
CA GLU C 155 -9.14 -10.64 25.14
C GLU C 155 -10.61 -10.43 25.50
N VAL C 156 -11.42 -9.96 24.53
CA VAL C 156 -12.84 -9.75 24.78
C VAL C 156 -13.68 -10.27 23.61
N ASP C 157 -14.96 -10.53 23.90
CA ASP C 157 -15.98 -10.85 22.90
C ASP C 157 -16.71 -9.53 22.65
N ALA C 158 -16.40 -8.90 21.51
CA ALA C 158 -16.91 -7.57 21.23
C ALA C 158 -18.42 -7.56 21.09
N SER C 159 -19.04 -8.71 20.81
CA SER C 159 -20.49 -8.75 20.72
C SER C 159 -21.13 -8.58 22.10
N THR C 160 -20.35 -8.66 23.19
CA THR C 160 -20.87 -8.48 24.53
C THR C 160 -20.69 -7.06 25.03
N ALA C 161 -20.07 -6.19 24.23
CA ALA C 161 -19.85 -4.81 24.67
C ALA C 161 -21.16 -4.05 24.61
N LYS C 162 -21.51 -3.42 25.71
CA LYS C 162 -22.79 -2.72 25.81
C LYS C 162 -22.61 -1.48 26.68
N GLY C 163 -23.42 -0.47 26.41
CA GLY C 163 -23.50 0.66 27.33
C GLY C 163 -24.12 0.23 28.65
N ILE C 164 -23.55 0.74 29.74
CA ILE C 164 -23.97 0.39 31.10
C ILE C 164 -24.95 1.45 31.57
N HIS C 165 -26.09 1.02 32.09
CA HIS C 165 -27.11 1.94 32.59
C HIS C 165 -26.73 2.44 33.97
N GLY C 166 -27.01 3.72 34.23
CA GLY C 166 -26.73 4.33 35.51
C GLY C 166 -27.77 5.37 35.88
N GLU C 172 -20.54 10.06 35.35
CA GLU C 172 -19.81 9.87 34.10
C GLU C 172 -20.74 9.43 32.96
N ASP C 173 -20.73 10.20 31.86
CA ASP C 173 -21.59 9.96 30.70
C ASP C 173 -20.73 9.42 29.57
N ILE C 174 -20.93 8.15 29.24
CA ILE C 174 -20.02 7.38 28.40
C ILE C 174 -20.80 6.68 27.29
N ARG C 175 -20.23 6.67 26.09
CA ARG C 175 -20.78 5.98 24.94
C ARG C 175 -19.79 4.92 24.49
N VAL C 176 -20.27 3.71 24.26
CA VAL C 176 -19.43 2.58 23.89
C VAL C 176 -19.44 2.42 22.37
N HIS C 177 -18.26 2.26 21.79
CA HIS C 177 -18.10 2.04 20.35
C HIS C 177 -17.39 0.72 20.10
N VAL C 178 -17.89 -0.04 19.11
CA VAL C 178 -17.22 -1.24 18.64
C VAL C 178 -16.90 -1.04 17.16
N VAL C 179 -15.62 -1.13 16.81
CA VAL C 179 -15.17 -0.90 15.46
C VAL C 179 -14.10 -1.93 15.11
N SER C 180 -13.91 -2.12 13.80
CA SER C 180 -12.83 -2.97 13.32
C SER C 180 -11.48 -2.36 13.71
N ARG C 181 -10.47 -3.23 13.84
CA ARG C 181 -9.13 -2.72 14.09
C ARG C 181 -8.68 -1.76 13.00
N GLU C 182 -8.86 -2.12 11.73
CA GLU C 182 -8.36 -1.24 10.67
C GLU C 182 -9.08 0.11 10.71
N GLN C 183 -10.37 0.13 11.07
CA GLN C 183 -11.07 1.40 11.19
C GLN C 183 -10.48 2.24 12.32
N ALA C 184 -10.27 1.62 13.48
CA ALA C 184 -9.70 2.35 14.61
C ALA C 184 -8.33 2.88 14.26
N TYR C 185 -7.52 2.06 13.59
CA TYR C 185 -6.20 2.55 13.22
C TYR C 185 -6.28 3.66 12.18
N GLN C 186 -7.17 3.52 11.19
CA GLN C 186 -7.38 4.59 10.23
C GLN C 186 -7.65 5.91 10.94
N TRP C 187 -8.42 5.85 12.02
CA TRP C 187 -8.76 7.06 12.77
C TRP C 187 -7.56 7.68 13.46
N VAL C 188 -6.61 6.85 13.90
CA VAL C 188 -5.34 7.37 14.41
C VAL C 188 -4.59 8.10 13.30
N GLU C 189 -4.49 7.47 12.13
CA GLU C 189 -3.79 8.11 11.04
C GLU C 189 -4.47 9.42 10.63
N GLU C 190 -5.79 9.47 10.69
CA GLU C 190 -6.52 10.68 10.32
C GLU C 190 -6.58 11.74 11.41
N GLY C 191 -6.16 11.43 12.62
CA GLY C 191 -6.25 12.37 13.71
C GLY C 191 -7.56 12.35 14.46
N LYS C 192 -8.47 11.43 14.12
CA LYS C 192 -9.74 11.32 14.84
C LYS C 192 -9.58 10.66 16.21
N ILE C 193 -8.54 9.85 16.39
CA ILE C 193 -8.10 9.37 17.69
C ILE C 193 -6.74 10.00 17.91
N ASP C 194 -6.62 10.86 18.95
CA ASP C 194 -5.34 11.55 19.12
C ASP C 194 -5.00 11.79 20.59
N ASN C 195 -5.39 10.87 21.48
CA ASN C 195 -4.91 10.87 22.86
C ASN C 195 -3.85 9.79 22.99
N ALA C 196 -2.83 10.06 23.82
CA ALA C 196 -1.64 9.24 23.85
C ALA C 196 -1.94 7.77 24.07
N ALA C 197 -2.75 7.47 25.09
CA ALA C 197 -3.00 6.07 25.46
C ALA C 197 -3.54 5.27 24.28
N SER C 198 -4.51 5.85 23.56
CA SER C 198 -5.15 5.13 22.46
C SER C 198 -4.23 5.05 21.25
N VAL C 199 -3.47 6.12 20.98
CA VAL C 199 -2.52 6.10 19.87
C VAL C 199 -1.48 5.02 20.10
N ILE C 200 -0.92 4.97 21.31
CA ILE C 200 0.10 3.98 21.63
C ILE C 200 -0.48 2.58 21.50
N ALA C 201 -1.66 2.35 22.09
CA ALA C 201 -2.24 1.01 22.08
C ALA C 201 -2.56 0.56 20.67
N LEU C 202 -3.13 1.45 19.86
CA LEU C 202 -3.57 1.05 18.51
C LEU C 202 -2.40 0.95 17.54
N GLN C 203 -1.35 1.78 17.72
CA GLN C 203 -0.14 1.58 16.94
C GLN C 203 0.51 0.25 17.31
N TRP C 204 0.53 -0.09 18.61
CA TRP C 204 1.06 -1.38 19.04
C TRP C 204 0.27 -2.52 18.40
N LEU C 205 -1.06 -2.42 18.43
CA LEU C 205 -1.90 -3.45 17.85
C LEU C 205 -1.63 -3.61 16.36
N GLN C 206 -1.48 -2.49 15.66
CA GLN C 206 -1.20 -2.56 14.23
C GLN C 206 0.11 -3.30 13.96
N LEU C 207 1.07 -3.19 14.88
CA LEU C 207 2.34 -3.88 14.70
C LEU C 207 2.29 -5.33 15.17
N HIS C 208 1.33 -5.70 16.02
CA HIS C 208 1.36 -7.01 16.65
C HIS C 208 0.12 -7.88 16.42
N TYR C 209 -0.88 -7.40 15.66
CA TYR C 209 -2.16 -8.11 15.63
C TYR C 209 -2.04 -9.49 14.98
N HIS C 210 -1.20 -9.64 13.96
CA HIS C 210 -1.10 -10.94 13.28
C HIS C 210 -0.68 -12.03 14.28
N ASN C 211 0.39 -11.78 15.04
CA ASN C 211 0.83 -12.78 16.01
C ASN C 211 -0.18 -12.90 17.15
N LEU C 212 -0.79 -11.79 17.57
CA LEU C 212 -1.73 -11.85 18.68
C LEU C 212 -2.97 -12.67 18.33
N ARG C 213 -3.54 -12.47 17.14
CA ARG C 213 -4.72 -13.23 16.76
C ARG C 213 -4.40 -14.72 16.66
N ASN C 214 -3.23 -15.07 16.14
CA ASN C 214 -2.85 -16.48 16.10
C ASN C 214 -2.73 -17.04 17.50
N GLU C 215 -2.12 -16.28 18.40
CA GLU C 215 -1.91 -16.78 19.76
C GLU C 215 -3.24 -17.02 20.46
N TRP C 216 -4.22 -16.15 20.23
CA TRP C 216 -5.49 -16.20 20.94
C TRP C 216 -6.62 -16.88 20.19
N THR C 217 -6.38 -17.42 18.99
CA THR C 217 -7.42 -18.18 18.31
C THR C 217 -7.06 -19.65 18.15
N LYS C 218 -5.85 -20.06 18.53
CA LYS C 218 -5.46 -21.46 18.50
C LYS C 218 -4.01 -21.55 18.93
N GLN D 14 -18.76 4.12 10.17
CA GLN D 14 -18.91 4.39 11.60
C GLN D 14 -19.18 5.88 11.85
N GLN D 15 -20.00 6.17 12.86
CA GLN D 15 -20.42 7.54 13.13
C GLN D 15 -19.34 8.33 13.86
N GLY D 16 -18.67 7.70 14.82
CA GLY D 16 -17.67 8.40 15.60
C GLY D 16 -18.29 9.28 16.68
N ILE D 17 -17.54 10.32 17.08
CA ILE D 17 -18.07 11.25 18.07
C ILE D 17 -19.28 11.97 17.49
N THR D 18 -20.13 12.45 18.39
CA THR D 18 -21.37 13.11 18.00
C THR D 18 -21.35 14.61 18.26
N PHE D 19 -20.72 15.05 19.34
CA PHE D 19 -20.87 16.41 19.82
C PHE D 19 -19.67 17.26 19.47
N SER D 20 -19.89 18.56 19.41
CA SER D 20 -18.86 19.56 19.07
C SER D 20 -18.79 20.60 20.19
N LYS D 21 -17.98 21.64 19.95
CA LYS D 21 -17.79 22.65 20.98
C LYS D 21 -19.07 23.40 21.32
N ASN D 22 -19.99 23.56 20.35
CA ASN D 22 -21.25 24.22 20.69
C ASN D 22 -22.07 23.39 21.67
N ASP D 23 -21.74 22.11 21.86
CA ASP D 23 -22.49 21.23 22.75
C ASP D 23 -21.94 21.24 24.16
N VAL D 24 -21.00 22.14 24.45
CA VAL D 24 -20.47 22.35 25.78
C VAL D 24 -20.49 23.85 26.06
N GLU D 25 -20.89 24.22 27.27
CA GLU D 25 -20.88 25.61 27.74
C GLU D 25 -19.84 25.70 28.85
N ILE D 26 -18.73 26.38 28.57
CA ILE D 26 -17.71 26.65 29.59
C ILE D 26 -18.14 27.90 30.36
N ILE D 27 -18.54 27.71 31.61
CA ILE D 27 -19.09 28.81 32.40
C ILE D 27 -17.98 29.74 32.89
N ALA D 28 -16.88 29.17 33.37
CA ALA D 28 -15.80 29.99 33.91
C ALA D 28 -14.53 29.17 34.02
N ARG D 29 -13.40 29.87 34.04
CA ARG D 29 -12.10 29.30 34.37
C ARG D 29 -11.46 30.11 35.49
N GLU D 30 -10.95 29.41 36.50
CA GLU D 30 -10.28 30.06 37.62
C GLU D 30 -8.92 29.42 37.82
N THR D 31 -7.91 30.22 38.15
CA THR D 31 -6.57 29.72 38.43
C THR D 31 -6.50 29.32 39.89
N LEU D 32 -6.22 28.04 40.14
CA LEU D 32 -6.06 27.50 41.48
C LEU D 32 -4.64 27.67 41.98
N TYR D 33 -3.67 27.59 41.08
CA TYR D 33 -2.27 27.79 41.38
C TYR D 33 -1.62 28.38 40.13
N ARG D 34 -0.72 29.33 40.33
CA ARG D 34 0.04 29.92 39.24
C ARG D 34 1.51 29.96 39.64
N GLY D 35 2.35 29.31 38.86
CA GLY D 35 3.79 29.40 39.00
C GLY D 35 4.39 29.50 37.63
N PHE D 36 5.37 28.65 37.32
CA PHE D 36 5.83 28.53 35.94
C PHE D 36 4.71 27.96 35.08
N PHE D 37 3.99 26.97 35.59
CA PHE D 37 2.79 26.42 34.98
C PHE D 37 1.58 26.85 35.80
N SER D 38 0.40 26.49 35.32
CA SER D 38 -0.84 26.86 35.98
C SER D 38 -1.72 25.64 36.13
N LEU D 39 -2.49 25.61 37.22
CA LEU D 39 -3.57 24.66 37.42
C LEU D 39 -4.87 25.44 37.43
N ASP D 40 -5.75 25.17 36.48
CA ASP D 40 -6.99 25.92 36.33
C ASP D 40 -8.18 24.99 36.59
N LEU D 41 -9.24 25.57 37.16
CA LEU D 41 -10.51 24.88 37.38
C LEU D 41 -11.48 25.29 36.27
N TYR D 42 -11.83 24.34 35.42
CA TYR D 42 -12.86 24.59 34.41
C TYR D 42 -14.26 24.36 35.00
N ARG D 43 -15.15 25.32 34.78
CA ARG D 43 -16.56 25.22 35.14
C ARG D 43 -17.37 25.22 33.85
N PHE D 44 -18.11 24.14 33.62
CA PHE D 44 -18.80 23.95 32.35
C PHE D 44 -20.01 23.04 32.50
N ARG D 45 -20.89 23.11 31.51
CA ARG D 45 -21.96 22.14 31.29
C ARG D 45 -21.86 21.61 29.87
N HIS D 46 -22.34 20.37 29.68
CA HIS D 46 -22.19 19.69 28.40
C HIS D 46 -23.41 18.82 28.12
N ARG D 47 -23.68 18.61 26.84
CA ARG D 47 -24.81 17.78 26.45
C ARG D 47 -24.56 16.32 26.80
N LEU D 48 -25.63 15.61 27.13
CA LEU D 48 -25.55 14.21 27.50
C LEU D 48 -25.96 13.36 26.30
N PHE D 49 -25.46 12.13 26.28
CA PHE D 49 -25.71 11.24 25.14
C PHE D 49 -27.18 10.99 24.93
N ASN D 50 -27.99 11.03 25.99
CA ASN D 50 -29.41 10.80 25.87
C ASN D 50 -30.21 12.05 25.47
N GLY D 51 -29.54 13.19 25.28
CA GLY D 51 -30.18 14.39 24.79
C GLY D 51 -30.20 15.54 25.78
N GLY D 52 -30.24 15.23 27.07
CA GLY D 52 -30.31 16.26 28.09
C GLY D 52 -28.98 16.98 28.28
N MET D 53 -28.98 17.90 29.25
CA MET D 53 -27.81 18.68 29.61
C MET D 53 -27.31 18.24 30.99
N SER D 54 -26.00 18.14 31.15
CA SER D 54 -25.42 17.73 32.44
C SER D 54 -25.52 18.86 33.44
N GLY D 55 -25.39 18.56 34.72
CA GLY D 55 -25.25 19.57 35.75
C GLY D 55 -23.98 20.36 35.55
N GLU D 56 -23.77 21.33 36.44
CA GLU D 56 -22.53 22.10 36.44
C GLU D 56 -21.39 21.20 36.88
N ILE D 57 -20.35 21.10 36.04
CA ILE D 57 -19.22 20.22 36.26
C ILE D 57 -17.97 21.06 36.46
N THR D 58 -17.07 20.61 37.34
CA THR D 58 -15.79 21.27 37.54
C THR D 58 -14.66 20.26 37.35
N ARG D 59 -13.57 20.71 36.75
CA ARG D 59 -12.40 19.88 36.49
C ARG D 59 -11.15 20.70 36.73
N GLU D 60 -10.20 20.12 37.46
CA GLU D 60 -8.86 20.70 37.58
C GLU D 60 -8.04 20.28 36.36
N ILE D 61 -7.43 21.25 35.68
CA ILE D 61 -6.69 20.99 34.45
C ILE D 61 -5.30 21.60 34.58
N PHE D 62 -4.28 20.78 34.39
CA PHE D 62 -2.89 21.23 34.41
C PHE D 62 -2.59 21.90 33.08
N GLU D 63 -2.19 23.16 33.13
CA GLU D 63 -1.97 24.00 31.95
C GLU D 63 -0.50 24.39 31.86
N ARG D 64 0.18 23.87 30.85
CA ARG D 64 1.60 24.12 30.67
C ARG D 64 1.91 24.44 29.22
N GLY D 65 0.98 24.91 28.42
CA GLY D 65 1.29 25.18 27.03
C GLY D 65 1.34 23.92 26.19
N HIS D 66 1.93 24.05 25.00
CA HIS D 66 1.96 22.98 24.01
C HIS D 66 3.37 22.90 23.42
N ALA D 67 3.65 21.78 22.77
CA ALA D 67 5.01 21.46 22.38
C ALA D 67 5.09 21.00 20.93
N ALA D 68 6.28 21.17 20.36
CA ALA D 68 6.66 20.62 19.07
C ALA D 68 7.68 19.51 19.29
N VAL D 69 7.55 18.40 18.57
CA VAL D 69 8.44 17.26 18.75
C VAL D 69 9.03 16.87 17.40
N LEU D 70 10.32 16.55 17.40
CA LEU D 70 10.98 16.15 16.17
C LEU D 70 11.63 14.79 16.36
N LEU D 71 11.27 13.85 15.51
CA LEU D 71 11.97 12.58 15.41
C LEU D 71 13.05 12.73 14.35
N PRO D 72 14.33 12.82 14.73
CA PRO D 72 15.40 12.92 13.73
C PRO D 72 15.70 11.56 13.12
N PHE D 73 15.43 11.42 11.82
CA PHE D 73 15.58 10.16 11.11
C PHE D 73 16.50 10.34 9.92
N ASP D 74 17.50 9.46 9.82
CA ASP D 74 18.40 9.40 8.67
C ASP D 74 17.94 8.24 7.80
N PRO D 75 17.24 8.48 6.69
CA PRO D 75 16.70 7.35 5.94
C PRO D 75 17.76 6.52 5.24
N VAL D 76 18.89 7.12 4.90
CA VAL D 76 19.95 6.35 4.26
C VAL D 76 20.58 5.36 5.25
N ARG D 77 20.99 5.85 6.42
CA ARG D 77 21.62 5.00 7.42
CA ARG D 77 21.62 5.00 7.42
C ARG D 77 20.60 4.25 8.29
N ASP D 78 19.31 4.57 8.18
CA ASP D 78 18.26 3.90 8.97
C ASP D 78 18.57 4.04 10.45
N GLU D 79 18.88 5.26 10.86
CA GLU D 79 19.25 5.58 12.23
C GLU D 79 18.39 6.72 12.73
N VAL D 80 18.21 6.76 14.05
CA VAL D 80 17.56 7.86 14.71
C VAL D 80 18.53 8.48 15.70
N VAL D 81 18.29 9.73 16.03
CA VAL D 81 19.10 10.47 16.99
C VAL D 81 18.21 10.72 18.21
N LEU D 82 18.65 10.26 19.38
CA LEU D 82 17.96 10.45 20.64
C LEU D 82 18.70 11.44 21.52
N VAL D 83 17.98 12.02 22.47
CA VAL D 83 18.54 12.99 23.41
C VAL D 83 18.32 12.49 24.82
N GLU D 84 19.37 12.47 25.62
CA GLU D 84 19.28 12.02 27.00
C GLU D 84 19.36 13.21 27.94
N GLN D 85 18.40 13.30 28.86
CA GLN D 85 18.49 14.32 29.90
C GLN D 85 17.60 13.91 31.06
N ILE D 86 17.86 14.51 32.20
CA ILE D 86 17.10 14.13 33.38
C ILE D 86 15.70 14.74 33.32
N ARG D 87 14.70 13.96 33.68
CA ARG D 87 13.33 14.42 33.85
C ARG D 87 12.94 13.98 35.26
N ILE D 88 12.99 14.89 36.23
CA ILE D 88 12.90 14.43 37.62
C ILE D 88 11.54 13.77 37.90
N ALA D 89 10.49 14.14 37.17
CA ALA D 89 9.17 13.58 37.41
C ALA D 89 9.10 12.09 37.17
N ALA D 90 10.05 11.55 36.40
CA ALA D 90 10.13 10.11 36.17
C ALA D 90 10.63 9.37 37.40
N TYR D 91 11.14 10.11 38.39
CA TYR D 91 11.91 9.49 39.48
C TYR D 91 11.13 8.39 40.20
N ASP D 92 9.88 8.65 40.56
CA ASP D 92 9.17 7.74 41.44
C ASP D 92 8.82 6.40 40.79
N THR D 93 8.74 6.35 39.45
CA THR D 93 8.26 5.14 38.79
C THR D 93 9.26 4.54 37.82
N SER D 94 10.49 5.04 37.77
CA SER D 94 11.46 4.59 36.79
C SER D 94 12.74 4.18 37.50
N GLU D 95 13.50 3.31 36.82
CA GLU D 95 14.80 2.92 37.35
C GLU D 95 15.75 4.12 37.38
N SER D 96 15.64 5.02 36.40
CA SER D 96 16.44 6.22 36.36
C SER D 96 15.63 7.39 35.82
N PRO D 97 15.82 8.60 36.38
CA PRO D 97 15.14 9.77 35.82
C PRO D 97 15.79 10.33 34.55
N TRP D 98 16.95 9.81 34.13
CA TRP D 98 17.52 10.19 32.84
C TRP D 98 16.80 9.39 31.75
N LEU D 99 16.18 10.09 30.79
CA LEU D 99 15.38 9.46 29.75
C LEU D 99 15.99 9.65 28.36
N LEU D 100 15.75 8.70 27.48
CA LEU D 100 16.06 8.84 26.06
C LEU D 100 14.83 9.38 25.35
N GLU D 101 14.97 10.54 24.71
CA GLU D 101 13.80 11.28 24.25
C GLU D 101 13.99 11.82 22.84
N MET D 102 12.87 12.29 22.29
CA MET D 102 12.88 13.05 21.04
C MET D 102 13.29 14.50 21.30
N VAL D 103 13.86 15.13 20.28
CA VAL D 103 14.02 16.57 20.30
C VAL D 103 12.65 17.20 20.47
N ALA D 104 12.57 18.17 21.37
CA ALA D 104 11.27 18.78 21.63
C ALA D 104 11.47 20.13 22.26
N GLY D 105 10.52 21.02 22.02
CA GLY D 105 10.53 22.30 22.67
C GLY D 105 9.11 22.81 22.68
N MET D 106 8.85 23.67 23.65
CA MET D 106 7.54 24.29 23.78
C MET D 106 7.35 25.39 22.73
N ILE D 107 6.09 25.61 22.38
CA ILE D 107 5.69 26.53 21.33
C ILE D 107 5.21 27.81 21.98
N GLU D 108 5.88 28.93 21.71
CA GLU D 108 5.40 30.23 22.16
C GLU D 108 4.50 30.88 21.10
N ALA D 109 3.81 31.93 21.49
CA ALA D 109 2.80 32.55 20.64
C ALA D 109 3.40 33.00 19.31
N GLY D 110 2.70 32.68 18.22
CA GLY D 110 3.10 33.05 16.89
C GLY D 110 4.11 32.13 16.23
N GLU D 111 4.64 31.14 16.95
CA GLU D 111 5.59 30.21 16.37
C GLU D 111 4.88 29.00 15.78
N THR D 112 5.49 28.43 14.75
CA THR D 112 4.99 27.22 14.12
C THR D 112 5.71 25.99 14.68
N VAL D 113 5.03 24.85 14.58
CA VAL D 113 5.63 23.60 15.03
C VAL D 113 6.95 23.39 14.31
N GLU D 114 6.99 23.61 13.00
CA GLU D 114 8.19 23.33 12.24
C GLU D 114 9.33 24.25 12.64
N ASP D 115 9.02 25.53 12.87
CA ASP D 115 10.05 26.46 13.30
C ASP D 115 10.68 26.02 14.61
N VAL D 116 9.86 25.63 15.58
CA VAL D 116 10.40 25.20 16.87
C VAL D 116 11.18 23.90 16.71
N ALA D 117 10.62 22.95 15.96
CA ALA D 117 11.29 21.65 15.80
C ALA D 117 12.66 21.83 15.14
N ARG D 118 12.73 22.66 14.09
CA ARG D 118 14.02 22.87 13.44
C ARG D 118 15.00 23.59 14.36
N ARG D 119 14.53 24.56 15.13
CA ARG D 119 15.40 25.28 16.04
C ARG D 119 15.94 24.36 17.13
N GLU D 120 15.06 23.56 17.73
CA GLU D 120 15.47 22.69 18.83
C GLU D 120 16.47 21.64 18.37
N ALA D 121 16.30 21.12 17.16
CA ALA D 121 17.20 20.08 16.68
C ALA D 121 18.64 20.59 16.60
N LEU D 122 18.81 21.84 16.20
CA LEU D 122 20.17 22.40 16.01
C LEU D 122 20.79 22.83 17.35
N GLU D 123 20.00 23.20 18.37
CA GLU D 123 20.56 23.63 19.65
C GLU D 123 20.77 22.46 20.61
N GLU D 124 19.86 21.47 20.60
CA GLU D 124 20.01 20.33 21.49
C GLU D 124 20.84 19.20 20.90
N ALA D 125 20.97 19.13 19.58
CA ALA D 125 21.69 18.03 18.96
C ALA D 125 22.56 18.43 17.78
N GLY D 126 22.67 19.72 17.48
CA GLY D 126 23.52 20.15 16.37
C GLY D 126 23.14 19.59 15.02
N LEU D 127 21.87 19.31 14.79
CA LEU D 127 21.47 18.61 13.58
C LEU D 127 20.79 19.55 12.62
N GLU D 128 21.34 19.75 11.42
CA GLU D 128 20.60 20.46 10.37
C GLU D 128 19.53 19.55 9.80
N VAL D 129 18.32 20.09 9.65
CA VAL D 129 17.17 19.31 9.22
C VAL D 129 16.84 19.68 7.78
N GLY D 130 16.59 18.67 6.96
CA GLY D 130 16.14 18.88 5.59
C GLY D 130 14.63 18.92 5.51
N ARG D 131 14.05 17.91 4.86
CA ARG D 131 12.60 17.82 4.74
C ARG D 131 11.98 17.43 6.08
N THR D 132 10.70 17.78 6.22
CA THR D 132 9.93 17.35 7.37
C THR D 132 8.55 16.88 6.91
N LYS D 133 7.94 16.02 7.70
CA LYS D 133 6.57 15.58 7.49
C LYS D 133 5.89 15.52 8.85
N PRO D 134 4.62 15.91 8.96
CA PRO D 134 3.89 15.66 10.20
C PRO D 134 3.71 14.17 10.40
N ILE D 135 3.89 13.74 11.65
CA ILE D 135 3.58 12.36 12.03
C ILE D 135 2.17 12.35 12.59
N LEU D 136 2.01 12.96 13.77
CA LEU D 136 0.77 12.98 14.51
C LEU D 136 0.86 14.13 15.51
N SER D 137 -0.31 14.59 15.96
CA SER D 137 -0.44 15.53 17.06
C SER D 137 -1.36 14.89 18.08
N TYR D 138 -0.92 14.80 19.33
CA TYR D 138 -1.64 14.03 20.36
C TYR D 138 -1.76 14.79 21.68
N LEU D 139 -2.81 14.45 22.43
CA LEU D 139 -3.02 14.94 23.78
C LEU D 139 -2.32 14.01 24.76
N ALA D 140 -1.42 14.60 25.58
CA ALA D 140 -0.57 13.77 26.43
C ALA D 140 -1.38 12.98 27.46
N SER D 141 -2.38 13.63 28.08
CA SER D 141 -3.19 13.00 29.11
C SER D 141 -4.44 13.83 29.36
N PRO D 142 -5.45 13.76 28.47
CA PRO D 142 -6.50 14.77 28.46
C PRO D 142 -7.49 14.69 29.61
N GLY D 143 -7.36 13.70 30.50
CA GLY D 143 -8.15 13.72 31.71
C GLY D 143 -7.73 14.79 32.69
N GLY D 144 -6.47 15.23 32.62
CA GLY D 144 -5.97 16.16 33.62
C GLY D 144 -5.07 17.28 33.14
N THR D 145 -4.67 17.27 31.86
CA THR D 145 -3.81 18.30 31.32
C THR D 145 -4.26 18.62 29.90
N SER D 146 -4.15 19.88 29.53
CA SER D 146 -4.49 20.31 28.18
C SER D 146 -3.37 20.08 27.17
N GLU D 147 -2.21 19.63 27.61
CA GLU D 147 -1.02 19.69 26.77
C GLU D 147 -1.18 18.87 25.50
N ARG D 148 -0.91 19.52 24.37
CA ARG D 148 -0.86 18.89 23.07
C ARG D 148 0.57 18.98 22.53
N LEU D 149 1.03 17.86 21.95
CA LEU D 149 2.35 17.77 21.35
C LEU D 149 2.21 17.34 19.89
N SER D 150 2.84 18.09 19.00
CA SER D 150 2.75 17.84 17.57
C SER D 150 4.09 17.34 17.11
N ILE D 151 4.09 16.14 16.53
CA ILE D 151 5.31 15.44 16.18
C ILE D 151 5.52 15.55 14.68
N LEU D 152 6.76 15.88 14.31
CA LEU D 152 7.22 15.82 12.94
C LEU D 152 8.37 14.83 12.86
N VAL D 153 8.55 14.21 11.70
CA VAL D 153 9.77 13.47 11.39
C VAL D 153 10.64 14.38 10.55
N GLY D 154 11.94 14.41 10.86
CA GLY D 154 12.85 15.33 10.19
C GLY D 154 14.02 14.62 9.55
N GLU D 155 14.33 14.98 8.30
CA GLU D 155 15.42 14.33 7.59
C GLU D 155 16.75 14.85 8.10
N VAL D 156 17.61 13.97 8.63
CA VAL D 156 18.90 14.38 9.15
C VAL D 156 20.00 13.41 8.69
N ASP D 157 21.23 13.90 8.74
CA ASP D 157 22.43 13.09 8.52
C ASP D 157 22.96 12.69 9.89
N ALA D 158 22.71 11.43 10.28
CA ALA D 158 23.05 11.02 11.63
C ALA D 158 24.55 11.05 11.90
N SER D 159 25.39 11.03 10.87
CA SER D 159 26.83 11.07 11.12
C SER D 159 27.31 12.44 11.59
N THR D 160 26.48 13.48 11.48
CA THR D 160 26.86 14.83 11.90
C THR D 160 26.39 15.17 13.31
N ALA D 161 25.74 14.23 14.00
CA ALA D 161 25.19 14.48 15.33
C ALA D 161 26.28 14.51 16.39
N LYS D 162 26.31 15.59 17.18
CA LYS D 162 27.34 15.76 18.21
C LYS D 162 26.77 16.40 19.47
N ASP D 173 21.71 20.09 30.51
CA ASP D 173 22.76 19.10 30.35
C ASP D 173 22.24 17.89 29.57
N ILE D 174 22.71 17.76 28.32
CA ILE D 174 22.13 16.85 27.34
C ILE D 174 23.22 16.05 26.65
N ARG D 175 22.94 14.77 26.42
CA ARG D 175 23.85 13.87 25.71
C ARG D 175 23.13 13.31 24.48
N VAL D 176 23.79 13.36 23.33
CA VAL D 176 23.20 12.93 22.08
C VAL D 176 23.62 11.50 21.79
N HIS D 177 22.64 10.68 21.41
CA HIS D 177 22.82 9.30 21.04
C HIS D 177 22.38 9.06 19.59
N VAL D 178 23.15 8.28 18.86
CA VAL D 178 22.80 7.81 17.52
C VAL D 178 22.62 6.30 17.61
N VAL D 179 21.45 5.82 17.22
CA VAL D 179 21.17 4.38 17.26
C VAL D 179 20.40 3.99 16.01
N SER D 180 20.49 2.71 15.68
CA SER D 180 19.72 2.18 14.57
C SER D 180 18.23 2.29 14.88
N ARG D 181 17.43 2.36 13.81
CA ARG D 181 15.99 2.36 14.02
C ARG D 181 15.57 1.13 14.79
N GLU D 182 16.07 -0.04 14.37
CA GLU D 182 15.66 -1.28 15.02
C GLU D 182 16.05 -1.30 16.49
N GLN D 183 17.24 -0.79 16.81
CA GLN D 183 17.65 -0.76 18.20
C GLN D 183 16.72 0.12 19.02
N ALA D 184 16.40 1.31 18.50
CA ALA D 184 15.50 2.23 19.20
C ALA D 184 14.13 1.60 19.40
N TYR D 185 13.60 0.95 18.37
CA TYR D 185 12.29 0.34 18.52
C TYR D 185 12.35 -0.84 19.48
N GLN D 186 13.43 -1.60 19.44
CA GLN D 186 13.59 -2.67 20.42
C GLN D 186 13.62 -2.12 21.84
N TRP D 187 14.20 -0.92 22.03
CA TRP D 187 14.23 -0.32 23.35
C TRP D 187 12.83 0.13 23.79
N VAL D 188 11.98 0.55 22.84
CA VAL D 188 10.57 0.77 23.17
C VAL D 188 9.93 -0.51 23.67
N GLU D 189 10.16 -1.61 22.95
CA GLU D 189 9.58 -2.90 23.34
C GLU D 189 10.10 -3.39 24.69
N GLU D 190 11.35 -3.11 24.99
CA GLU D 190 11.91 -3.51 26.27
C GLU D 190 11.56 -2.52 27.39
N GLY D 191 11.00 -1.37 27.06
CA GLY D 191 10.68 -0.38 28.06
C GLY D 191 11.83 0.53 28.43
N LYS D 192 12.97 0.41 27.76
CA LYS D 192 14.07 1.32 28.04
C LYS D 192 13.78 2.72 27.49
N ILE D 193 12.89 2.81 26.50
CA ILE D 193 12.32 4.08 26.04
C ILE D 193 10.85 4.04 26.38
N ASP D 194 10.39 4.92 27.28
CA ASP D 194 9.02 4.76 27.76
C ASP D 194 8.38 6.11 28.06
N ASN D 195 8.70 7.13 27.28
CA ASN D 195 8.00 8.40 27.32
C ASN D 195 7.13 8.51 26.07
N ALA D 196 5.95 9.10 26.24
CA ALA D 196 4.92 9.04 25.21
C ALA D 196 5.41 9.52 23.86
N ALA D 197 6.04 10.70 23.84
CA ALA D 197 6.44 11.29 22.57
C ALA D 197 7.34 10.35 21.79
N SER D 198 8.31 9.72 22.48
CA SER D 198 9.25 8.85 21.79
C SER D 198 8.60 7.53 21.42
N VAL D 199 7.73 7.01 22.29
CA VAL D 199 7.01 5.79 21.95
C VAL D 199 6.14 6.02 20.69
N ILE D 200 5.36 7.09 20.68
CA ILE D 200 4.47 7.35 19.54
C ILE D 200 5.28 7.53 18.26
N ALA D 201 6.35 8.32 18.34
CA ALA D 201 7.19 8.57 17.17
C ALA D 201 7.85 7.30 16.66
N LEU D 202 8.38 6.47 17.55
CA LEU D 202 9.12 5.29 17.06
C LEU D 202 8.16 4.20 16.58
N GLN D 203 6.99 4.10 17.20
CA GLN D 203 5.98 3.22 16.67
C GLN D 203 5.54 3.65 15.27
N TRP D 204 5.32 4.94 15.08
CA TRP D 204 4.95 5.45 13.77
C TRP D 204 6.05 5.14 12.76
N LEU D 205 7.31 5.37 13.14
CA LEU D 205 8.42 5.08 12.25
C LEU D 205 8.47 3.59 11.91
N GLN D 206 8.25 2.72 12.89
CA GLN D 206 8.25 1.29 12.61
C GLN D 206 7.16 0.94 11.61
N LEU D 207 6.06 1.69 11.60
CA LEU D 207 4.97 1.43 10.66
C LEU D 207 5.17 2.09 9.30
N HIS D 208 6.01 3.12 9.19
CA HIS D 208 6.07 3.91 7.97
C HIS D 208 7.45 4.03 7.33
N TYR D 209 8.48 3.44 7.91
CA TYR D 209 9.83 3.73 7.42
C TYR D 209 10.01 3.27 5.97
N HIS D 210 9.34 2.19 5.55
CA HIS D 210 9.52 1.73 4.17
C HIS D 210 9.15 2.83 3.18
N ASN D 211 7.97 3.43 3.36
CA ASN D 211 7.53 4.48 2.45
C ASN D 211 8.35 5.75 2.62
N LEU D 212 8.69 6.10 3.84
CA LEU D 212 9.44 7.32 4.08
C LEU D 212 10.80 7.30 3.42
N ARG D 213 11.50 6.16 3.48
CA ARG D 213 12.79 6.07 2.81
C ARG D 213 12.64 6.28 1.31
N ASN D 214 11.57 5.74 0.71
CA ASN D 214 11.31 6.03 -0.69
C ASN D 214 11.01 7.49 -0.92
N GLU D 215 10.20 8.10 -0.05
CA GLU D 215 9.80 9.49 -0.28
C GLU D 215 11.00 10.42 -0.26
N TRP D 216 11.98 10.15 0.59
CA TRP D 216 13.12 11.04 0.80
C TRP D 216 14.31 10.67 -0.08
N THR D 217 14.14 9.72 -1.00
CA THR D 217 15.09 9.46 -2.09
C THR D 217 14.43 9.71 -3.43
N LYS D 218 13.35 8.99 -3.74
CA LYS D 218 12.51 9.25 -4.92
C LYS D 218 11.52 8.09 -5.10
N HIS E 4 36.10 1.38 -28.57
CA HIS E 4 37.43 1.00 -28.00
C HIS E 4 37.77 1.91 -26.83
N HIS E 5 38.35 3.06 -27.14
CA HIS E 5 38.76 4.02 -26.13
C HIS E 5 38.31 5.43 -26.49
N HIS E 6 38.18 6.27 -25.45
CA HIS E 6 37.93 7.70 -25.62
C HIS E 6 39.26 8.43 -25.59
N HIS E 7 39.65 9.02 -26.72
CA HIS E 7 40.85 9.84 -26.80
C HIS E 7 40.49 11.29 -26.51
N HIS E 8 41.32 11.95 -25.70
CA HIS E 8 40.96 13.28 -25.23
C HIS E 8 40.91 14.31 -26.34
N MET E 9 41.71 14.14 -27.39
CA MET E 9 41.73 15.09 -28.49
C MET E 9 40.52 14.97 -29.42
N SER E 10 39.65 13.98 -29.21
CA SER E 10 38.46 13.81 -30.04
C SER E 10 37.28 14.60 -29.47
N PHE E 19 29.06 11.38 -15.92
CA PHE E 19 28.07 11.14 -14.88
C PHE E 19 28.21 12.00 -13.63
N SER E 20 27.10 12.18 -12.91
CA SER E 20 27.10 12.97 -11.69
C SER E 20 26.50 12.13 -10.56
N LYS E 21 26.36 12.76 -9.40
CA LYS E 21 25.74 12.09 -8.27
C LYS E 21 24.29 11.73 -8.55
N ASN E 22 23.62 12.47 -9.43
CA ASN E 22 22.25 12.12 -9.81
C ASN E 22 22.19 10.77 -10.51
N ASP E 23 23.31 10.27 -11.01
CA ASP E 23 23.37 8.99 -11.70
C ASP E 23 23.66 7.84 -10.75
N VAL E 24 23.65 8.08 -9.45
CA VAL E 24 23.84 7.02 -8.46
CA VAL E 24 23.86 7.04 -8.44
C VAL E 24 22.66 7.03 -7.51
N GLU E 25 22.20 5.83 -7.17
CA GLU E 25 21.12 5.59 -6.22
C GLU E 25 21.77 4.88 -5.05
N ILE E 26 22.05 5.63 -3.99
CA ILE E 26 22.55 5.03 -2.76
C ILE E 26 21.33 4.59 -1.95
N ILE E 27 21.13 3.28 -1.89
CA ILE E 27 19.95 2.71 -1.26
C ILE E 27 20.07 2.76 0.25
N ALA E 28 21.24 2.43 0.78
CA ALA E 28 21.46 2.42 2.22
C ALA E 28 22.94 2.45 2.50
N ARG E 29 23.27 2.87 3.73
CA ARG E 29 24.58 2.72 4.34
C ARG E 29 24.34 1.97 5.64
N GLU E 30 24.65 0.67 5.65
CA GLU E 30 24.29 -0.21 6.75
C GLU E 30 25.49 -0.38 7.68
N THR E 31 25.31 -0.04 8.96
CA THR E 31 26.39 -0.11 9.91
C THR E 31 26.90 -1.53 10.08
N LEU E 32 28.16 -1.76 9.75
CA LEU E 32 28.78 -3.06 9.97
C LEU E 32 29.56 -3.14 11.27
N TYR E 33 30.25 -2.06 11.62
CA TYR E 33 31.00 -1.95 12.87
C TYR E 33 31.07 -0.47 13.24
N ARG E 34 30.99 -0.17 14.54
CA ARG E 34 31.22 1.17 15.06
C ARG E 34 32.17 1.06 16.24
N GLY E 35 33.34 1.68 16.14
CA GLY E 35 34.26 1.76 17.25
C GLY E 35 34.94 3.11 17.23
N PHE E 36 36.28 3.12 17.32
CA PHE E 36 36.97 4.37 17.07
C PHE E 36 36.72 4.83 15.65
N PHE E 37 36.77 3.89 14.71
CA PHE E 37 36.40 4.09 13.32
C PHE E 37 35.09 3.33 13.06
N SER E 38 34.63 3.39 11.81
CA SER E 38 33.41 2.72 11.42
C SER E 38 33.60 2.00 10.10
N LEU E 39 32.77 0.99 9.87
CA LEU E 39 32.71 0.25 8.62
C LEU E 39 31.24 0.18 8.22
N ASP E 40 30.92 0.73 7.06
CA ASP E 40 29.58 0.79 6.53
C ASP E 40 29.52 -0.02 5.24
N LEU E 41 28.37 -0.65 5.01
CA LEU E 41 28.10 -1.35 3.76
C LEU E 41 27.29 -0.37 2.92
N TYR E 42 27.90 0.14 1.85
CA TYR E 42 27.17 0.96 0.90
C TYR E 42 26.39 0.01 -0.01
N ARG E 43 25.10 0.26 -0.15
CA ARG E 43 24.23 -0.49 -1.06
C ARG E 43 23.74 0.50 -2.09
N PHE E 44 24.02 0.23 -3.36
CA PHE E 44 23.76 1.27 -4.34
C PHE E 44 23.56 0.66 -5.72
N ARG E 45 22.99 1.47 -6.59
CA ARG E 45 22.88 1.18 -8.01
C ARG E 45 23.48 2.38 -8.73
N HIS E 46 24.04 2.15 -9.91
CA HIS E 46 24.65 3.25 -10.62
C HIS E 46 24.42 3.09 -12.11
N ARG E 47 24.43 4.21 -12.81
CA ARG E 47 24.20 4.21 -14.25
C ARG E 47 25.38 3.57 -14.94
N LEU E 48 25.08 2.92 -16.06
CA LEU E 48 26.06 2.21 -16.86
C LEU E 48 26.43 3.07 -18.07
N PHE E 49 27.65 2.90 -18.54
CA PHE E 49 28.12 3.71 -19.66
C PHE E 49 27.27 3.49 -20.89
N ASN E 50 26.77 2.26 -21.11
CA ASN E 50 25.94 1.97 -22.27
C ASN E 50 24.45 2.22 -22.01
N GLY E 51 24.09 2.69 -20.84
CA GLY E 51 22.70 3.05 -20.59
C GLY E 51 22.07 2.13 -19.56
N GLY E 52 21.11 2.67 -18.83
CA GLY E 52 20.44 1.90 -17.80
C GLY E 52 21.19 1.94 -16.48
N MET E 53 20.64 1.23 -15.50
CA MET E 53 21.15 1.16 -14.14
C MET E 53 21.72 -0.23 -13.86
N SER E 54 22.80 -0.25 -13.09
CA SER E 54 23.33 -1.50 -12.63
C SER E 54 22.34 -2.22 -11.74
N GLY E 55 22.60 -3.50 -11.50
CA GLY E 55 21.95 -4.19 -10.41
C GLY E 55 22.50 -3.68 -9.09
N GLU E 56 21.94 -4.18 -8.00
CA GLU E 56 22.33 -3.69 -6.69
C GLU E 56 23.74 -4.12 -6.34
N ILE E 57 24.58 -3.15 -5.98
CA ILE E 57 25.98 -3.40 -5.65
C ILE E 57 26.19 -3.11 -4.16
N THR E 58 27.03 -3.91 -3.50
CA THR E 58 27.37 -3.63 -2.11
C THR E 58 28.89 -3.57 -1.96
N ARG E 59 29.35 -2.63 -1.15
CA ARG E 59 30.76 -2.40 -0.89
C ARG E 59 30.94 -2.11 0.60
N GLU E 60 31.88 -2.81 1.23
CA GLU E 60 32.30 -2.49 2.58
C GLU E 60 33.30 -1.35 2.52
N ILE E 61 33.02 -0.29 3.28
CA ILE E 61 33.77 0.96 3.19
C ILE E 61 34.24 1.35 4.58
N PHE E 62 35.56 1.58 4.70
CA PHE E 62 36.18 2.03 5.95
C PHE E 62 35.99 3.53 6.10
N GLU E 63 35.26 3.92 7.14
CA GLU E 63 35.00 5.32 7.47
C GLU E 63 35.87 5.71 8.66
N ARG E 64 36.85 6.57 8.41
CA ARG E 64 37.76 6.99 9.47
C ARG E 64 37.99 8.50 9.44
N GLY E 65 37.09 9.26 8.82
CA GLY E 65 37.28 10.68 8.72
C GLY E 65 38.32 11.04 7.68
N HIS E 66 38.77 12.29 7.74
CA HIS E 66 39.67 12.86 6.75
C HIS E 66 40.78 13.62 7.45
N ALA E 67 41.85 13.87 6.69
CA ALA E 67 43.08 14.35 7.30
C ALA E 67 43.64 15.57 6.60
N ALA E 68 44.42 16.33 7.36
CA ALA E 68 45.24 17.42 6.87
C ALA E 68 46.69 16.99 6.98
N VAL E 69 47.47 17.27 5.94
CA VAL E 69 48.87 16.87 5.85
C VAL E 69 49.69 18.12 5.56
N LEU E 70 50.85 18.24 6.21
CA LEU E 70 51.71 19.39 6.00
C LEU E 70 53.13 18.96 5.63
N LEU E 71 53.62 19.47 4.50
CA LEU E 71 55.01 19.34 4.12
C LEU E 71 55.75 20.55 4.66
N PRO E 72 56.55 20.42 5.71
CA PRO E 72 57.28 21.58 6.24
C PRO E 72 58.54 21.83 5.42
N PHE E 73 58.57 22.95 4.71
CA PHE E 73 59.65 23.26 3.79
C PHE E 73 60.32 24.57 4.17
N ASP E 74 61.65 24.52 4.28
CA ASP E 74 62.48 25.69 4.57
C ASP E 74 63.07 26.15 3.24
N PRO E 75 62.53 27.20 2.61
CA PRO E 75 63.04 27.60 1.28
C PRO E 75 64.41 28.23 1.31
N VAL E 76 64.82 28.80 2.44
CA VAL E 76 66.15 29.38 2.52
C VAL E 76 67.22 28.30 2.50
N ARG E 77 67.03 27.24 3.28
CA ARG E 77 68.02 26.16 3.42
C ARG E 77 67.73 24.94 2.54
N ASP E 78 66.61 24.91 1.81
CA ASP E 78 66.26 23.77 0.98
C ASP E 78 66.22 22.49 1.83
N GLU E 79 65.52 22.58 2.94
CA GLU E 79 65.39 21.47 3.87
C GLU E 79 63.93 21.19 4.14
N VAL E 80 63.64 19.95 4.49
CA VAL E 80 62.30 19.54 4.89
C VAL E 80 62.38 18.89 6.27
N VAL E 81 61.28 18.99 7.01
CA VAL E 81 61.17 18.39 8.34
C VAL E 81 60.30 17.14 8.24
N LEU E 82 60.84 16.00 8.67
CA LEU E 82 60.13 14.74 8.73
C LEU E 82 59.89 14.36 10.18
N VAL E 83 58.89 13.51 10.40
CA VAL E 83 58.53 12.99 11.71
C VAL E 83 58.54 11.48 11.63
N GLU E 84 59.05 10.85 12.69
CA GLU E 84 59.17 9.40 12.79
C GLU E 84 58.29 8.92 13.93
N GLN E 85 57.45 7.92 13.65
CA GLN E 85 56.68 7.26 14.70
C GLN E 85 56.22 5.90 14.20
N ILE E 86 55.82 5.06 15.13
CA ILE E 86 55.40 3.71 14.76
C ILE E 86 54.01 3.76 14.15
N ARG E 87 53.82 3.03 13.06
CA ARG E 87 52.52 2.81 12.45
C ARG E 87 52.35 1.30 12.39
N ILE E 88 51.60 0.74 13.34
CA ILE E 88 51.60 -0.71 13.49
C ILE E 88 51.07 -1.39 12.22
N ALA E 89 50.20 -0.70 11.46
CA ALA E 89 49.63 -1.32 10.27
C ALA E 89 50.68 -1.62 9.21
N ALA E 90 51.83 -0.96 9.27
CA ALA E 90 52.91 -1.23 8.33
C ALA E 90 53.65 -2.51 8.64
N TYR E 91 53.45 -3.09 9.82
CA TYR E 91 54.29 -4.19 10.30
C TYR E 91 54.36 -5.34 9.30
N ASP E 92 53.22 -5.78 8.78
CA ASP E 92 53.22 -7.04 8.04
C ASP E 92 53.93 -6.94 6.69
N THR E 93 54.06 -5.76 6.10
CA THR E 93 54.63 -5.62 4.76
C THR E 93 55.87 -4.72 4.71
N SER E 94 56.41 -4.30 5.84
CA SER E 94 57.54 -3.37 5.88
C SER E 94 58.68 -3.92 6.73
N GLU E 95 59.88 -3.40 6.47
CA GLU E 95 61.03 -3.82 7.27
C GLU E 95 60.89 -3.37 8.71
N SER E 96 60.31 -2.19 8.92
CA SER E 96 60.07 -1.68 10.25
C SER E 96 58.74 -0.94 10.24
N PRO E 97 57.97 -1.03 11.31
CA PRO E 97 56.73 -0.23 11.39
C PRO E 97 56.97 1.23 11.72
N TRP E 98 58.21 1.62 12.04
CA TRP E 98 58.51 3.04 12.22
C TRP E 98 58.70 3.68 10.85
N LEU E 99 57.91 4.70 10.56
CA LEU E 99 57.92 5.36 9.27
C LEU E 99 58.38 6.81 9.41
N LEU E 100 59.02 7.30 8.35
CA LEU E 100 59.31 8.73 8.22
C LEU E 100 58.15 9.38 7.48
N GLU E 101 57.53 10.40 8.09
CA GLU E 101 56.28 10.91 7.60
C GLU E 101 56.23 12.43 7.59
N MET E 102 55.21 12.93 6.91
CA MET E 102 54.80 14.32 6.99
C MET E 102 54.04 14.52 8.30
N VAL E 103 54.04 15.77 8.78
CA VAL E 103 53.10 16.16 9.82
C VAL E 103 51.67 15.98 9.34
N ALA E 104 50.81 15.42 10.19
CA ALA E 104 49.43 15.16 9.77
C ALA E 104 48.53 15.01 10.99
N GLY E 105 47.25 15.29 10.78
CA GLY E 105 46.27 15.12 11.84
C GLY E 105 44.88 14.98 11.25
N MET E 106 43.99 14.38 12.04
CA MET E 106 42.60 14.22 11.65
C MET E 106 41.84 15.54 11.78
N ILE E 107 40.90 15.74 10.88
CA ILE E 107 40.06 16.94 10.84
C ILE E 107 38.74 16.62 11.50
N GLU E 108 38.41 17.34 12.56
CA GLU E 108 37.11 17.20 13.18
C GLU E 108 36.13 18.22 12.58
N ALA E 109 34.84 18.00 12.86
CA ALA E 109 33.79 18.84 12.29
C ALA E 109 34.04 20.31 12.60
N GLY E 110 33.90 21.16 11.58
CA GLY E 110 34.06 22.58 11.74
C GLY E 110 35.48 23.08 11.69
N GLU E 111 36.46 22.20 11.62
CA GLU E 111 37.86 22.60 11.54
C GLU E 111 38.27 22.74 10.08
N THR E 112 39.23 23.64 9.84
CA THR E 112 39.79 23.83 8.51
C THR E 112 41.05 22.99 8.36
N VAL E 113 41.38 22.65 7.11
CA VAL E 113 42.58 21.88 6.84
C VAL E 113 43.81 22.61 7.40
N GLU E 114 43.88 23.92 7.19
CA GLU E 114 45.07 24.66 7.59
C GLU E 114 45.18 24.73 9.10
N ASP E 115 44.05 24.89 9.79
CA ASP E 115 44.11 24.93 11.25
C ASP E 115 44.72 23.66 11.81
N VAL E 116 44.28 22.51 11.30
CA VAL E 116 44.81 21.25 11.78
C VAL E 116 46.29 21.15 11.44
N ALA E 117 46.66 21.53 10.21
CA ALA E 117 48.05 21.45 9.80
C ALA E 117 48.94 22.32 10.69
N ARG E 118 48.50 23.54 10.97
CA ARG E 118 49.30 24.42 11.82
C ARG E 118 49.38 23.89 13.24
N ARG E 119 48.26 23.41 13.77
CA ARG E 119 48.27 22.89 15.14
C ARG E 119 49.20 21.68 15.27
N GLU E 120 49.07 20.73 14.34
CA GLU E 120 49.89 19.53 14.43
C GLU E 120 51.37 19.85 14.23
N ALA E 121 51.68 20.80 13.36
CA ALA E 121 53.06 21.18 13.14
C ALA E 121 53.71 21.69 14.43
N LEU E 122 52.97 22.48 15.22
CA LEU E 122 53.52 23.02 16.45
C LEU E 122 53.66 21.94 17.52
N GLU E 123 52.64 21.10 17.69
CA GLU E 123 52.67 20.13 18.78
C GLU E 123 53.48 18.89 18.43
N GLU E 124 53.65 18.57 17.14
CA GLU E 124 54.43 17.41 16.74
C GLU E 124 55.89 17.76 16.45
N ALA E 125 56.16 19.02 16.09
CA ALA E 125 57.52 19.40 15.70
C ALA E 125 57.91 20.79 16.19
N GLY E 126 57.08 21.46 16.99
CA GLY E 126 57.41 22.80 17.46
C GLY E 126 57.58 23.82 16.37
N LEU E 127 56.91 23.66 15.23
CA LEU E 127 57.14 24.51 14.07
C LEU E 127 56.01 25.51 13.94
N GLU E 128 56.37 26.79 13.95
CA GLU E 128 55.47 27.86 13.51
C GLU E 128 55.50 27.90 11.99
N VAL E 129 54.33 28.00 11.37
CA VAL E 129 54.22 27.97 9.92
C VAL E 129 53.93 29.37 9.44
N GLY E 130 54.63 29.80 8.40
CA GLY E 130 54.38 31.08 7.79
C GLY E 130 53.36 30.96 6.68
N ARG E 131 53.78 31.24 5.46
CA ARG E 131 52.91 31.09 4.31
C ARG E 131 52.65 29.61 4.03
N THR E 132 51.51 29.34 3.41
CA THR E 132 51.15 27.99 2.98
C THR E 132 50.65 28.03 1.55
N LYS E 133 50.77 26.89 0.86
CA LYS E 133 50.22 26.72 -0.47
C LYS E 133 49.62 25.33 -0.51
N PRO E 134 48.47 25.15 -1.15
CA PRO E 134 47.94 23.80 -1.35
C PRO E 134 48.83 23.01 -2.31
N ILE E 135 49.06 21.75 -1.97
CA ILE E 135 49.73 20.82 -2.86
C ILE E 135 48.62 20.10 -3.62
N LEU E 136 47.99 19.13 -2.97
CA LEU E 136 46.95 18.33 -3.59
CA LEU E 136 46.85 18.47 -3.57
C LEU E 136 46.08 17.73 -2.50
N SER E 137 44.87 17.32 -2.87
CA SER E 137 43.97 16.60 -1.99
C SER E 137 43.60 15.29 -2.68
N TYR E 138 43.84 14.18 -2.01
CA TYR E 138 43.74 12.87 -2.65
C TYR E 138 42.97 11.87 -1.80
N LEU E 139 42.38 10.90 -2.48
CA LEU E 139 41.73 9.75 -1.88
C LEU E 139 42.77 8.65 -1.65
N ALA E 140 42.86 8.18 -0.41
CA ALA E 140 43.94 7.25 -0.04
C ALA E 140 43.82 5.92 -0.76
N SER E 141 42.59 5.35 -0.83
CA SER E 141 42.33 4.04 -1.41
C SER E 141 40.83 3.92 -1.68
N PRO E 142 40.33 4.57 -2.74
CA PRO E 142 38.87 4.79 -2.84
C PRO E 142 38.07 3.54 -3.17
N GLY E 143 38.73 2.40 -3.42
CA GLY E 143 38.00 1.15 -3.55
C GLY E 143 37.42 0.65 -2.24
N GLY E 144 38.03 1.04 -1.12
CA GLY E 144 37.64 0.50 0.16
C GLY E 144 37.56 1.47 1.34
N THR E 145 37.97 2.73 1.17
CA THR E 145 37.88 3.70 2.25
C THR E 145 37.52 5.06 1.66
N SER E 146 36.79 5.85 2.42
CA SER E 146 36.41 7.17 2.00
C SER E 146 37.48 8.22 2.26
N GLU E 147 38.58 7.85 2.91
CA GLU E 147 39.48 8.85 3.45
C GLU E 147 40.06 9.74 2.36
N ARG E 148 39.95 11.04 2.57
CA ARG E 148 40.61 12.06 1.79
C ARG E 148 41.62 12.76 2.67
N LEU E 149 42.80 13.03 2.11
CA LEU E 149 43.87 13.75 2.78
C LEU E 149 44.24 14.95 1.94
N SER E 150 44.29 16.12 2.58
CA SER E 150 44.58 17.38 1.92
C SER E 150 45.97 17.83 2.36
N ILE E 151 46.86 18.01 1.39
CA ILE E 151 48.24 18.34 1.66
C ILE E 151 48.46 19.81 1.40
N LEU E 152 49.13 20.48 2.33
CA LEU E 152 49.61 21.84 2.17
C LEU E 152 51.14 21.82 2.28
N VAL E 153 51.80 22.77 1.62
CA VAL E 153 53.21 23.03 1.89
C VAL E 153 53.28 24.24 2.80
N GLY E 154 54.13 24.17 3.82
CA GLY E 154 54.19 25.23 4.80
C GLY E 154 55.57 25.82 4.96
N GLU E 155 55.65 27.16 4.96
CA GLU E 155 56.93 27.86 5.12
C GLU E 155 57.38 27.76 6.58
N VAL E 156 58.55 27.19 6.82
CA VAL E 156 59.07 27.07 8.18
C VAL E 156 60.54 27.46 8.20
N ASP E 157 61.01 27.81 9.39
CA ASP E 157 62.43 28.00 9.67
C ASP E 157 62.94 26.68 10.25
N ALA E 158 63.69 25.93 9.45
CA ALA E 158 64.09 24.60 9.88
C ALA E 158 64.99 24.63 11.11
N SER E 159 65.65 25.76 11.38
CA SER E 159 66.49 25.85 12.57
C SER E 159 65.67 25.91 13.85
N THR E 160 64.36 26.12 13.75
CA THR E 160 63.49 26.17 14.93
C THR E 160 62.84 24.82 15.22
N ALA E 161 63.13 23.81 14.40
CA ALA E 161 62.50 22.49 14.55
C ALA E 161 63.16 21.74 15.69
N LYS E 162 62.34 21.30 16.65
CA LYS E 162 62.82 20.59 17.83
C LYS E 162 61.83 19.50 18.19
N GLY E 163 62.35 18.47 18.85
CA GLY E 163 61.48 17.44 19.41
C GLY E 163 60.76 17.97 20.65
N ILE E 164 59.44 17.85 20.66
CA ILE E 164 58.61 18.41 21.71
C ILE E 164 58.59 17.49 22.94
N GLU E 172 52.12 9.72 22.52
CA GLU E 172 52.64 9.88 21.18
C GLU E 172 54.15 10.03 21.20
N ASP E 173 54.86 8.97 20.79
CA ASP E 173 56.32 8.94 20.80
C ASP E 173 56.81 9.29 19.39
N ILE E 174 57.41 10.47 19.24
CA ILE E 174 57.70 11.07 17.96
C ILE E 174 59.13 11.58 17.95
N ARG E 175 59.82 11.37 16.84
CA ARG E 175 61.17 11.89 16.63
C ARG E 175 61.17 12.82 15.42
N VAL E 176 61.78 13.99 15.57
CA VAL E 176 61.85 14.97 14.49
C VAL E 176 63.18 14.86 13.77
N HIS E 177 63.14 14.81 12.44
CA HIS E 177 64.31 14.80 11.59
C HIS E 177 64.27 16.03 10.69
N VAL E 178 65.41 16.69 10.49
CA VAL E 178 65.54 17.77 9.52
C VAL E 178 66.54 17.31 8.46
N VAL E 179 66.12 17.26 7.20
CA VAL E 179 67.00 16.78 6.13
C VAL E 179 66.86 17.66 4.91
N SER E 180 67.89 17.62 4.06
CA SER E 180 67.83 18.34 2.81
C SER E 180 66.73 17.76 1.94
N ARG E 181 66.14 18.63 1.13
CA ARG E 181 65.19 18.16 0.13
C ARG E 181 65.77 17.04 -0.71
N GLU E 182 67.00 17.18 -1.14
CA GLU E 182 67.60 16.20 -2.04
C GLU E 182 67.64 14.83 -1.36
N GLN E 183 67.90 14.81 -0.06
CA GLN E 183 67.95 13.57 0.71
C GLN E 183 66.56 12.97 0.86
N ALA E 184 65.58 13.81 1.19
CA ALA E 184 64.23 13.29 1.38
C ALA E 184 63.72 12.64 0.09
N TYR E 185 63.96 13.28 -1.05
CA TYR E 185 63.50 12.69 -2.30
C TYR E 185 64.26 11.41 -2.61
N GLN E 186 65.56 11.37 -2.32
CA GLN E 186 66.34 10.16 -2.58
C GLN E 186 65.81 8.98 -1.78
N TRP E 187 65.31 9.23 -0.56
CA TRP E 187 64.75 8.15 0.24
C TRP E 187 63.42 7.65 -0.34
N VAL E 188 62.68 8.53 -1.00
CA VAL E 188 61.49 8.08 -1.73
C VAL E 188 61.89 7.12 -2.83
N GLU E 189 62.90 7.48 -3.61
CA GLU E 189 63.33 6.62 -4.71
C GLU E 189 63.82 5.28 -4.19
N GLU E 190 64.48 5.27 -3.05
CA GLU E 190 65.01 4.06 -2.46
C GLU E 190 63.97 3.26 -1.70
N GLY E 191 62.79 3.81 -1.47
CA GLY E 191 61.75 3.17 -0.71
C GLY E 191 61.82 3.37 0.79
N LYS E 192 62.79 4.12 1.30
CA LYS E 192 62.84 4.36 2.74
C LYS E 192 61.73 5.27 3.23
N ILE E 193 61.18 6.11 2.34
CA ILE E 193 59.94 6.84 2.59
C ILE E 193 58.91 6.24 1.63
N ASP E 194 57.85 5.62 2.17
CA ASP E 194 56.95 4.87 1.30
C ASP E 194 55.51 4.85 1.80
N ASN E 195 55.08 5.91 2.46
CA ASN E 195 53.67 6.14 2.75
C ASN E 195 53.13 7.23 1.81
N ALA E 196 51.87 7.06 1.39
CA ALA E 196 51.34 7.85 0.28
C ALA E 196 51.52 9.36 0.49
N ALA E 197 51.16 9.86 1.68
CA ALA E 197 51.19 11.30 1.90
C ALA E 197 52.58 11.89 1.66
N SER E 198 53.61 11.21 2.13
CA SER E 198 54.97 11.74 2.01
C SER E 198 55.50 11.57 0.60
N VAL E 199 55.21 10.45 -0.06
CA VAL E 199 55.62 10.28 -1.45
C VAL E 199 55.04 11.40 -2.30
N ILE E 200 53.73 11.62 -2.17
CA ILE E 200 53.05 12.63 -2.98
C ILE E 200 53.62 14.03 -2.69
N ALA E 201 53.80 14.35 -1.43
CA ALA E 201 54.29 15.69 -1.07
C ALA E 201 55.70 15.92 -1.60
N LEU E 202 56.56 14.91 -1.48
CA LEU E 202 57.96 15.03 -1.87
C LEU E 202 58.15 14.88 -3.37
N GLN E 203 57.31 14.09 -4.06
CA GLN E 203 57.35 14.13 -5.51
C GLN E 203 56.94 15.51 -6.00
N TRP E 204 55.93 16.11 -5.38
CA TRP E 204 55.49 17.45 -5.76
C TRP E 204 56.59 18.49 -5.54
N LEU E 205 57.23 18.42 -4.39
CA LEU E 205 58.32 19.37 -4.11
C LEU E 205 59.43 19.24 -5.15
N GLN E 206 59.78 18.02 -5.49
CA GLN E 206 60.80 17.81 -6.50
C GLN E 206 60.37 18.44 -7.81
N LEU E 207 59.06 18.49 -8.10
CA LEU E 207 58.61 19.14 -9.32
C LEU E 207 58.48 20.65 -9.17
N HIS E 208 58.34 21.16 -7.96
CA HIS E 208 57.98 22.55 -7.76
C HIS E 208 58.94 23.35 -6.91
N TYR E 209 60.01 22.75 -6.40
CA TYR E 209 60.82 23.47 -5.39
C TYR E 209 61.49 24.71 -5.97
N HIS E 210 61.91 24.68 -7.23
CA HIS E 210 62.59 25.85 -7.78
C HIS E 210 61.71 27.09 -7.68
N ASN E 211 60.48 27.00 -8.20
CA ASN E 211 59.58 28.14 -8.19
C ASN E 211 59.15 28.48 -6.77
N LEU E 212 58.96 27.46 -5.92
CA LEU E 212 58.55 27.72 -4.55
C LEU E 212 59.62 28.50 -3.79
N ARG E 213 60.89 28.17 -4.02
CA ARG E 213 61.96 28.91 -3.35
C ARG E 213 62.04 30.35 -3.82
N ASN E 214 61.87 30.58 -5.13
CA ASN E 214 61.88 31.95 -5.63
C ASN E 214 60.71 32.74 -5.07
N GLU E 215 59.53 32.12 -5.01
CA GLU E 215 58.35 32.84 -4.54
C GLU E 215 58.49 33.26 -3.08
N TRP E 216 59.07 32.39 -2.25
CA TRP E 216 59.14 32.63 -0.81
C TRP E 216 60.44 33.27 -0.35
N THR E 217 61.36 33.57 -1.26
CA THR E 217 62.60 34.28 -0.89
C THR E 217 62.69 35.66 -1.53
N PHE F 19 64.22 2.35 15.01
CA PHE F 19 63.80 1.06 15.54
C PHE F 19 63.34 0.11 14.43
N SER F 20 63.39 -1.20 14.72
CA SER F 20 62.99 -2.22 13.76
C SER F 20 61.92 -3.12 14.38
N LYS F 21 61.54 -4.18 13.65
CA LYS F 21 60.57 -5.13 14.21
C LYS F 21 61.08 -5.72 15.51
N ASN F 22 62.40 -5.75 15.68
CA ASN F 22 62.97 -6.24 16.92
C ASN F 22 62.52 -5.41 18.11
N ASP F 23 62.04 -4.19 17.87
CA ASP F 23 61.69 -3.24 18.94
C ASP F 23 60.19 -3.18 19.25
N VAL F 24 59.39 -4.12 18.76
CA VAL F 24 57.94 -4.07 18.97
C VAL F 24 57.42 -5.46 19.31
N GLU F 25 56.44 -5.52 20.19
CA GLU F 25 55.79 -6.75 20.63
C GLU F 25 54.30 -6.65 20.31
N ILE F 26 53.83 -7.42 19.34
CA ILE F 26 52.40 -7.53 19.06
C ILE F 26 51.82 -8.60 19.98
N ILE F 27 51.00 -8.17 20.95
CA ILE F 27 50.50 -9.08 21.96
C ILE F 27 49.41 -9.99 21.39
N ALA F 28 48.48 -9.41 20.65
CA ALA F 28 47.35 -10.14 20.10
C ALA F 28 46.71 -9.27 19.02
N ARG F 29 45.98 -9.93 18.12
CA ARG F 29 45.14 -9.26 17.13
C ARG F 29 43.72 -9.80 17.26
N GLU F 30 42.75 -8.89 17.27
CA GLU F 30 41.34 -9.24 17.47
CA GLU F 30 41.34 -9.24 17.46
C GLU F 30 40.56 -8.86 16.23
N THR F 31 39.90 -9.83 15.59
CA THR F 31 39.04 -9.52 14.47
C THR F 31 37.74 -8.94 15.02
N LEU F 32 37.49 -7.66 14.75
CA LEU F 32 36.29 -6.97 15.17
C LEU F 32 35.15 -7.17 14.17
N TYR F 33 35.48 -7.29 12.90
CA TYR F 33 34.49 -7.51 11.84
C TYR F 33 35.16 -8.33 10.75
N ARG F 34 34.45 -9.34 10.26
CA ARG F 34 34.90 -10.16 9.14
C ARG F 34 33.80 -10.18 8.11
N GLY F 35 34.07 -9.63 6.93
CA GLY F 35 33.15 -9.70 5.82
C GLY F 35 33.92 -10.01 4.56
N PHE F 36 33.73 -9.21 3.49
CA PHE F 36 34.64 -9.33 2.36
C PHE F 36 36.03 -8.90 2.78
N PHE F 37 36.11 -7.84 3.57
CA PHE F 37 37.32 -7.38 4.24
C PHE F 37 37.20 -7.66 5.74
N SER F 38 38.13 -7.12 6.50
CA SER F 38 38.14 -7.30 7.94
CA SER F 38 38.08 -7.28 7.94
C SER F 38 38.61 -6.01 8.59
N LEU F 39 38.23 -5.86 9.86
CA LEU F 39 38.74 -4.82 10.75
C LEU F 39 39.33 -5.53 11.95
N ASP F 40 40.63 -5.34 12.19
CA ASP F 40 41.33 -6.00 13.28
C ASP F 40 41.80 -4.99 14.32
N LEU F 41 41.79 -5.41 15.56
CA LEU F 41 42.33 -4.62 16.66
C LEU F 41 43.73 -5.17 16.95
N TYR F 42 44.75 -4.38 16.64
CA TYR F 42 46.13 -4.73 16.99
C TYR F 42 46.37 -4.36 18.44
N ARG F 43 46.94 -5.30 19.22
CA ARG F 43 47.34 -5.06 20.61
C ARG F 43 48.85 -5.26 20.70
N PHE F 44 49.59 -4.23 21.09
CA PHE F 44 51.04 -4.30 20.98
C PHE F 44 51.73 -3.37 21.97
N ARG F 45 53.02 -3.67 22.20
CA ARG F 45 53.93 -2.82 22.95
C ARG F 45 55.16 -2.53 22.09
N HIS F 46 55.74 -1.36 22.24
CA HIS F 46 56.88 -0.99 21.41
C HIS F 46 57.85 -0.14 22.21
N ARG F 47 59.11 -0.19 21.79
CA ARG F 47 60.16 0.59 22.46
C ARG F 47 60.01 2.07 22.15
N LEU F 48 60.44 2.88 23.11
CA LEU F 48 60.38 4.34 23.03
C LEU F 48 61.75 4.88 22.64
N PHE F 49 61.75 6.10 22.08
CA PHE F 49 62.98 6.65 21.52
C PHE F 49 64.04 6.88 22.61
N ASN F 50 63.63 7.22 23.84
CA ASN F 50 64.58 7.49 24.92
C ASN F 50 65.00 6.23 25.69
N GLY F 51 64.52 5.05 25.31
CA GLY F 51 65.00 3.78 25.84
C GLY F 51 63.92 2.95 26.51
N GLY F 52 62.91 3.57 27.12
CA GLY F 52 61.89 2.79 27.81
C GLY F 52 60.97 2.03 26.86
N MET F 53 59.99 1.35 27.45
CA MET F 53 58.98 0.59 26.72
C MET F 53 57.62 1.25 26.88
N SER F 54 56.84 1.29 25.81
CA SER F 54 55.49 1.82 25.89
C SER F 54 54.62 0.91 26.75
N GLY F 55 53.47 1.45 27.16
CA GLY F 55 52.40 0.64 27.68
C GLY F 55 51.72 -0.14 26.56
N GLU F 56 50.64 -0.80 26.93
CA GLU F 56 49.85 -1.57 25.96
C GLU F 56 49.00 -0.64 25.13
N ILE F 57 49.07 -0.79 23.81
CA ILE F 57 48.40 0.08 22.86
C ILE F 57 47.51 -0.78 21.98
N THR F 58 46.36 -0.21 21.59
CA THR F 58 45.43 -0.86 20.66
C THR F 58 45.12 0.05 19.49
N ARG F 59 45.00 -0.53 18.30
CA ARG F 59 44.71 0.20 17.07
C ARG F 59 43.74 -0.60 16.22
N GLU F 60 42.68 0.07 15.72
CA GLU F 60 41.80 -0.53 14.74
C GLU F 60 42.41 -0.41 13.35
N ILE F 61 42.58 -1.53 12.67
CA ILE F 61 43.28 -1.57 11.40
C ILE F 61 42.38 -2.26 10.37
N PHE F 62 42.15 -1.57 9.26
CA PHE F 62 41.40 -2.10 8.12
C PHE F 62 42.30 -3.02 7.31
N GLU F 63 41.91 -4.28 7.18
CA GLU F 63 42.69 -5.27 6.45
C GLU F 63 41.94 -5.64 5.18
N ARG F 64 42.57 -5.36 4.04
CA ARG F 64 41.94 -5.61 2.73
C ARG F 64 42.92 -6.19 1.74
N GLY F 65 44.00 -6.82 2.19
CA GLY F 65 44.96 -7.33 1.24
C GLY F 65 45.79 -6.21 0.62
N HIS F 66 46.46 -6.56 -0.49
CA HIS F 66 47.38 -5.67 -1.17
C HIS F 66 47.17 -5.79 -2.67
N ALA F 67 47.70 -4.80 -3.39
CA ALA F 67 47.36 -4.61 -4.79
C ALA F 67 48.61 -4.38 -5.63
N ALA F 68 48.44 -4.67 -6.93
CA ALA F 68 49.38 -4.34 -7.99
C ALA F 68 48.77 -3.27 -8.89
N VAL F 69 49.59 -2.27 -9.27
CA VAL F 69 49.13 -1.13 -10.06
C VAL F 69 49.99 -1.00 -11.31
N LEU F 70 49.38 -0.67 -12.44
CA LEU F 70 50.14 -0.49 -13.67
C LEU F 70 49.82 0.86 -14.30
N LEU F 71 50.87 1.65 -14.52
CA LEU F 71 50.76 2.87 -15.31
C LEU F 71 51.04 2.52 -16.77
N PRO F 72 50.03 2.49 -17.64
CA PRO F 72 50.31 2.19 -19.07
C PRO F 72 50.77 3.44 -19.78
N PHE F 73 52.02 3.41 -20.25
CA PHE F 73 52.68 4.55 -20.86
C PHE F 73 53.17 4.17 -22.25
N ASP F 74 52.80 4.99 -23.24
CA ASP F 74 53.27 4.86 -24.61
C ASP F 74 54.38 5.87 -24.85
N PRO F 75 55.65 5.44 -24.86
CA PRO F 75 56.73 6.43 -24.97
C PRO F 75 56.84 7.05 -26.36
N VAL F 76 56.37 6.36 -27.39
CA VAL F 76 56.41 6.90 -28.74
C VAL F 76 55.43 8.04 -28.91
N ARG F 77 54.19 7.85 -28.45
CA ARG F 77 53.13 8.84 -28.55
C ARG F 77 53.06 9.78 -27.35
N ASP F 78 53.79 9.50 -26.27
CA ASP F 78 53.75 10.30 -25.04
C ASP F 78 52.33 10.40 -24.50
N GLU F 79 51.66 9.25 -24.43
CA GLU F 79 50.29 9.13 -23.95
C GLU F 79 50.23 8.10 -22.84
N VAL F 80 49.21 8.22 -22.00
CA VAL F 80 48.89 7.23 -20.97
C VAL F 80 47.47 6.72 -21.21
N VAL F 81 47.20 5.54 -20.67
CA VAL F 81 45.88 4.92 -20.75
C VAL F 81 45.30 4.88 -19.34
N LEU F 82 44.12 5.44 -19.18
CA LEU F 82 43.41 5.47 -17.90
C LEU F 82 42.12 4.68 -18.00
N VAL F 83 41.67 4.13 -16.86
CA VAL F 83 40.42 3.41 -16.75
C VAL F 83 39.48 4.21 -15.86
N GLU F 84 38.22 4.36 -16.28
CA GLU F 84 37.23 5.14 -15.53
C GLU F 84 36.19 4.18 -14.97
N GLN F 85 35.95 4.24 -13.65
CA GLN F 85 34.88 3.44 -13.09
C GLN F 85 34.44 4.04 -11.76
N ILE F 86 33.24 3.66 -11.32
CA ILE F 86 32.70 4.27 -10.12
C ILE F 86 33.42 3.68 -8.90
N ARG F 87 33.77 4.55 -7.95
CA ARG F 87 34.30 4.18 -6.64
C ARG F 87 33.38 4.83 -5.61
N ILE F 88 32.45 4.08 -5.05
CA ILE F 88 31.40 4.73 -4.28
C ILE F 88 31.95 5.43 -3.03
N ALA F 89 33.06 4.94 -2.48
CA ALA F 89 33.64 5.58 -1.29
C ALA F 89 34.05 7.01 -1.56
N ALA F 90 34.23 7.40 -2.83
CA ALA F 90 34.57 8.78 -3.18
C ALA F 90 33.39 9.74 -3.05
N TYR F 91 32.17 9.23 -2.89
CA TYR F 91 30.96 10.03 -3.04
C TYR F 91 30.97 11.25 -2.13
N ASP F 92 31.29 11.06 -0.85
CA ASP F 92 31.09 12.10 0.16
C ASP F 92 32.05 13.27 0.03
N THR F 93 33.21 13.10 -0.63
CA THR F 93 34.18 14.19 -0.71
C THR F 93 34.52 14.55 -2.15
N SER F 94 33.79 14.03 -3.13
CA SER F 94 34.08 14.27 -4.53
C SER F 94 32.82 14.77 -5.24
N GLU F 95 33.01 15.54 -6.29
CA GLU F 95 31.86 15.93 -7.10
C GLU F 95 31.24 14.72 -7.80
N SER F 96 32.05 13.75 -8.20
CA SER F 96 31.53 12.54 -8.81
C SER F 96 32.30 11.32 -8.31
N PRO F 97 31.61 10.21 -8.03
CA PRO F 97 32.33 8.99 -7.63
C PRO F 97 32.99 8.23 -8.76
N TRP F 98 32.77 8.64 -10.00
CA TRP F 98 33.49 8.04 -11.13
C TRP F 98 34.90 8.67 -11.20
N LEU F 99 35.92 7.82 -11.10
CA LEU F 99 37.30 8.24 -11.02
C LEU F 99 38.09 7.80 -12.25
N LEU F 100 39.10 8.58 -12.61
CA LEU F 100 40.08 8.16 -13.59
C LEU F 100 41.26 7.52 -12.88
N GLU F 101 41.57 6.28 -13.23
CA GLU F 101 42.49 5.50 -12.41
C GLU F 101 43.50 4.74 -13.25
N MET F 102 44.52 4.24 -12.55
CA MET F 102 45.46 3.28 -13.12
C MET F 102 44.84 1.90 -13.16
N VAL F 103 45.30 1.08 -14.10
CA VAL F 103 44.98 -0.34 -14.05
C VAL F 103 45.48 -0.90 -12.73
N ALA F 104 44.66 -1.72 -12.08
CA ALA F 104 45.04 -2.24 -10.77
C ALA F 104 44.23 -3.48 -10.44
N GLY F 105 44.81 -4.34 -9.60
CA GLY F 105 44.12 -5.52 -9.13
C GLY F 105 44.71 -6.02 -7.84
N MET F 106 43.90 -6.74 -7.08
CA MET F 106 44.38 -7.31 -5.82
C MET F 106 45.32 -8.47 -6.09
N ILE F 107 46.27 -8.67 -5.17
CA ILE F 107 47.25 -9.73 -5.25
C ILE F 107 46.81 -10.89 -4.36
N GLU F 108 46.60 -12.05 -4.96
CA GLU F 108 46.27 -13.24 -4.20
C GLU F 108 47.56 -13.99 -3.87
N ALA F 109 47.45 -14.92 -2.92
CA ALA F 109 48.61 -15.65 -2.45
C ALA F 109 49.34 -16.34 -3.59
N GLY F 110 50.67 -16.21 -3.61
CA GLY F 110 51.50 -16.85 -4.60
C GLY F 110 51.62 -16.13 -5.93
N GLU F 111 50.88 -15.05 -6.14
CA GLU F 111 50.98 -14.29 -7.38
C GLU F 111 52.04 -13.22 -7.25
N THR F 112 52.63 -12.85 -8.37
CA THR F 112 53.60 -11.76 -8.41
C THR F 112 52.91 -10.46 -8.84
N VAL F 113 53.53 -9.35 -8.46
CA VAL F 113 53.03 -8.04 -8.86
C VAL F 113 52.94 -7.91 -10.38
N GLU F 114 53.98 -8.36 -11.08
CA GLU F 114 54.00 -8.18 -12.53
C GLU F 114 52.92 -9.01 -13.21
N ASP F 115 52.67 -10.22 -12.71
CA ASP F 115 51.65 -11.07 -13.30
C ASP F 115 50.28 -10.41 -13.22
N VAL F 116 49.94 -9.87 -12.04
CA VAL F 116 48.66 -9.20 -11.86
C VAL F 116 48.58 -7.96 -12.73
N ALA F 117 49.65 -7.18 -12.76
CA ALA F 117 49.63 -5.94 -13.53
C ALA F 117 49.39 -6.23 -15.01
N ARG F 118 50.07 -7.25 -15.55
CA ARG F 118 49.91 -7.59 -16.96
C ARG F 118 48.53 -8.17 -17.26
N ARG F 119 48.01 -9.02 -16.35
CA ARG F 119 46.69 -9.58 -16.55
C ARG F 119 45.62 -8.49 -16.53
N GLU F 120 45.70 -7.58 -15.56
CA GLU F 120 44.69 -6.52 -15.44
C GLU F 120 44.76 -5.57 -16.63
N ALA F 121 45.97 -5.27 -17.11
CA ALA F 121 46.09 -4.40 -18.27
C ALA F 121 45.37 -4.99 -19.48
N LEU F 122 45.49 -6.31 -19.65
CA LEU F 122 44.81 -6.95 -20.77
C LEU F 122 43.30 -6.99 -20.55
N GLU F 123 42.87 -7.19 -19.31
CA GLU F 123 41.44 -7.38 -19.04
C GLU F 123 40.68 -6.08 -18.86
N GLU F 124 41.23 -5.10 -18.14
CA GLU F 124 40.55 -3.82 -17.94
C GLU F 124 40.70 -2.86 -19.12
N ALA F 125 41.74 -3.01 -19.95
CA ALA F 125 41.98 -2.05 -21.01
C ALA F 125 42.39 -2.66 -22.33
N GLY F 126 42.39 -3.99 -22.46
CA GLY F 126 42.75 -4.62 -23.72
C GLY F 126 44.16 -4.33 -24.20
N LEU F 127 45.06 -4.08 -23.26
CA LEU F 127 46.41 -3.64 -23.57
C LEU F 127 47.38 -4.80 -23.42
N GLU F 128 48.13 -5.08 -24.50
CA GLU F 128 49.32 -5.90 -24.40
C GLU F 128 50.48 -5.03 -23.91
N VAL F 129 51.22 -5.53 -22.93
CA VAL F 129 52.26 -4.78 -22.26
C VAL F 129 53.60 -5.31 -22.76
N GLY F 130 54.51 -4.39 -23.09
CA GLY F 130 55.85 -4.79 -23.45
C GLY F 130 56.74 -4.87 -22.23
N ARG F 131 57.72 -3.98 -22.13
CA ARG F 131 58.58 -3.92 -20.96
C ARG F 131 57.86 -3.32 -19.76
N THR F 132 58.33 -3.69 -18.58
CA THR F 132 57.86 -3.09 -17.34
C THR F 132 59.05 -2.69 -16.49
N LYS F 133 58.85 -1.67 -15.65
CA LYS F 133 59.82 -1.23 -14.66
C LYS F 133 59.06 -0.92 -13.39
N PRO F 134 59.63 -1.24 -12.21
CA PRO F 134 59.02 -0.81 -10.96
C PRO F 134 59.02 0.71 -10.86
N ILE F 135 57.93 1.26 -10.35
CA ILE F 135 57.89 2.69 -10.00
C ILE F 135 58.18 2.80 -8.50
N LEU F 136 57.21 2.44 -7.67
CA LEU F 136 57.33 2.54 -6.22
CA LEU F 136 57.44 2.38 -6.24
C LEU F 136 56.27 1.65 -5.59
N SER F 137 56.48 1.30 -4.32
CA SER F 137 55.52 0.52 -3.53
C SER F 137 55.24 1.32 -2.26
N TYR F 138 53.95 1.59 -1.98
CA TYR F 138 53.61 2.51 -0.93
C TYR F 138 52.50 1.96 -0.05
N LEU F 139 52.46 2.47 1.17
CA LEU F 139 51.37 2.24 2.12
C LEU F 139 50.30 3.30 1.91
N ALA F 140 49.06 2.87 1.66
CA ALA F 140 48.02 3.83 1.27
C ALA F 140 47.69 4.82 2.40
N SER F 141 47.59 4.35 3.61
CA SER F 141 47.21 5.24 4.71
C SER F 141 47.53 4.50 6.00
N PRO F 142 48.81 4.41 6.37
CA PRO F 142 49.25 3.42 7.36
C PRO F 142 48.80 3.71 8.78
N GLY F 143 48.11 4.83 9.02
CA GLY F 143 47.57 5.06 10.34
C GLY F 143 46.42 4.13 10.68
N GLY F 144 45.72 3.61 9.66
CA GLY F 144 44.52 2.85 9.87
C GLY F 144 44.30 1.65 8.96
N THR F 145 45.16 1.47 7.96
CA THR F 145 45.03 0.33 7.05
C THR F 145 46.41 -0.19 6.72
N SER F 146 46.49 -1.51 6.54
CA SER F 146 47.73 -2.18 6.20
C SER F 146 48.03 -2.15 4.71
N GLU F 147 47.12 -1.62 3.90
CA GLU F 147 47.19 -1.85 2.46
C GLU F 147 48.46 -1.26 1.87
N ARG F 148 49.19 -2.10 1.14
CA ARG F 148 50.34 -1.70 0.34
C ARG F 148 50.00 -1.88 -1.14
N LEU F 149 50.41 -0.92 -1.97
CA LEU F 149 50.19 -0.97 -3.41
C LEU F 149 51.53 -0.84 -4.12
N SER F 150 51.78 -1.73 -5.06
CA SER F 150 53.04 -1.75 -5.79
C SER F 150 52.80 -1.37 -7.25
N ILE F 151 53.47 -0.32 -7.70
CA ILE F 151 53.23 0.28 -9.00
C ILE F 151 54.33 -0.12 -9.96
N LEU F 152 53.93 -0.47 -11.18
CA LEU F 152 54.82 -0.64 -12.31
C LEU F 152 54.42 0.33 -13.41
N VAL F 153 55.38 0.74 -14.21
CA VAL F 153 55.12 1.41 -15.49
C VAL F 153 55.23 0.35 -16.58
N GLY F 154 54.29 0.38 -17.52
CA GLY F 154 54.24 -0.63 -18.56
C GLY F 154 54.21 -0.06 -19.95
N GLU F 155 55.04 -0.61 -20.84
CA GLU F 155 55.11 -0.15 -22.21
C GLU F 155 53.91 -0.63 -23.02
N VAL F 156 53.14 0.30 -23.55
CA VAL F 156 51.98 -0.04 -24.36
C VAL F 156 51.94 0.84 -25.60
N ASP F 157 51.18 0.39 -26.59
CA ASP F 157 50.82 1.18 -27.76
C ASP F 157 49.42 1.73 -27.45
N ALA F 158 49.34 3.02 -27.12
CA ALA F 158 48.07 3.57 -26.65
C ALA F 158 46.99 3.55 -27.73
N SER F 159 47.36 3.46 -29.00
CA SER F 159 46.35 3.41 -30.03
C SER F 159 45.59 2.09 -30.05
N THR F 160 46.08 1.07 -29.33
CA THR F 160 45.44 -0.24 -29.26
C THR F 160 44.51 -0.39 -28.06
N ALA F 161 44.34 0.65 -27.25
CA ALA F 161 43.56 0.54 -26.02
C ALA F 161 42.08 0.39 -26.35
N LYS F 162 41.44 -0.64 -25.78
CA LYS F 162 40.03 -0.91 -26.04
C LYS F 162 39.36 -1.47 -24.79
N GLY F 163 38.15 -1.01 -24.53
CA GLY F 163 37.41 -1.47 -23.37
C GLY F 163 37.19 -2.97 -23.42
N GLU F 172 31.60 -5.01 -13.28
CA GLU F 172 32.56 -3.95 -13.56
C GLU F 172 32.22 -3.22 -14.86
N ASP F 173 31.82 -1.96 -14.76
CA ASP F 173 31.47 -1.12 -15.91
C ASP F 173 32.60 -0.09 -16.03
N ILE F 174 33.40 -0.21 -17.10
CA ILE F 174 34.66 0.51 -17.21
C ILE F 174 34.75 1.21 -18.56
N ARG F 175 35.26 2.43 -18.56
CA ARG F 175 35.52 3.19 -19.78
C ARG F 175 37.01 3.46 -19.89
N VAL F 176 37.60 3.18 -21.07
CA VAL F 176 39.03 3.36 -21.28
C VAL F 176 39.26 4.70 -21.94
N HIS F 177 40.23 5.43 -21.42
CA HIS F 177 40.63 6.75 -21.91
C HIS F 177 42.10 6.75 -22.35
N VAL F 178 42.38 7.41 -23.45
CA VAL F 178 43.74 7.66 -23.91
C VAL F 178 43.96 9.17 -23.85
N VAL F 179 44.98 9.59 -23.13
CA VAL F 179 45.27 11.02 -22.98
C VAL F 179 46.77 11.24 -23.03
N SER F 180 47.17 12.44 -23.44
CA SER F 180 48.58 12.79 -23.43
C SER F 180 49.10 12.81 -22.00
N ARG F 181 50.40 12.55 -21.85
CA ARG F 181 51.01 12.67 -20.53
C ARG F 181 50.80 14.07 -19.97
N GLU F 182 51.03 15.11 -20.78
CA GLU F 182 50.93 16.47 -20.27
C GLU F 182 49.52 16.78 -19.77
N GLN F 183 48.50 16.32 -20.49
CA GLN F 183 47.13 16.52 -20.04
C GLN F 183 46.84 15.72 -18.76
N ALA F 184 47.26 14.46 -18.72
CA ALA F 184 47.03 13.65 -17.53
C ALA F 184 47.71 14.26 -16.31
N TYR F 185 48.92 14.79 -16.48
CA TYR F 185 49.58 15.41 -15.34
C TYR F 185 48.86 16.68 -14.90
N GLN F 186 48.46 17.50 -15.87
CA GLN F 186 47.64 18.68 -15.59
C GLN F 186 46.39 18.34 -14.79
N TRP F 187 45.70 17.24 -15.15
CA TRP F 187 44.53 16.82 -14.38
C TRP F 187 44.88 16.49 -12.94
N VAL F 188 46.09 15.96 -12.71
CA VAL F 188 46.55 15.80 -11.33
C VAL F 188 46.67 17.16 -10.65
N GLU F 189 47.30 18.11 -11.34
CA GLU F 189 47.48 19.44 -10.75
C GLU F 189 46.13 20.11 -10.50
N GLU F 190 45.17 19.89 -11.38
CA GLU F 190 43.84 20.48 -11.25
C GLU F 190 42.93 19.74 -10.29
N GLY F 191 43.30 18.55 -9.82
CA GLY F 191 42.46 17.76 -8.94
C GLY F 191 41.47 16.83 -9.63
N LYS F 192 41.46 16.75 -10.95
CA LYS F 192 40.54 15.86 -11.65
C LYS F 192 40.95 14.41 -11.51
N ILE F 193 42.24 14.18 -11.33
CA ILE F 193 42.78 12.89 -10.95
C ILE F 193 43.28 13.11 -9.53
N ASP F 194 42.68 12.41 -8.57
CA ASP F 194 43.00 12.67 -7.16
C ASP F 194 42.89 11.41 -6.31
N ASN F 195 43.20 10.26 -6.88
CA ASN F 195 43.39 9.04 -6.12
C ASN F 195 44.88 8.74 -6.03
N ALA F 196 45.29 8.20 -4.90
CA ALA F 196 46.73 8.12 -4.58
C ALA F 196 47.53 7.39 -5.65
N ALA F 197 47.08 6.22 -6.10
CA ALA F 197 47.89 5.45 -7.03
C ALA F 197 48.17 6.25 -8.29
N SER F 198 47.16 6.94 -8.81
CA SER F 198 47.34 7.65 -10.07
C SER F 198 48.18 8.89 -9.87
N VAL F 199 48.00 9.56 -8.74
CA VAL F 199 48.80 10.73 -8.42
C VAL F 199 50.28 10.36 -8.34
N ILE F 200 50.58 9.31 -7.57
CA ILE F 200 51.96 8.87 -7.41
C ILE F 200 52.55 8.44 -8.74
N ALA F 201 51.78 7.65 -9.50
CA ALA F 201 52.29 7.16 -10.78
C ALA F 201 52.58 8.29 -11.75
N LEU F 202 51.65 9.24 -11.85
CA LEU F 202 51.81 10.30 -12.85
C LEU F 202 52.83 11.35 -12.41
N GLN F 203 52.94 11.60 -11.11
CA GLN F 203 54.02 12.46 -10.66
C GLN F 203 55.36 11.80 -10.98
N TRP F 204 55.47 10.48 -10.77
CA TRP F 204 56.69 9.77 -11.11
C TRP F 204 57.00 9.88 -12.59
N LEU F 205 55.99 9.70 -13.43
CA LEU F 205 56.20 9.81 -14.88
C LEU F 205 56.68 11.20 -15.26
N GLN F 206 56.08 12.24 -14.66
CA GLN F 206 56.52 13.61 -14.97
C GLN F 206 57.99 13.81 -14.62
N LEU F 207 58.47 13.12 -13.58
CA LEU F 207 59.86 13.26 -13.18
C LEU F 207 60.80 12.37 -13.98
N HIS F 208 60.28 11.32 -14.63
CA HIS F 208 61.14 10.32 -15.25
C HIS F 208 60.87 10.09 -16.73
N TYR F 209 59.91 10.78 -17.34
CA TYR F 209 59.53 10.38 -18.69
C TYR F 209 60.70 10.56 -19.66
N HIS F 210 61.53 11.58 -19.45
CA HIS F 210 62.63 11.83 -20.39
C HIS F 210 63.55 10.62 -20.50
N ASN F 211 64.04 10.12 -19.36
CA ASN F 211 64.91 8.95 -19.40
C ASN F 211 64.15 7.70 -19.85
N LEU F 212 62.89 7.57 -19.45
CA LEU F 212 62.14 6.39 -19.81
C LEU F 212 61.93 6.31 -21.32
N ARG F 213 61.60 7.44 -21.95
CA ARG F 213 61.44 7.47 -23.41
C ARG F 213 62.73 7.11 -24.12
N ASN F 214 63.86 7.60 -23.62
CA ASN F 214 65.14 7.20 -24.20
C ASN F 214 65.39 5.71 -24.01
N GLU F 215 65.10 5.19 -22.80
CA GLU F 215 65.39 3.79 -22.52
C GLU F 215 64.52 2.85 -23.37
N TRP F 216 63.27 3.22 -23.61
CA TRP F 216 62.35 2.31 -24.29
C TRP F 216 62.27 2.56 -25.80
N THR F 217 63.08 3.45 -26.34
CA THR F 217 63.13 3.66 -27.79
C THR F 217 64.48 3.24 -28.35
N GLY G 16 -11.39 -5.17 -45.81
CA GLY G 16 -11.27 -5.65 -44.44
C GLY G 16 -12.43 -6.49 -43.93
N ILE G 17 -12.91 -6.17 -42.73
CA ILE G 17 -14.00 -6.92 -42.12
C ILE G 17 -15.29 -6.73 -42.91
N THR G 18 -16.14 -7.75 -42.88
CA THR G 18 -17.41 -7.72 -43.60
C THR G 18 -18.59 -7.29 -42.74
N PHE G 19 -18.68 -7.80 -41.52
CA PHE G 19 -19.86 -7.69 -40.68
C PHE G 19 -19.63 -6.76 -39.50
N SER G 20 -20.73 -6.24 -38.97
CA SER G 20 -20.76 -5.30 -37.87
C SER G 20 -21.62 -5.88 -36.75
N LYS G 21 -21.82 -5.09 -35.69
CA LYS G 21 -22.56 -5.57 -34.53
C LYS G 21 -24.01 -5.91 -34.86
N ASN G 22 -24.60 -5.23 -35.84
CA ASN G 22 -25.96 -5.56 -36.22
C ASN G 22 -26.08 -6.96 -36.79
N ASP G 23 -24.96 -7.59 -37.18
CA ASP G 23 -24.97 -8.91 -37.79
C ASP G 23 -24.83 -10.04 -36.79
N VAL G 24 -24.93 -9.74 -35.51
CA VAL G 24 -24.87 -10.76 -34.47
C VAL G 24 -25.94 -10.44 -33.43
N GLU G 25 -26.52 -11.49 -32.89
CA GLU G 25 -27.57 -11.41 -31.89
C GLU G 25 -27.06 -12.12 -30.64
N ILE G 26 -26.76 -11.38 -29.60
CA ILE G 26 -26.40 -11.98 -28.32
C ILE G 26 -27.71 -12.30 -27.59
N ILE G 27 -28.02 -13.59 -27.47
CA ILE G 27 -29.30 -14.00 -26.91
C ILE G 27 -29.29 -13.89 -25.39
N ALA G 28 -28.20 -14.29 -24.75
CA ALA G 28 -28.15 -14.27 -23.31
C ALA G 28 -26.68 -14.37 -22.92
N ARG G 29 -26.40 -13.92 -21.70
CA ARG G 29 -25.10 -14.11 -21.05
C ARG G 29 -25.38 -14.77 -19.72
N GLU G 30 -24.91 -15.98 -19.54
CA GLU G 30 -25.23 -16.77 -18.37
C GLU G 30 -24.01 -16.80 -17.47
N THR G 31 -24.23 -16.57 -16.18
CA THR G 31 -23.15 -16.62 -15.21
C THR G 31 -22.73 -18.05 -14.95
N LEU G 32 -21.48 -18.38 -15.27
CA LEU G 32 -20.95 -19.69 -14.94
C LEU G 32 -20.22 -19.69 -13.60
N TYR G 33 -19.50 -18.60 -13.30
CA TYR G 33 -18.76 -18.44 -12.06
C TYR G 33 -18.69 -16.96 -11.76
N ARG G 34 -18.95 -16.58 -10.51
CA ARG G 34 -18.83 -15.20 -10.06
C ARG G 34 -17.94 -15.19 -8.82
N GLY G 35 -16.77 -14.55 -8.93
CA GLY G 35 -15.92 -14.37 -7.78
C GLY G 35 -15.29 -12.99 -7.86
N PHE G 36 -13.97 -12.91 -7.67
CA PHE G 36 -13.30 -11.64 -7.99
C PHE G 36 -13.41 -11.37 -9.47
N PHE G 37 -13.23 -12.39 -10.28
CA PHE G 37 -13.48 -12.36 -11.71
C PHE G 37 -14.77 -13.13 -12.00
N SER G 38 -15.15 -13.14 -13.27
CA SER G 38 -16.34 -13.86 -13.71
C SER G 38 -16.03 -14.69 -14.94
N LEU G 39 -16.83 -15.74 -15.11
CA LEU G 39 -16.85 -16.54 -16.34
C LEU G 39 -18.30 -16.58 -16.79
N ASP G 40 -18.56 -16.07 -18.00
CA ASP G 40 -19.88 -15.94 -18.58
C ASP G 40 -20.00 -16.86 -19.79
N LEU G 41 -21.21 -17.39 -19.98
CA LEU G 41 -21.52 -18.13 -21.20
C LEU G 41 -22.30 -17.18 -22.11
N TYR G 42 -21.67 -16.74 -23.18
CA TYR G 42 -22.35 -15.99 -24.21
C TYR G 42 -23.12 -16.97 -25.09
N ARG G 43 -24.40 -16.70 -25.31
CA ARG G 43 -25.23 -17.45 -26.23
C ARG G 43 -25.62 -16.49 -27.34
N PHE G 44 -25.28 -16.82 -28.58
CA PHE G 44 -25.43 -15.83 -29.62
C PHE G 44 -25.63 -16.53 -30.95
N ARG G 45 -26.16 -15.77 -31.91
CA ARG G 45 -26.25 -16.19 -33.30
C ARG G 45 -25.63 -15.09 -34.13
N HIS G 46 -25.01 -15.46 -35.24
CA HIS G 46 -24.30 -14.47 -36.02
C HIS G 46 -24.39 -14.79 -37.50
N ARG G 47 -24.24 -13.75 -38.32
CA ARG G 47 -24.35 -13.91 -39.77
C ARG G 47 -23.15 -14.69 -40.31
N LEU G 48 -23.40 -15.45 -41.37
CA LEU G 48 -22.41 -16.32 -41.98
C LEU G 48 -21.88 -15.69 -43.26
N PHE G 49 -20.63 -16.02 -43.58
CA PHE G 49 -20.04 -15.44 -44.78
C PHE G 49 -20.82 -15.79 -46.03
N ASN G 50 -21.35 -17.01 -46.09
CA ASN G 50 -22.10 -17.47 -47.24
C ASN G 50 -23.59 -17.10 -47.16
N GLY G 51 -24.01 -16.39 -46.13
CA GLY G 51 -25.39 -15.98 -46.10
C GLY G 51 -26.16 -16.69 -45.01
N GLY G 52 -27.16 -16.00 -44.48
CA GLY G 52 -27.93 -16.58 -43.40
C GLY G 52 -27.31 -16.35 -42.04
N MET G 53 -27.99 -16.90 -41.03
CA MET G 53 -27.60 -16.80 -39.64
C MET G 53 -27.14 -18.17 -39.12
N SER G 54 -26.15 -18.15 -38.24
CA SER G 54 -25.77 -19.37 -37.56
C SER G 54 -26.90 -19.85 -36.66
N GLY G 55 -26.80 -21.10 -36.24
CA GLY G 55 -27.60 -21.59 -35.13
C GLY G 55 -27.06 -20.98 -33.85
N GLU G 56 -27.67 -21.35 -32.74
CA GLU G 56 -27.21 -20.81 -31.46
C GLU G 56 -25.82 -21.34 -31.16
N ILE G 57 -24.89 -20.43 -30.85
CA ILE G 57 -23.51 -20.77 -30.51
C ILE G 57 -23.30 -20.37 -29.05
N THR G 58 -22.51 -21.16 -28.31
CA THR G 58 -22.17 -20.81 -26.94
C THR G 58 -20.65 -20.78 -26.77
N ARG G 59 -20.20 -19.81 -25.98
CA ARG G 59 -18.78 -19.60 -25.71
C ARG G 59 -18.62 -19.19 -24.25
N GLU G 60 -17.69 -19.84 -23.57
CA GLU G 60 -17.28 -19.44 -22.22
C GLU G 60 -16.26 -18.33 -22.33
N ILE G 61 -16.52 -17.22 -21.66
CA ILE G 61 -15.71 -16.01 -21.78
C ILE G 61 -15.28 -15.58 -20.38
N PHE G 62 -13.98 -15.42 -20.20
CA PHE G 62 -13.40 -14.93 -18.97
C PHE G 62 -13.55 -13.41 -18.93
N GLU G 63 -14.22 -12.91 -17.89
CA GLU G 63 -14.52 -11.49 -17.76
C GLU G 63 -13.81 -10.94 -16.53
N ARG G 64 -12.84 -10.05 -16.76
CA ARG G 64 -12.05 -9.49 -15.67
C ARG G 64 -11.84 -7.98 -15.84
N GLY G 65 -12.72 -7.29 -16.56
CA GLY G 65 -12.48 -5.88 -16.78
C GLY G 65 -11.37 -5.63 -17.79
N HIS G 66 -10.89 -4.38 -17.80
CA HIS G 66 -9.93 -3.90 -18.79
C HIS G 66 -8.84 -3.11 -18.07
N ALA G 67 -7.73 -2.91 -18.77
CA ALA G 67 -6.53 -2.42 -18.11
C ALA G 67 -5.92 -1.27 -18.90
N ALA G 68 -5.18 -0.46 -18.16
CA ALA G 68 -4.32 0.58 -18.68
C ALA G 68 -2.88 0.16 -18.47
N VAL G 69 -2.03 0.35 -19.48
CA VAL G 69 -0.62 -0.03 -19.47
C VAL G 69 0.20 1.21 -19.80
N LEU G 70 1.31 1.39 -19.09
CA LEU G 70 2.19 2.53 -19.32
C LEU G 70 3.60 2.03 -19.59
N LEU G 71 4.15 2.42 -20.74
CA LEU G 71 5.56 2.22 -21.05
C LEU G 71 6.28 3.47 -20.58
N PRO G 72 7.02 3.42 -19.49
CA PRO G 72 7.72 4.63 -19.03
C PRO G 72 9.05 4.75 -19.79
N PHE G 73 9.17 5.79 -20.60
CA PHE G 73 10.31 6.00 -21.49
C PHE G 73 10.97 7.33 -21.17
N ASP G 74 12.29 7.30 -20.97
CA ASP G 74 13.10 8.49 -20.74
C ASP G 74 13.73 8.86 -22.06
N PRO G 75 13.22 9.87 -22.78
CA PRO G 75 13.76 10.18 -24.11
C PRO G 75 15.13 10.83 -24.07
N VAL G 76 15.49 11.47 -22.96
CA VAL G 76 16.81 12.07 -22.85
C VAL G 76 17.88 10.99 -22.79
N ARG G 77 17.64 9.98 -21.96
CA ARG G 77 18.63 8.93 -21.74
C ARG G 77 18.39 7.68 -22.58
N ASP G 78 17.30 7.59 -23.33
CA ASP G 78 16.97 6.38 -24.10
C ASP G 78 16.90 5.16 -23.18
N GLU G 79 16.15 5.29 -22.08
CA GLU G 79 16.01 4.25 -21.10
C GLU G 79 14.53 3.99 -20.85
N VAL G 80 14.25 2.77 -20.41
CA VAL G 80 12.91 2.32 -20.07
CA VAL G 80 12.90 2.36 -20.06
C VAL G 80 12.90 1.90 -18.61
N VAL G 81 11.77 2.09 -17.95
CA VAL G 81 11.57 1.68 -16.57
C VAL G 81 10.67 0.46 -16.60
N LEU G 82 11.15 -0.65 -16.06
CA LEU G 82 10.37 -1.88 -15.95
C LEU G 82 10.02 -2.08 -14.49
N VAL G 83 8.96 -2.86 -14.24
CA VAL G 83 8.64 -3.30 -12.89
C VAL G 83 8.65 -4.82 -12.83
N GLU G 84 9.15 -5.35 -11.73
CA GLU G 84 9.21 -6.78 -11.48
C GLU G 84 8.22 -7.15 -10.38
N GLN G 85 7.40 -8.17 -10.64
CA GLN G 85 6.56 -8.70 -9.57
C GLN G 85 6.14 -10.13 -9.94
N ILE G 86 5.68 -10.87 -8.95
CA ILE G 86 5.30 -12.27 -9.14
C ILE G 86 3.95 -12.32 -9.84
N ARG G 87 3.84 -13.20 -10.85
CA ARG G 87 2.57 -13.50 -11.52
C ARG G 87 2.42 -15.02 -11.46
N ILE G 88 1.65 -15.51 -10.49
CA ILE G 88 1.67 -16.94 -10.19
C ILE G 88 1.17 -17.71 -11.41
N ALA G 89 0.32 -17.08 -12.23
CA ALA G 89 -0.23 -17.77 -13.40
C ALA G 89 0.85 -18.13 -14.42
N ALA G 90 2.00 -17.45 -14.38
CA ALA G 90 3.11 -17.79 -15.25
C ALA G 90 3.86 -19.04 -14.80
N TYR G 91 3.62 -19.51 -13.58
CA TYR G 91 4.46 -20.52 -12.97
C TYR G 91 4.62 -21.75 -13.86
N ASP G 92 3.51 -22.26 -14.42
CA ASP G 92 3.56 -23.56 -15.04
C ASP G 92 4.35 -23.59 -16.36
N THR G 93 4.51 -22.45 -17.04
CA THR G 93 5.17 -22.47 -18.35
C THR G 93 6.42 -21.59 -18.41
N SER G 94 6.88 -21.04 -17.28
CA SER G 94 7.97 -20.07 -17.27
C SER G 94 9.07 -20.53 -16.33
N GLU G 95 10.29 -20.05 -16.59
CA GLU G 95 11.38 -20.37 -15.67
C GLU G 95 11.14 -19.77 -14.31
N SER G 96 10.53 -18.59 -14.24
CA SER G 96 10.23 -18.00 -12.96
C SER G 96 8.89 -17.28 -13.06
N PRO G 97 8.09 -17.30 -12.00
CA PRO G 97 6.85 -16.51 -12.04
C PRO G 97 7.07 -15.02 -11.82
N TRP G 98 8.28 -14.60 -11.43
CA TRP G 98 8.58 -13.16 -11.37
C TRP G 98 8.84 -12.67 -12.79
N LEU G 99 8.07 -11.68 -13.22
CA LEU G 99 8.15 -11.16 -14.58
C LEU G 99 8.64 -9.73 -14.55
N LEU G 100 9.33 -9.34 -15.61
CA LEU G 100 9.60 -7.95 -15.93
C LEU G 100 8.47 -7.44 -16.82
N GLU G 101 7.80 -6.38 -16.38
CA GLU G 101 6.54 -5.93 -16.96
C GLU G 101 6.46 -4.41 -17.06
N MET G 102 5.41 -3.96 -17.75
CA MET G 102 5.03 -2.56 -17.74
C MET G 102 4.21 -2.22 -16.49
N VAL G 103 4.25 -0.95 -16.09
CA VAL G 103 3.29 -0.43 -15.14
C VAL G 103 1.90 -0.64 -15.73
N ALA G 104 0.96 -1.12 -14.92
CA ALA G 104 -0.38 -1.43 -15.43
C ALA G 104 -1.37 -1.54 -14.27
N GLY G 105 -2.64 -1.26 -14.56
CA GLY G 105 -3.67 -1.38 -13.54
C GLY G 105 -5.05 -1.52 -14.14
N MET G 106 -5.98 -2.02 -13.34
CA MET G 106 -7.36 -2.16 -13.81
C MET G 106 -8.04 -0.80 -13.93
N ILE G 107 -8.94 -0.70 -14.90
CA ILE G 107 -9.70 0.52 -15.12
C ILE G 107 -11.05 0.33 -14.45
N GLU G 108 -11.35 1.18 -13.47
CA GLU G 108 -12.63 1.16 -12.77
C GLU G 108 -13.62 2.07 -13.47
N ALA G 109 -14.90 1.93 -13.11
CA ALA G 109 -15.95 2.67 -13.78
C ALA G 109 -15.69 4.17 -13.75
N GLY G 110 -15.85 4.81 -14.91
CA GLY G 110 -15.71 6.25 -15.00
C GLY G 110 -14.27 6.74 -15.09
N GLU G 111 -13.30 5.84 -14.97
CA GLU G 111 -11.91 6.25 -15.02
C GLU G 111 -11.39 6.25 -16.45
N THR G 112 -10.40 7.11 -16.67
CA THR G 112 -9.73 7.16 -17.96
C THR G 112 -8.46 6.31 -17.92
N VAL G 113 -8.05 5.89 -19.11
CA VAL G 113 -6.80 5.14 -19.24
C VAL G 113 -5.65 5.93 -18.62
N GLU G 114 -5.58 7.21 -18.93
CA GLU G 114 -4.45 8.00 -18.46
C GLU G 114 -4.49 8.18 -16.95
N ASP G 115 -5.68 8.37 -16.38
CA ASP G 115 -5.79 8.51 -14.93
C ASP G 115 -5.22 7.28 -14.25
N VAL G 116 -5.61 6.10 -14.73
CA VAL G 116 -5.12 4.87 -14.14
C VAL G 116 -3.62 4.73 -14.36
N ALA G 117 -3.15 5.05 -15.57
CA ALA G 117 -1.73 4.90 -15.87
C ALA G 117 -0.88 5.77 -14.94
N ARG G 118 -1.29 7.02 -14.73
CA ARG G 118 -0.53 7.91 -13.85
C ARG G 118 -0.58 7.44 -12.40
N ARG G 119 -1.76 7.01 -11.93
CA ARG G 119 -1.85 6.53 -10.56
C ARG G 119 -0.95 5.30 -10.37
N GLU G 120 -1.01 4.36 -11.31
CA GLU G 120 -0.21 3.16 -11.15
C GLU G 120 1.29 3.46 -11.24
N ALA G 121 1.69 4.37 -12.12
CA ALA G 121 3.11 4.71 -12.23
C ALA G 121 3.64 5.23 -10.90
N LEU G 122 2.83 6.02 -10.19
CA LEU G 122 3.27 6.54 -8.90
C LEU G 122 3.28 5.43 -7.85
N GLU G 123 2.24 4.62 -7.80
CA GLU G 123 2.17 3.66 -6.70
C GLU G 123 2.99 2.39 -6.97
N GLU G 124 3.30 2.10 -8.24
CA GLU G 124 4.10 0.92 -8.56
C GLU G 124 5.57 1.27 -8.81
N ALA G 125 5.89 2.53 -9.14
CA ALA G 125 7.27 2.86 -9.47
C ALA G 125 7.72 4.22 -8.92
N GLY G 126 6.88 4.89 -8.14
CA GLY G 126 7.24 6.18 -7.61
C GLY G 126 7.53 7.20 -8.68
N LEU G 127 6.92 7.04 -9.86
CA LEU G 127 7.24 7.86 -11.02
C LEU G 127 6.15 8.88 -11.33
N GLU G 128 6.56 10.14 -11.42
CA GLU G 128 5.77 11.19 -12.05
C GLU G 128 5.91 11.09 -13.56
N VAL G 129 4.80 11.24 -14.28
CA VAL G 129 4.78 11.09 -15.74
C VAL G 129 4.60 12.46 -16.38
N GLY G 130 5.35 12.71 -17.45
CA GLY G 130 5.14 13.94 -18.18
C GLY G 130 4.12 13.83 -19.29
N ARG G 131 4.55 13.99 -20.53
CA ARG G 131 3.66 13.84 -21.67
C ARG G 131 3.32 12.37 -21.88
N THR G 132 2.18 12.10 -22.50
CA THR G 132 1.79 10.75 -22.83
C THR G 132 1.27 10.70 -24.25
N LYS G 133 1.39 9.52 -24.88
CA LYS G 133 0.87 9.28 -26.21
C LYS G 133 0.26 7.89 -26.19
N PRO G 134 -0.87 7.68 -26.86
CA PRO G 134 -1.35 6.29 -27.04
C PRO G 134 -0.39 5.54 -27.93
N ILE G 135 -0.14 4.28 -27.58
CA ILE G 135 0.58 3.34 -28.40
C ILE G 135 -0.42 2.52 -29.17
N LEU G 136 -1.06 1.60 -28.47
CA LEU G 136 -2.03 0.69 -29.06
CA LEU G 136 -2.15 0.84 -29.05
C LEU G 136 -2.94 0.17 -27.95
N SER G 137 -4.14 -0.24 -28.33
CA SER G 137 -5.08 -0.91 -27.44
C SER G 137 -5.38 -2.27 -28.04
N TYR G 138 -5.19 -3.33 -27.26
CA TYR G 138 -5.27 -4.68 -27.80
C TYR G 138 -6.11 -5.60 -26.92
N LEU G 139 -6.69 -6.60 -27.57
CA LEU G 139 -7.42 -7.68 -26.92
C LEU G 139 -6.42 -8.79 -26.61
N ALA G 140 -6.37 -9.20 -25.34
CA ALA G 140 -5.32 -10.11 -24.89
C ALA G 140 -5.41 -11.49 -25.52
N SER G 141 -6.62 -12.03 -25.63
CA SER G 141 -6.80 -13.38 -26.13
C SER G 141 -8.28 -13.52 -26.45
N PRO G 142 -8.75 -12.93 -27.54
CA PRO G 142 -10.20 -12.73 -27.69
C PRO G 142 -10.98 -14.00 -27.96
N GLY G 143 -10.31 -15.14 -28.07
CA GLY G 143 -11.02 -16.41 -28.17
C GLY G 143 -11.68 -16.81 -26.87
N GLY G 144 -11.14 -16.37 -25.74
CA GLY G 144 -11.63 -16.81 -24.45
C GLY G 144 -11.79 -15.75 -23.37
N THR G 145 -11.33 -14.51 -23.63
CA THR G 145 -11.46 -13.44 -22.65
C THR G 145 -11.78 -12.14 -23.37
N SER G 146 -12.57 -11.31 -22.70
CA SER G 146 -12.92 -10.00 -23.24
C SER G 146 -11.84 -8.95 -22.99
N GLU G 147 -10.82 -9.28 -22.25
CA GLU G 147 -9.94 -8.25 -21.72
C GLU G 147 -9.28 -7.47 -22.83
N ARG G 148 -9.38 -6.15 -22.73
CA ARG G 148 -8.67 -5.20 -23.57
C ARG G 148 -7.67 -4.47 -22.67
N LEU G 149 -6.48 -4.24 -23.19
CA LEU G 149 -5.45 -3.48 -22.49
C LEU G 149 -5.04 -2.33 -23.37
N SER G 150 -5.07 -1.12 -22.82
CA SER G 150 -4.75 0.09 -23.57
C SER G 150 -3.40 0.62 -23.12
N ILE G 151 -2.45 0.68 -24.07
CA ILE G 151 -1.08 1.06 -23.78
C ILE G 151 -0.84 2.52 -24.16
N LEU G 152 -0.22 3.25 -23.24
CA LEU G 152 0.30 4.60 -23.45
C LEU G 152 1.82 4.56 -23.27
N VAL G 153 2.52 5.42 -23.96
CA VAL G 153 3.91 5.69 -23.64
C VAL G 153 3.94 6.97 -22.82
N GLY G 154 4.72 6.95 -21.74
CA GLY G 154 4.77 8.10 -20.86
C GLY G 154 6.18 8.64 -20.69
N GLU G 155 6.33 9.97 -20.78
CA GLU G 155 7.62 10.64 -20.66
C GLU G 155 8.03 10.66 -19.19
N VAL G 156 9.19 10.09 -18.86
CA VAL G 156 9.65 10.07 -17.48
C VAL G 156 11.13 10.43 -17.41
N ASP G 157 11.55 10.81 -16.21
CA ASP G 157 12.96 11.00 -15.84
C ASP G 157 13.41 9.73 -15.13
N ALA G 158 14.17 8.90 -15.84
CA ALA G 158 14.52 7.58 -15.32
C ALA G 158 15.36 7.68 -14.06
N SER G 159 16.00 8.82 -13.81
CA SER G 159 16.78 8.94 -12.60
C SER G 159 15.90 9.03 -11.36
N THR G 160 14.58 9.23 -11.53
CA THR G 160 13.70 9.29 -10.37
C THR G 160 13.01 7.95 -10.11
N ALA G 161 13.26 6.94 -10.93
CA ALA G 161 12.66 5.61 -10.78
C ALA G 161 13.61 4.78 -9.92
N LYS G 162 13.17 4.46 -8.70
CA LYS G 162 14.02 3.79 -7.73
C LYS G 162 13.18 2.89 -6.84
N GLY G 163 13.80 1.81 -6.36
CA GLY G 163 13.37 1.19 -5.11
C GLY G 163 12.24 0.19 -5.24
N ILE G 164 11.61 -0.07 -4.10
CA ILE G 164 10.58 -1.09 -3.94
C ILE G 164 9.25 -0.39 -3.67
N HIS G 165 8.23 -0.73 -4.44
CA HIS G 165 6.93 -0.08 -4.32
C HIS G 165 5.82 -1.13 -4.30
N GLY G 166 4.62 -0.71 -4.68
CA GLY G 166 3.44 -1.56 -4.62
C GLY G 166 2.67 -1.36 -3.32
N LEU G 167 1.38 -1.71 -3.37
CA LEU G 167 0.48 -1.52 -2.24
C LEU G 167 0.46 -2.77 -1.37
N ALA G 168 1.03 -2.68 -0.17
CA ALA G 168 1.01 -3.82 0.74
C ALA G 168 -0.41 -4.31 0.98
N GLU G 169 -1.39 -3.39 1.02
CA GLU G 169 -2.78 -3.80 1.27
C GLU G 169 -3.25 -4.81 0.23
N GLU G 170 -2.89 -4.61 -1.03
CA GLU G 170 -3.22 -5.56 -2.09
C GLU G 170 -2.20 -6.67 -2.21
N ASN G 171 -1.29 -6.81 -1.23
CA ASN G 171 -0.20 -7.77 -1.31
C ASN G 171 0.61 -7.56 -2.59
N GLU G 172 0.85 -6.29 -2.91
CA GLU G 172 1.55 -5.89 -4.11
C GLU G 172 2.98 -5.56 -3.72
N ASP G 173 3.93 -6.35 -4.20
CA ASP G 173 5.35 -6.19 -3.91
C ASP G 173 6.09 -6.06 -5.24
N ILE G 174 6.63 -4.86 -5.51
CA ILE G 174 7.12 -4.52 -6.83
C ILE G 174 8.52 -3.93 -6.72
N ARG G 175 9.39 -4.34 -7.64
CA ARG G 175 10.76 -3.84 -7.73
C ARG G 175 10.95 -3.12 -9.06
N VAL G 176 11.57 -1.97 -9.02
CA VAL G 176 11.78 -1.16 -10.22
C VAL G 176 13.13 -1.50 -10.82
N HIS G 177 13.16 -1.66 -12.15
CA HIS G 177 14.39 -1.85 -12.90
C HIS G 177 14.50 -0.78 -13.96
N VAL G 178 15.66 -0.15 -14.08
CA VAL G 178 15.91 0.84 -15.12
C VAL G 178 16.94 0.29 -16.08
N VAL G 179 16.60 0.21 -17.37
CA VAL G 179 17.51 -0.35 -18.37
C VAL G 179 17.46 0.50 -19.63
N SER G 180 18.49 0.36 -20.46
CA SER G 180 18.47 1.01 -21.75
C SER G 180 17.34 0.42 -22.59
N ARG G 181 16.84 1.25 -23.51
CA ARG G 181 15.87 0.75 -24.47
C ARG G 181 16.44 -0.45 -25.21
N GLU G 182 17.70 -0.35 -25.65
CA GLU G 182 18.27 -1.45 -26.42
C GLU G 182 18.34 -2.74 -25.58
N GLN G 183 18.63 -2.61 -24.28
CA GLN G 183 18.65 -3.80 -23.43
C GLN G 183 17.24 -4.40 -23.27
N ALA G 184 16.25 -3.56 -23.00
CA ALA G 184 14.89 -4.07 -22.86
C ALA G 184 14.46 -4.80 -24.13
N TYR G 185 14.77 -4.24 -25.28
CA TYR G 185 14.38 -4.89 -26.52
C TYR G 185 15.11 -6.21 -26.71
N GLN G 186 16.41 -6.23 -26.38
CA GLN G 186 17.15 -7.48 -26.49
C GLN G 186 16.53 -8.57 -25.61
N TRP G 187 16.02 -8.20 -24.43
CA TRP G 187 15.38 -9.18 -23.56
C TRP G 187 14.08 -9.72 -24.15
N VAL G 188 13.36 -8.91 -24.92
CA VAL G 188 12.23 -9.41 -25.70
C VAL G 188 12.71 -10.45 -26.71
N GLU G 189 13.76 -10.10 -27.45
CA GLU G 189 14.29 -11.03 -28.43
C GLU G 189 14.77 -12.32 -27.78
N GLU G 190 15.35 -12.23 -26.59
CA GLU G 190 15.84 -13.43 -25.90
C GLU G 190 14.78 -14.20 -25.15
N GLY G 191 13.60 -13.65 -24.98
CA GLY G 191 12.55 -14.30 -24.24
C GLY G 191 12.55 -14.00 -22.76
N LYS G 192 13.46 -13.15 -22.27
CA LYS G 192 13.45 -12.76 -20.86
C LYS G 192 12.31 -11.80 -20.53
N ILE G 193 11.80 -11.06 -21.51
CA ILE G 193 10.53 -10.33 -21.40
C ILE G 193 9.56 -11.00 -22.37
N ASP G 194 8.44 -11.53 -21.86
CA ASP G 194 7.58 -12.33 -22.71
C ASP G 194 6.11 -12.30 -22.28
N ASN G 195 5.67 -11.19 -21.70
CA ASN G 195 4.26 -10.96 -21.45
C ASN G 195 3.76 -9.98 -22.51
N ALA G 196 2.53 -10.18 -22.97
CA ALA G 196 2.07 -9.48 -24.16
C ALA G 196 2.22 -7.97 -24.04
N ALA G 197 1.77 -7.40 -22.92
CA ALA G 197 1.77 -5.93 -22.80
C ALA G 197 3.18 -5.36 -22.99
N SER G 198 4.19 -6.00 -22.43
CA SER G 198 5.56 -5.49 -22.53
C SER G 198 6.15 -5.76 -23.92
N VAL G 199 5.85 -6.91 -24.51
CA VAL G 199 6.36 -7.19 -25.85
C VAL G 199 5.81 -6.17 -26.83
N ILE G 200 4.49 -5.95 -26.78
CA ILE G 200 3.86 -5.02 -27.71
C ILE G 200 4.45 -3.62 -27.53
N ALA G 201 4.56 -3.18 -26.27
CA ALA G 201 5.03 -1.83 -25.99
C ALA G 201 6.45 -1.61 -26.47
N LEU G 202 7.32 -2.59 -26.24
CA LEU G 202 8.73 -2.46 -26.56
C LEU G 202 9.00 -2.69 -28.05
N GLN G 203 8.19 -3.53 -28.72
CA GLN G 203 8.28 -3.60 -30.17
C GLN G 203 7.87 -2.28 -30.79
N TRP G 204 6.81 -1.67 -30.26
CA TRP G 204 6.40 -0.36 -30.75
C TRP G 204 7.52 0.66 -30.56
N LEU G 205 8.12 0.68 -29.38
CA LEU G 205 9.19 1.65 -29.12
C LEU G 205 10.37 1.42 -30.06
N GLN G 206 10.73 0.16 -30.30
CA GLN G 206 11.81 -0.11 -31.25
C GLN G 206 11.48 0.40 -32.65
N LEU G 207 10.19 0.44 -33.01
CA LEU G 207 9.78 0.94 -34.31
C LEU G 207 9.62 2.46 -34.32
N HIS G 208 9.45 3.08 -33.17
CA HIS G 208 9.10 4.48 -33.13
C HIS G 208 10.04 5.36 -32.31
N TYR G 209 11.09 4.82 -31.71
CA TYR G 209 11.84 5.62 -30.74
C TYR G 209 12.50 6.84 -31.38
N HIS G 210 12.99 6.72 -32.61
CA HIS G 210 13.70 7.84 -33.21
C HIS G 210 12.82 9.07 -33.29
N ASN G 211 11.61 8.92 -33.84
CA ASN G 211 10.72 10.07 -33.97
C ASN G 211 10.23 10.52 -32.60
N LEU G 212 10.01 9.57 -31.69
CA LEU G 212 9.55 9.91 -30.34
C LEU G 212 10.59 10.74 -29.59
N ARG G 213 11.87 10.37 -29.70
CA ARG G 213 12.90 11.16 -29.05
C ARG G 213 13.01 12.56 -29.65
N ASN G 214 12.87 12.68 -30.97
CA ASN G 214 12.87 14.02 -31.56
C ASN G 214 11.70 14.82 -31.05
N GLU G 215 10.52 14.20 -30.96
CA GLU G 215 9.34 14.94 -30.55
C GLU G 215 9.47 15.44 -29.11
N TRP G 216 10.05 14.62 -28.23
CA TRP G 216 10.08 14.96 -26.81
C TRP G 216 11.37 15.62 -26.34
N THR G 217 12.34 15.80 -27.22
CA THR G 217 13.56 16.52 -26.86
C THR G 217 13.73 17.84 -27.58
N LYS G 218 12.97 18.08 -28.65
CA LYS G 218 12.98 19.35 -29.37
C LYS G 218 12.59 20.46 -28.38
N GLN H 15 20.74 -6.20 -14.62
CA GLN H 15 21.13 -7.55 -14.22
C GLN H 15 19.92 -8.51 -14.38
N GLY H 16 18.69 -8.07 -14.06
CA GLY H 16 17.50 -8.82 -14.43
C GLY H 16 16.66 -9.23 -13.23
N ILE H 17 15.97 -10.36 -13.37
CA ILE H 17 14.98 -10.80 -12.38
C ILE H 17 15.67 -11.22 -11.08
N THR H 18 14.93 -11.13 -9.98
CA THR H 18 15.48 -11.27 -8.64
C THR H 18 15.29 -12.67 -8.05
N PHE H 19 14.14 -13.28 -8.26
CA PHE H 19 13.74 -14.49 -7.56
C PHE H 19 13.39 -15.58 -8.57
N SER H 20 13.44 -16.82 -8.10
CA SER H 20 13.17 -18.01 -8.91
C SER H 20 12.02 -18.82 -8.32
N LYS H 21 11.75 -19.98 -8.93
CA LYS H 21 10.66 -20.81 -8.43
C LYS H 21 10.90 -21.28 -7.01
N ASN H 22 12.16 -21.44 -6.61
CA ASN H 22 12.45 -21.85 -5.24
C ASN H 22 11.96 -20.83 -4.23
N ASP H 23 11.68 -19.60 -4.66
CA ASP H 23 11.29 -18.51 -3.78
C ASP H 23 9.79 -18.39 -3.61
N VAL H 24 9.01 -19.28 -4.21
CA VAL H 24 7.57 -19.31 -4.08
C VAL H 24 7.17 -20.69 -3.59
N GLU H 25 6.15 -20.74 -2.76
CA GLU H 25 5.59 -21.97 -2.21
C GLU H 25 4.12 -21.96 -2.59
N ILE H 26 3.72 -22.84 -3.50
CA ILE H 26 2.31 -23.02 -3.87
C ILE H 26 1.68 -23.95 -2.84
N ILE H 27 0.82 -23.38 -2.00
CA ILE H 27 0.24 -24.14 -0.90
C ILE H 27 -0.84 -25.09 -1.40
N ALA H 28 -1.66 -24.63 -2.34
CA ALA H 28 -2.73 -25.46 -2.87
C ALA H 28 -3.22 -24.88 -4.18
N ARG H 29 -3.78 -25.76 -5.01
CA ARG H 29 -4.53 -25.38 -6.20
C ARG H 29 -5.88 -26.08 -6.16
N GLU H 30 -6.93 -25.41 -6.62
CA GLU H 30 -8.27 -25.95 -6.60
C GLU H 30 -8.98 -25.46 -7.86
N THR H 31 -9.71 -26.36 -8.52
CA THR H 31 -10.52 -25.97 -9.66
C THR H 31 -11.88 -25.56 -9.13
N LEU H 32 -12.22 -24.28 -9.29
CA LEU H 32 -13.48 -23.72 -8.84
C LEU H 32 -14.60 -23.90 -9.87
N TYR H 33 -14.26 -23.91 -11.15
CA TYR H 33 -15.25 -24.11 -12.21
C TYR H 33 -14.55 -24.86 -13.34
N ARG H 34 -15.22 -25.89 -13.87
CA ARG H 34 -14.73 -26.67 -15.01
C ARG H 34 -15.86 -26.82 -16.01
N GLY H 35 -15.66 -26.30 -17.22
CA GLY H 35 -16.54 -26.47 -18.35
C GLY H 35 -15.68 -26.77 -19.56
N PHE H 36 -15.82 -26.00 -20.64
CA PHE H 36 -14.85 -26.12 -21.72
C PHE H 36 -13.46 -25.66 -21.24
N PHE H 37 -13.42 -24.60 -20.46
CA PHE H 37 -12.25 -24.08 -19.78
C PHE H 37 -12.39 -24.27 -18.28
N SER H 38 -11.39 -23.79 -17.54
CA SER H 38 -11.38 -23.90 -16.09
C SER H 38 -11.03 -22.57 -15.46
N LEU H 39 -11.57 -22.35 -14.25
CA LEU H 39 -11.14 -21.28 -13.38
C LEU H 39 -10.58 -21.93 -12.11
N ASP H 40 -9.30 -21.67 -11.83
CA ASP H 40 -8.55 -22.30 -10.75
C ASP H 40 -8.21 -21.25 -9.69
N LEU H 41 -8.14 -21.67 -8.43
CA LEU H 41 -7.69 -20.83 -7.33
C LEU H 41 -6.32 -21.30 -6.87
N TYR H 42 -5.29 -20.47 -7.07
CA TYR H 42 -3.95 -20.72 -6.54
C TYR H 42 -3.79 -20.08 -5.15
N ARG H 43 -3.26 -20.83 -4.21
CA ARG H 43 -2.93 -20.36 -2.87
C ARG H 43 -1.43 -20.52 -2.65
N PHE H 44 -0.75 -19.41 -2.33
CA PHE H 44 0.71 -19.46 -2.31
C PHE H 44 1.33 -18.43 -1.37
N ARG H 45 2.62 -18.66 -1.08
CA ARG H 45 3.48 -17.77 -0.32
C ARG H 45 4.71 -17.45 -1.16
N HIS H 46 5.25 -16.24 -1.03
CA HIS H 46 6.40 -15.90 -1.86
C HIS H 46 7.33 -14.92 -1.14
N ARG H 47 8.59 -14.96 -1.55
CA ARG H 47 9.58 -14.08 -0.96
C ARG H 47 9.31 -12.63 -1.36
N LEU H 48 9.61 -11.72 -0.43
CA LEU H 48 9.42 -10.29 -0.62
C LEU H 48 10.76 -9.63 -0.94
N PHE H 49 10.71 -8.54 -1.71
CA PHE H 49 11.95 -7.88 -2.10
C PHE H 49 12.70 -7.37 -0.87
N ASN H 50 11.99 -7.00 0.18
CA ASN H 50 12.63 -6.52 1.39
C ASN H 50 13.14 -7.64 2.28
N GLY H 51 13.01 -8.90 1.85
CA GLY H 51 13.64 -10.01 2.56
C GLY H 51 12.73 -11.08 3.15
N GLY H 52 11.60 -10.67 3.70
CA GLY H 52 10.71 -11.60 4.36
C GLY H 52 9.95 -12.49 3.38
N MET H 53 9.02 -13.24 3.97
CA MET H 53 8.08 -14.10 3.25
C MET H 53 6.71 -13.43 3.30
N SER H 54 5.96 -13.50 2.20
CA SER H 54 4.60 -13.01 2.22
C SER H 54 3.71 -13.88 3.11
N GLY H 55 2.55 -13.34 3.46
CA GLY H 55 1.47 -14.15 4.00
C GLY H 55 0.85 -14.97 2.88
N GLU H 56 -0.20 -15.71 3.24
CA GLU H 56 -0.94 -16.52 2.28
C GLU H 56 -1.74 -15.63 1.35
N ILE H 57 -1.56 -15.82 0.03
CA ILE H 57 -2.22 -15.03 -1.00
C ILE H 57 -3.00 -15.98 -1.89
N THR H 58 -4.17 -15.55 -2.36
CA THR H 58 -4.98 -16.35 -3.27
C THR H 58 -5.26 -15.57 -4.54
N ARG H 59 -5.25 -16.28 -5.66
CA ARG H 59 -5.45 -15.69 -6.98
C ARG H 59 -6.36 -16.61 -7.79
N GLU H 60 -7.39 -16.04 -8.41
CA GLU H 60 -8.19 -16.72 -9.42
C GLU H 60 -7.48 -16.66 -10.76
N ILE H 61 -7.31 -17.80 -11.43
CA ILE H 61 -6.58 -17.90 -12.68
C ILE H 61 -7.42 -18.63 -13.72
N PHE H 62 -7.60 -18.00 -14.89
CA PHE H 62 -8.29 -18.60 -16.03
C PHE H 62 -7.33 -19.57 -16.75
N GLU H 63 -7.71 -20.85 -16.78
CA GLU H 63 -6.88 -21.91 -17.33
CA GLU H 63 -6.89 -21.92 -17.32
C GLU H 63 -7.57 -22.46 -18.57
N ARG H 64 -6.90 -22.31 -19.72
CA ARG H 64 -7.48 -22.73 -20.99
C ARG H 64 -6.45 -23.39 -21.89
N GLY H 65 -5.37 -23.92 -21.32
CA GLY H 65 -4.34 -24.50 -22.15
C GLY H 65 -3.52 -23.42 -22.85
N HIS H 66 -2.76 -23.87 -23.85
CA HIS H 66 -1.81 -23.04 -24.57
C HIS H 66 -1.96 -23.29 -26.06
N ALA H 67 -1.43 -22.35 -26.84
CA ALA H 67 -1.74 -22.27 -28.27
C ALA H 67 -0.50 -22.10 -29.11
N ALA H 68 -0.64 -22.51 -30.38
CA ALA H 68 0.33 -22.29 -31.44
C ALA H 68 -0.23 -21.28 -32.41
N VAL H 69 0.61 -20.34 -32.84
CA VAL H 69 0.21 -19.25 -33.72
C VAL H 69 1.16 -19.24 -34.91
N LEU H 70 0.60 -18.99 -36.11
CA LEU H 70 1.40 -18.94 -37.34
C LEU H 70 1.12 -17.66 -38.10
N LEU H 71 2.17 -16.89 -38.36
CA LEU H 71 2.10 -15.73 -39.26
C LEU H 71 2.44 -16.24 -40.66
N PRO H 72 1.49 -16.30 -41.59
CA PRO H 72 1.82 -16.76 -42.95
C PRO H 72 2.42 -15.64 -43.76
N PHE H 73 3.68 -15.79 -44.16
CA PHE H 73 4.42 -14.75 -44.86
C PHE H 73 4.94 -15.28 -46.19
N ASP H 74 4.67 -14.54 -47.26
CA ASP H 74 5.19 -14.81 -48.58
C ASP H 74 6.36 -13.86 -48.84
N PRO H 75 7.61 -14.32 -48.79
CA PRO H 75 8.73 -13.37 -48.97
C PRO H 75 8.87 -12.86 -50.39
N VAL H 76 8.42 -13.62 -51.38
CA VAL H 76 8.51 -13.12 -52.76
C VAL H 76 7.56 -11.95 -52.97
N ARG H 77 6.32 -12.09 -52.51
CA ARG H 77 5.31 -11.07 -52.71
CA ARG H 77 5.30 -11.06 -52.71
C ARG H 77 5.23 -10.06 -51.57
N ASP H 78 5.95 -10.29 -50.48
CA ASP H 78 5.91 -9.39 -49.33
C ASP H 78 4.48 -9.20 -48.86
N GLU H 79 3.75 -10.32 -48.76
CA GLU H 79 2.36 -10.36 -48.35
C GLU H 79 2.19 -11.31 -47.17
N VAL H 80 1.15 -11.05 -46.39
CA VAL H 80 0.73 -11.90 -45.29
C VAL H 80 -0.68 -12.40 -45.57
N VAL H 81 -1.03 -13.53 -44.98
CA VAL H 81 -2.37 -14.09 -45.10
C VAL H 81 -3.03 -13.98 -43.73
N LEU H 82 -4.17 -13.29 -43.68
CA LEU H 82 -4.95 -13.13 -42.46
C LEU H 82 -6.25 -13.91 -42.54
N VAL H 83 -6.81 -14.25 -41.38
CA VAL H 83 -8.05 -14.99 -41.29
C VAL H 83 -9.06 -14.13 -40.53
N GLU H 84 -10.27 -14.03 -41.06
CA GLU H 84 -11.33 -13.26 -40.43
C GLU H 84 -12.37 -14.20 -39.85
N GLN H 85 -12.72 -13.99 -38.58
CA GLN H 85 -13.82 -14.74 -38.01
C GLN H 85 -14.32 -13.99 -36.77
N ILE H 86 -15.53 -14.34 -36.34
CA ILE H 86 -16.14 -13.66 -35.21
C ILE H 86 -15.49 -14.14 -33.92
N ARG H 87 -15.19 -13.19 -33.03
CA ARG H 87 -14.72 -13.49 -31.67
C ARG H 87 -15.66 -12.75 -30.71
N ILE H 88 -16.65 -13.46 -30.16
CA ILE H 88 -17.72 -12.75 -29.47
C ILE H 88 -17.19 -11.98 -28.26
N ALA H 89 -16.10 -12.44 -27.64
CA ALA H 89 -15.56 -11.73 -26.48
C ALA H 89 -15.11 -10.31 -26.82
N ALA H 90 -14.86 -10.03 -28.10
CA ALA H 90 -14.48 -8.70 -28.56
C ALA H 90 -15.66 -7.73 -28.61
N TYR H 91 -16.88 -8.24 -28.50
CA TYR H 91 -18.06 -7.44 -28.79
C TYR H 91 -18.09 -6.15 -27.99
N ASP H 92 -17.87 -6.24 -26.68
CA ASP H 92 -18.17 -5.10 -25.82
C ASP H 92 -17.21 -3.93 -26.01
N THR H 93 -15.99 -4.16 -26.53
CA THR H 93 -14.99 -3.11 -26.62
C THR H 93 -14.52 -2.87 -28.05
N SER H 94 -15.14 -3.48 -29.04
CA SER H 94 -14.73 -3.36 -30.42
C SER H 94 -15.88 -2.85 -31.26
N GLU H 95 -15.54 -2.25 -32.40
CA GLU H 95 -16.59 -1.82 -33.32
C GLU H 95 -17.29 -3.04 -33.92
N SER H 96 -16.57 -4.14 -34.13
CA SER H 96 -17.14 -5.38 -34.64
C SER H 96 -16.47 -6.54 -33.93
N PRO H 97 -17.21 -7.61 -33.63
CA PRO H 97 -16.54 -8.81 -33.10
C PRO H 97 -15.87 -9.65 -34.16
N TRP H 98 -16.00 -9.33 -35.44
CA TRP H 98 -15.22 -10.03 -36.46
C TRP H 98 -13.80 -9.44 -36.48
N LEU H 99 -12.81 -10.28 -36.25
CA LEU H 99 -11.42 -9.84 -36.15
C LEU H 99 -10.58 -10.42 -37.29
N LEU H 100 -9.56 -9.67 -37.69
CA LEU H 100 -8.52 -10.20 -38.59
C LEU H 100 -7.38 -10.75 -37.74
N GLU H 101 -7.06 -12.02 -37.93
CA GLU H 101 -6.19 -12.72 -36.99
C GLU H 101 -5.15 -13.58 -37.69
N MET H 102 -4.19 -14.05 -36.90
CA MET H 102 -3.26 -15.09 -37.31
C MET H 102 -3.92 -16.46 -37.24
N VAL H 103 -3.41 -17.39 -38.04
CA VAL H 103 -3.71 -18.81 -37.87
C VAL H 103 -3.29 -19.25 -36.47
N ALA H 104 -4.16 -20.02 -35.82
CA ALA H 104 -3.85 -20.43 -34.44
C ALA H 104 -4.66 -21.66 -34.06
N GLY H 105 -4.12 -22.40 -33.11
CA GLY H 105 -4.81 -23.57 -32.60
C GLY H 105 -4.30 -23.95 -31.24
N MET H 106 -5.13 -24.69 -30.50
CA MET H 106 -4.72 -25.19 -29.20
C MET H 106 -3.71 -26.31 -29.38
N ILE H 107 -2.81 -26.45 -28.41
CA ILE H 107 -1.80 -27.51 -28.41
C ILE H 107 -2.24 -28.59 -27.42
N GLU H 108 -2.47 -29.79 -27.92
CA GLU H 108 -2.81 -30.90 -27.05
C GLU H 108 -1.54 -31.64 -26.64
N ALA H 109 -1.68 -32.49 -25.62
CA ALA H 109 -0.54 -33.21 -25.06
C ALA H 109 0.20 -33.98 -26.16
N GLY H 110 1.52 -33.86 -26.14
CA GLY H 110 2.37 -34.56 -27.08
C GLY H 110 2.54 -33.90 -28.44
N GLU H 111 1.82 -32.81 -28.70
CA GLU H 111 1.95 -32.10 -29.96
C GLU H 111 3.00 -31.01 -29.85
N THR H 112 3.66 -30.74 -30.97
CA THR H 112 4.63 -29.66 -31.03
C THR H 112 3.97 -28.39 -31.57
N VAL H 113 4.57 -27.25 -31.22
CA VAL H 113 4.06 -25.98 -31.73
C VAL H 113 4.00 -26.02 -33.25
N GLU H 114 5.05 -26.53 -33.90
CA GLU H 114 5.12 -26.52 -35.35
C GLU H 114 4.09 -27.46 -35.97
N ASP H 115 3.84 -28.62 -35.37
CA ASP H 115 2.83 -29.54 -35.88
C ASP H 115 1.45 -28.89 -35.90
N VAL H 116 1.08 -28.23 -34.80
CA VAL H 116 -0.22 -27.56 -34.72
C VAL H 116 -0.28 -26.39 -35.69
N ALA H 117 0.79 -25.59 -35.75
CA ALA H 117 0.80 -24.44 -36.64
C ALA H 117 0.62 -24.86 -38.09
N ARG H 118 1.31 -25.90 -38.52
CA ARG H 118 1.20 -26.36 -39.89
C ARG H 118 -0.18 -26.95 -40.18
N ARG H 119 -0.73 -27.71 -39.24
CA ARG H 119 -2.06 -28.27 -39.46
C ARG H 119 -3.10 -27.17 -39.59
N GLU H 120 -3.07 -26.19 -38.69
CA GLU H 120 -4.07 -25.14 -38.70
C GLU H 120 -3.97 -24.27 -39.97
N ALA H 121 -2.75 -24.03 -40.44
CA ALA H 121 -2.60 -23.28 -41.69
C ALA H 121 -3.35 -23.97 -42.82
N LEU H 122 -3.30 -25.29 -42.87
CA LEU H 122 -3.98 -26.02 -43.95
C LEU H 122 -5.49 -25.93 -43.80
N GLU H 123 -6.02 -26.14 -42.60
CA GLU H 123 -7.46 -26.25 -42.43
C GLU H 123 -8.16 -24.91 -42.25
N GLU H 124 -7.49 -23.92 -41.68
CA GLU H 124 -8.11 -22.60 -41.51
C GLU H 124 -7.87 -21.70 -42.72
N ALA H 125 -6.86 -21.99 -43.54
CA ALA H 125 -6.52 -21.12 -44.66
C ALA H 125 -6.10 -21.85 -45.92
N GLY H 126 -6.13 -23.18 -45.94
CA GLY H 126 -5.75 -23.94 -47.12
C GLY H 126 -4.33 -23.71 -47.58
N LEU H 127 -3.43 -23.39 -46.65
CA LEU H 127 -2.07 -23.00 -46.99
C LEU H 127 -1.08 -24.12 -46.71
N GLU H 128 -0.31 -24.50 -47.72
CA GLU H 128 0.88 -25.32 -47.50
C GLU H 128 2.02 -24.42 -47.03
N VAL H 129 2.69 -24.82 -45.95
CA VAL H 129 3.76 -24.03 -45.34
C VAL H 129 5.07 -24.71 -45.68
N GLY H 130 6.06 -23.92 -46.08
CA GLY H 130 7.40 -24.45 -46.31
C GLY H 130 8.20 -24.39 -45.03
N ARG H 131 9.21 -23.53 -44.99
CA ARG H 131 10.03 -23.34 -43.81
C ARG H 131 9.26 -22.59 -42.71
N THR H 132 9.69 -22.80 -41.47
CA THR H 132 9.17 -22.05 -40.34
C THR H 132 10.35 -21.57 -39.49
N LYS H 133 10.12 -20.49 -38.77
CA LYS H 133 11.08 -19.93 -37.80
C LYS H 133 10.27 -19.48 -36.58
N PRO H 134 10.80 -19.66 -35.37
CA PRO H 134 10.14 -19.08 -34.20
C PRO H 134 10.19 -17.56 -34.22
N ILE H 135 9.08 -16.94 -33.82
CA ILE H 135 9.04 -15.49 -33.61
C ILE H 135 9.28 -15.25 -32.12
N LEU H 136 8.27 -15.52 -31.33
CA LEU H 136 8.30 -15.30 -29.89
CA LEU H 136 8.40 -15.47 -29.89
C LEU H 136 7.22 -16.17 -29.26
N SER H 137 7.36 -16.44 -27.97
CA SER H 137 6.34 -17.09 -27.12
C SER H 137 6.00 -16.14 -25.98
N TYR H 138 4.71 -15.85 -25.78
CA TYR H 138 4.31 -14.81 -24.84
C TYR H 138 3.17 -15.29 -23.97
N LEU H 139 3.08 -14.69 -22.79
CA LEU H 139 1.96 -14.87 -21.89
C LEU H 139 0.90 -13.83 -22.21
N ALA H 140 -0.32 -14.28 -22.50
CA ALA H 140 -1.34 -13.36 -22.99
C ALA H 140 -1.71 -12.30 -21.96
N SER H 141 -1.87 -12.67 -20.71
CA SER H 141 -2.28 -11.72 -19.67
C SER H 141 -2.04 -12.38 -18.33
N PRO H 142 -0.77 -12.44 -17.87
CA PRO H 142 -0.40 -13.36 -16.79
C PRO H 142 -0.91 -12.95 -15.41
N GLY H 143 -1.57 -11.81 -15.27
CA GLY H 143 -2.20 -11.49 -13.99
C GLY H 143 -3.42 -12.34 -13.71
N GLY H 144 -4.07 -12.85 -14.77
CA GLY H 144 -5.32 -13.55 -14.56
C GLY H 144 -5.49 -14.82 -15.38
N THR H 145 -4.57 -15.11 -16.30
CA THR H 145 -4.66 -16.33 -17.09
C THR H 145 -3.26 -16.88 -17.30
N SER H 146 -3.18 -18.20 -17.30
CA SER H 146 -1.91 -18.87 -17.56
C SER H 146 -1.56 -18.95 -19.03
N GLU H 147 -2.46 -18.51 -19.92
CA GLU H 147 -2.31 -18.90 -21.32
C GLU H 147 -0.98 -18.41 -21.90
N ARG H 148 -0.25 -19.33 -22.51
CA ARG H 148 0.94 -19.02 -23.29
C ARG H 148 0.68 -19.33 -24.75
N LEU H 149 1.12 -18.44 -25.63
CA LEU H 149 0.97 -18.61 -27.07
C LEU H 149 2.35 -18.53 -27.71
N SER H 150 2.67 -19.50 -28.56
CA SER H 150 3.97 -19.56 -29.21
C SER H 150 3.80 -19.30 -30.70
N ILE H 151 4.48 -18.27 -31.20
CA ILE H 151 4.29 -17.80 -32.56
C ILE H 151 5.44 -18.23 -33.43
N LEU H 152 5.12 -18.76 -34.61
CA LEU H 152 6.07 -19.03 -35.66
C LEU H 152 5.70 -18.19 -36.87
N VAL H 153 6.70 -17.86 -37.69
CA VAL H 153 6.47 -17.34 -39.04
C VAL H 153 6.63 -18.50 -40.01
N GLY H 154 5.72 -18.59 -40.99
CA GLY H 154 5.71 -19.70 -41.93
C GLY H 154 5.76 -19.27 -43.37
N GLU H 155 6.60 -19.93 -44.17
CA GLU H 155 6.76 -19.60 -45.57
C GLU H 155 5.57 -20.14 -46.37
N VAL H 156 4.86 -19.24 -47.06
CA VAL H 156 3.71 -19.64 -47.87
C VAL H 156 3.76 -18.92 -49.22
N ASP H 157 3.03 -19.49 -50.19
CA ASP H 157 2.77 -18.87 -51.49
C ASP H 157 1.40 -18.20 -51.39
N ALA H 158 1.39 -16.88 -51.25
CA ALA H 158 0.15 -16.16 -51.03
C ALA H 158 -0.80 -16.23 -52.21
N SER H 159 -0.29 -16.52 -53.41
CA SER H 159 -1.14 -16.61 -54.57
C SER H 159 -2.05 -17.83 -54.54
N THR H 160 -1.82 -18.77 -53.63
CA THR H 160 -2.68 -19.94 -53.52
C THR H 160 -3.76 -19.79 -52.46
N ALA H 161 -3.76 -18.65 -51.73
CA ALA H 161 -4.71 -18.44 -50.64
C ALA H 161 -6.09 -18.08 -51.17
N LYS H 162 -7.11 -18.81 -50.73
CA LYS H 162 -8.47 -18.58 -51.20
C LYS H 162 -9.52 -18.76 -50.09
N GLU H 172 -16.68 -22.99 -37.01
CA GLU H 172 -15.71 -22.00 -37.45
C GLU H 172 -16.02 -21.54 -38.87
N ASP H 173 -16.51 -20.31 -39.00
CA ASP H 173 -16.85 -19.69 -40.28
C ASP H 173 -15.74 -18.68 -40.57
N ILE H 174 -14.93 -18.94 -41.60
CA ILE H 174 -13.67 -18.25 -41.79
C ILE H 174 -13.54 -17.71 -43.21
N ARG H 175 -13.04 -16.48 -43.33
CA ARG H 175 -12.76 -15.85 -44.62
C ARG H 175 -11.27 -15.52 -44.65
N VAL H 176 -10.60 -15.85 -45.75
CA VAL H 176 -9.16 -15.66 -45.87
C VAL H 176 -8.90 -14.34 -46.59
N HIS H 177 -7.96 -13.56 -46.08
CA HIS H 177 -7.54 -12.31 -46.70
C HIS H 177 -6.04 -12.34 -47.00
N VAL H 178 -5.66 -11.83 -48.16
CA VAL H 178 -4.26 -11.63 -48.52
C VAL H 178 -4.03 -10.13 -48.64
N VAL H 179 -3.06 -9.61 -47.89
CA VAL H 179 -2.72 -8.19 -47.96
C VAL H 179 -1.21 -8.05 -47.91
N SER H 180 -0.72 -6.93 -48.41
CA SER H 180 0.71 -6.64 -48.31
C SER H 180 1.13 -6.52 -46.85
N ARG H 181 2.41 -6.79 -46.58
CA ARG H 181 2.93 -6.59 -45.23
C ARG H 181 2.69 -5.15 -44.78
N GLU H 182 2.98 -4.19 -45.63
CA GLU H 182 2.80 -2.79 -45.26
C GLU H 182 1.36 -2.48 -44.92
N GLN H 183 0.42 -3.01 -45.70
CA GLN H 183 -0.99 -2.76 -45.39
C GLN H 183 -1.36 -3.38 -44.05
N ALA H 184 -0.92 -4.62 -43.79
CA ALA H 184 -1.23 -5.25 -42.51
C ALA H 184 -0.64 -4.45 -41.36
N TYR H 185 0.59 -3.97 -41.52
CA TYR H 185 1.19 -3.22 -40.42
C TYR H 185 0.48 -1.90 -40.22
N GLN H 186 0.09 -1.24 -41.31
CA GLN H 186 -0.66 0.01 -41.22
CA GLN H 186 -0.62 0.02 -41.16
C GLN H 186 -1.96 -0.18 -40.46
N TRP H 187 -2.58 -1.37 -40.62
CA TRP H 187 -3.81 -1.66 -39.91
C TRP H 187 -3.56 -1.88 -38.43
N VAL H 188 -2.40 -2.44 -38.07
CA VAL H 188 -2.02 -2.49 -36.64
C VAL H 188 -1.93 -1.07 -36.09
N GLU H 189 -1.26 -0.17 -36.82
CA GLU H 189 -1.11 1.21 -36.36
C GLU H 189 -2.43 1.93 -36.26
N GLU H 190 -3.36 1.65 -37.18
CA GLU H 190 -4.65 2.30 -37.14
C GLU H 190 -5.61 1.63 -36.16
N GLY H 191 -5.25 0.47 -35.61
CA GLY H 191 -6.13 -0.22 -34.70
C GLY H 191 -7.14 -1.15 -35.34
N LYS H 192 -7.11 -1.30 -36.66
CA LYS H 192 -8.00 -2.24 -37.32
C LYS H 192 -7.59 -3.68 -37.06
N ILE H 193 -6.32 -3.90 -36.75
CA ILE H 193 -5.82 -5.17 -36.24
C ILE H 193 -5.38 -4.91 -34.82
N ASP H 194 -6.04 -5.55 -33.85
CA ASP H 194 -5.78 -5.22 -32.45
C ASP H 194 -5.95 -6.40 -31.52
N ASN H 195 -5.65 -7.61 -31.98
CA ASN H 195 -5.52 -8.75 -31.09
C ASN H 195 -4.04 -9.05 -30.89
N ALA H 196 -3.70 -9.47 -29.67
CA ALA H 196 -2.30 -9.55 -29.26
C ALA H 196 -1.48 -10.40 -30.20
N ALA H 197 -1.98 -11.59 -30.56
CA ALA H 197 -1.16 -12.49 -31.38
C ALA H 197 -0.76 -11.82 -32.68
N SER H 198 -1.71 -11.13 -33.33
CA SER H 198 -1.46 -10.53 -34.63
C SER H 198 -0.60 -9.28 -34.51
N VAL H 199 -0.83 -8.47 -33.47
CA VAL H 199 -0.02 -7.28 -33.25
C VAL H 199 1.44 -7.68 -33.04
N ILE H 200 1.67 -8.66 -32.17
CA ILE H 200 3.03 -9.10 -31.87
C ILE H 200 3.70 -9.63 -33.13
N ALA H 201 3.00 -10.50 -33.88
CA ALA H 201 3.59 -11.12 -35.07
C ALA H 201 3.91 -10.08 -36.13
N LEU H 202 3.00 -9.13 -36.37
CA LEU H 202 3.23 -8.15 -37.43
C LEU H 202 4.23 -7.07 -36.99
N GLN H 203 4.28 -6.70 -35.71
CA GLN H 203 5.37 -5.81 -35.28
C GLN H 203 6.73 -6.48 -35.47
N TRP H 204 6.83 -7.76 -35.09
CA TRP H 204 8.07 -8.50 -35.29
C TRP H 204 8.42 -8.52 -36.77
N LEU H 205 7.42 -8.78 -37.60
CA LEU H 205 7.65 -8.83 -39.04
C LEU H 205 8.18 -7.50 -39.56
N GLN H 206 7.64 -6.38 -39.06
CA GLN H 206 8.11 -5.06 -39.49
C GLN H 206 9.56 -4.86 -39.12
N LEU H 207 10.01 -5.46 -38.00
CA LEU H 207 11.38 -5.33 -37.55
C LEU H 207 12.31 -6.34 -38.21
N HIS H 208 11.79 -7.44 -38.75
CA HIS H 208 12.66 -8.50 -39.24
C HIS H 208 12.44 -8.94 -40.69
N TYR H 209 11.51 -8.33 -41.43
CA TYR H 209 11.17 -8.86 -42.74
C TYR H 209 12.36 -8.82 -43.69
N HIS H 210 13.23 -7.81 -43.58
CA HIS H 210 14.39 -7.76 -44.48
C HIS H 210 15.25 -9.01 -44.33
N ASN H 211 15.58 -9.35 -43.08
CA ASN H 211 16.42 -10.52 -42.85
C ASN H 211 15.68 -11.79 -43.26
N LEU H 212 14.37 -11.81 -43.03
CA LEU H 212 13.59 -12.99 -43.39
C LEU H 212 13.55 -13.18 -44.91
N ARG H 213 13.38 -12.09 -45.68
CA ARG H 213 13.37 -12.24 -47.14
C ARG H 213 14.75 -12.69 -47.65
N ASN H 214 15.82 -12.20 -47.02
CA ASN H 214 17.15 -12.65 -47.42
C ASN H 214 17.33 -14.14 -47.19
N GLU H 215 16.87 -14.63 -46.04
CA GLU H 215 17.06 -16.03 -45.68
C GLU H 215 16.25 -16.96 -46.57
N TRP H 216 15.04 -16.55 -46.93
CA TRP H 216 14.13 -17.42 -47.66
C TRP H 216 14.21 -17.24 -49.18
N THR H 217 15.17 -16.48 -49.69
CA THR H 217 15.34 -16.37 -51.13
C THR H 217 16.64 -16.99 -51.62
PG DTP I . -61.43 -11.63 11.58
O1G DTP I . -61.28 -12.36 10.29
O2G DTP I . -60.47 -10.44 11.76
O3G DTP I . -61.33 -12.53 12.83
PB DTP I . -63.99 -10.67 12.74
O1B DTP I . -63.85 -11.47 13.97
O2B DTP I . -65.34 -10.76 12.03
O3B DTP I . -62.88 -10.99 11.67
PA DTP I . -63.01 -7.92 12.22
O1A DTP I . -61.82 -8.35 11.44
O2A DTP I . -64.11 -7.24 11.38
O3A DTP I . -63.70 -9.12 13.00
O5' DTP I . -62.58 -6.97 13.40
C5' DTP I . -61.97 -7.47 14.61
C4' DTP I . -62.01 -6.38 15.66
O4' DTP I . -60.82 -5.60 15.45
C3' DTP I . -63.18 -5.45 15.32
O3' DTP I . -63.94 -5.37 16.54
C2' DTP I . -62.56 -4.09 15.14
C1' DTP I . -61.10 -4.23 15.53
N9 DTP I . -60.23 -3.57 14.58
C8 DTP I . -59.92 -4.01 13.31
N7 DTP I . -59.09 -3.22 12.65
C5 DTP I . -58.85 -2.20 13.54
C6 DTP I . -58.06 -1.03 13.46
N6 DTP I . -57.33 -0.70 12.39
N1 DTP I . -58.03 -0.22 14.54
C2 DTP I . -58.75 -0.54 15.61
N3 DTP I . -59.53 -1.59 15.81
C4 DTP I . -59.54 -2.40 14.73
MG MG J . -60.89 -10.80 7.83
PG DTP K . -38.22 3.77 3.83
O1G DTP K . -39.08 4.47 4.84
O2G DTP K . -37.59 2.46 4.36
O3G DTP K . -38.93 3.48 2.49
PB DTP K . -35.67 4.68 2.47
O1B DTP K . -35.70 5.78 1.49
O2B DTP K . -35.50 3.27 1.90
O3B DTP K . -36.95 4.69 3.43
PA DTP K . -33.91 4.10 4.78
O1A DTP K . -34.63 2.83 5.03
O2A DTP K . -32.40 3.99 4.59
O3A DTP K . -34.48 4.87 3.52
O5' DTP K . -34.18 5.14 5.93
C5' DTP K . -34.73 6.46 5.69
C4' DTP K . -34.67 7.23 7.00
O4' DTP K . -35.88 6.89 7.69
C3' DTP K . -33.53 6.64 7.83
O3' DTP K . -32.72 7.75 8.22
C2' DTP K . -34.19 6.15 9.11
C1' DTP K . -35.62 6.62 9.04
N9 DTP K . -36.54 5.54 9.43
C8 DTP K . -36.85 4.45 8.66
N7 DTP K . -37.70 3.63 9.22
C5 DTP K . -37.95 4.23 10.44
C6 DTP K . -38.77 3.84 11.52
N6 DTP K . -39.51 2.72 11.53
N1 DTP K . -38.80 4.65 12.60
C2 DTP K . -38.06 5.76 12.60
N3 DTP K . -37.25 6.23 11.65
C4 DTP K . -37.24 5.41 10.59
MG MG L . -33.02 4.16 0.82
PG DTP M . -11.54 6.79 36.17
O1G DTP M . -11.03 8.07 35.57
O2G DTP M . -11.72 5.65 35.15
O3G DTP M . -10.68 6.30 37.36
PB DTP M . -14.31 6.17 37.16
O1B DTP M . -14.22 4.79 36.65
O2B DTP M . -15.52 6.98 36.68
O3B DTP M . -13.00 7.01 36.80
PA DTP M . -13.94 7.30 39.85
O1A DTP M . -14.85 7.22 41.03
O2A DTP M . -12.45 7.17 40.16
O3A DTP M . -14.30 6.22 38.75
O5' DTP M . -14.19 8.63 39.04
C5' DTP M . -13.15 9.61 38.88
C4' DTP M . -13.63 10.90 39.49
O4' DTP M . -12.57 11.84 39.28
C3' DTP M . -14.82 11.41 38.67
O3' DTP M . -15.87 11.62 39.61
C2' DTP M . -14.41 12.80 38.21
C1' DTP M . -13.09 13.09 38.92
N9 DTP M . -12.14 13.70 38.02
C8 DTP M . -11.46 13.12 36.97
N7 DTP M . -10.65 13.93 36.34
C5 DTP M . -10.79 15.13 37.02
C6 DTP M . -10.19 16.39 36.86
N6 DTP M . -9.31 16.67 35.90
N1 DTP M . -10.55 17.36 37.72
C2 DTP M . -11.44 17.09 38.67
N3 DTP M . -12.07 15.95 38.92
C4 DTP M . -11.70 15.01 38.05
MG MG N . -11.77 6.14 32.51
PG DTP O . 16.19 23.62 26.69
O1G DTP O . 15.04 24.28 25.98
O2G DTP O . 17.32 24.59 27.07
O3G DTP O . 16.77 22.42 25.94
PB DTP O . 14.74 21.88 28.65
O1B DTP O . 14.73 21.90 30.12
O2B DTP O . 15.18 20.57 27.99
O3B DTP O . 15.69 23.02 28.08
PA DTP O . 11.83 22.34 28.50
O1A DTP O . 10.88 22.55 27.38
O2A DTP O . 11.56 21.07 29.31
O3A DTP O . 13.34 22.28 28.01
O5' DTP O . 11.84 23.59 29.47
C5' DTP O . 12.38 24.87 29.05
C4' DTP O . 12.46 25.74 30.29
O4' DTP O . 11.34 25.37 31.09
C3' DTP O . 13.71 25.32 31.07
O3' DTP O . 14.44 26.53 31.29
C2' DTP O . 13.18 24.91 32.44
C1' DTP O . 11.71 25.27 32.45
N9 DTP O . 10.92 24.17 32.99
C8 DTP O . 10.67 22.98 32.37
N7 DTP O . 9.93 22.15 33.06
C5 DTP O . 9.64 22.86 34.21
C6 DTP O . 8.89 22.55 35.35
N6 DTP O . 8.25 21.39 35.53
N1 DTP O . 8.81 23.48 36.33
C2 DTP O . 9.46 24.64 36.17
N3 DTP O . 10.20 25.05 35.13
C4 DTP O . 10.25 24.11 34.19
MG MG P . 14.62 22.05 24.48
PG DTP Q . 45.17 13.57 15.64
O1G DTP Q . 45.20 14.77 14.77
O2G DTP Q . 43.74 13.04 15.93
O3G DTP Q . 45.91 13.76 16.98
PB DTP Q . 47.36 11.92 14.40
O1B DTP Q . 48.32 13.04 14.49
O2B DTP Q . 47.18 11.29 13.01
O3B DTP Q . 45.91 12.33 14.93
PA DTP Q . 48.22 10.60 16.92
O1A DTP Q . 49.50 9.86 16.97
O2A DTP Q . 48.30 12.01 17.51
O3A DTP Q . 47.73 10.73 15.40
O5' DTP Q . 47.05 9.80 17.62
C5' DTP Q . 45.74 10.38 17.83
C4' DTP Q . 44.86 9.47 18.66
O4' DTP Q . 44.19 8.62 17.71
C3' DTP Q . 45.74 8.57 19.51
O3' DTP Q . 45.28 8.70 20.86
C2' DTP Q . 45.35 7.15 19.10
C1' DTP Q . 44.16 7.30 18.18
N9 DTP Q . 44.29 6.43 17.02
C8 DTP Q . 45.14 6.62 15.96
N7 DTP Q . 45.07 5.70 15.05
C5 DTP Q . 44.12 4.82 15.54
C6 DTP Q . 43.58 3.62 15.03
N6 DTP Q . 43.96 3.06 13.87
N1 DTP Q . 42.64 2.99 15.78
C2 DTP Q . 42.27 3.54 16.94
N3 DTP Q . 42.70 4.66 17.51
C4 DTP Q . 43.62 5.26 16.75
MG MG R . 50.82 12.68 12.57
PG DTP S . 38.16 -4.95 -12.35
O1G DTP S . 37.71 -4.24 -13.58
O2G DTP S . 39.70 -5.10 -12.23
O3G DTP S . 37.52 -6.33 -12.13
PB DTP S . 37.07 -4.36 -9.64
O1B DTP S . 36.39 -5.66 -9.59
O2B DTP S . 36.21 -3.14 -9.30
O3B DTP S . 37.74 -4.12 -11.05
PA DTP S . 38.65 -4.64 -7.16
O1A DTP S . 40.00 -5.19 -6.97
O2A DTP S . 38.37 -3.34 -6.39
O3A DTP S . 38.34 -4.32 -8.68
O5' DTP S . 37.51 -5.70 -6.85
C5' DTP S . 37.64 -7.10 -7.17
C4' DTP S . 36.49 -7.77 -6.46
O4' DTP S . 36.47 -7.20 -5.15
C3' DTP S . 35.20 -7.32 -7.15
O3' DTP S . 34.51 -8.52 -7.46
C2' DTP S . 34.40 -6.64 -6.05
C1' DTP S . 35.16 -6.89 -4.76
N9 DTP S . 35.27 -5.68 -3.96
C8 DTP S . 36.07 -4.61 -4.25
N7 DTP S . 36.00 -3.64 -3.38
C5 DTP S . 35.07 -4.09 -2.46
C6 DTP S . 34.54 -3.53 -1.28
N6 DTP S . 34.89 -2.32 -0.83
N1 DTP S . 33.63 -4.25 -0.60
C2 DTP S . 33.28 -5.45 -1.05
N3 DTP S . 33.71 -6.08 -2.14
C4 DTP S . 34.60 -5.35 -2.80
MG MG T . 39.69 16.47 -6.57
MG MG U . 40.98 -2.56 -10.71
MG MG V . -0.08 -3.63 -11.97
MG MG W . -1.07 -1.63 -9.22
O5' DTP X . -10.18 -11.77 -1.89
C5' DTP X . -8.89 -11.99 -2.51
C4' DTP X . -8.37 -10.74 -3.17
O4' DTP X . -7.53 -11.16 -4.24
C3' DTP X . -9.54 -9.98 -3.82
O3' DTP X . -9.47 -8.66 -3.28
C2' DTP X . -9.16 -9.85 -5.28
C1' DTP X . -7.74 -10.37 -5.39
N9 DTP X . -7.50 -11.23 -6.55
C8 DTP X . -7.94 -12.51 -6.76
N7 DTP X . -7.54 -13.04 -7.89
C5 DTP X . -6.76 -12.04 -8.45
C6 DTP X . -6.02 -11.99 -9.65
N6 DTP X . -5.94 -13.00 -10.52
N1 DTP X . -5.36 -10.84 -9.91
C2 DTP X . -5.42 -9.83 -9.03
N3 DTP X . -6.08 -9.78 -7.87
C4 DTP X . -6.75 -10.91 -7.65
PB DTP Y . -11.88 -22.41 -34.36
O1B DTP Y . -13.11 -21.98 -33.67
O2B DTP Y . -11.41 -21.54 -35.52
O3B DTP Y . -11.97 -23.90 -34.91
PA DTP Y . -10.47 -22.50 -31.75
O1A DTP Y . -9.13 -22.98 -31.35
O2A DTP Y . -10.78 -21.07 -31.29
O3A DTP Y . -10.66 -22.53 -33.34
O5' DTP Y . -11.66 -23.42 -31.24
C5' DTP Y . -11.65 -24.85 -31.40
C4' DTP Y . -12.88 -25.40 -30.72
O4' DTP Y . -12.95 -24.73 -29.45
C3' DTP Y . -14.09 -24.93 -31.52
O3' DTP Y . -14.84 -26.11 -31.79
C2' DTP Y . -14.93 -24.13 -30.53
C1' DTP Y . -14.27 -24.32 -29.18
N9 DTP Y . -14.15 -23.06 -28.46
C8 DTP Y . -13.27 -22.06 -28.74
N7 DTP Y . -13.35 -21.03 -27.93
C5 DTP Y . -14.35 -21.39 -27.05
C6 DTP Y . -14.91 -20.73 -25.95
N6 DTP Y . -14.54 -19.51 -25.54
N1 DTP Y . -15.92 -21.37 -25.28
C2 DTP Y . -16.31 -22.56 -25.70
N3 DTP Y . -15.84 -23.29 -26.73
C4 DTP Y . -14.86 -22.64 -27.37
MG MG Z . -11.04 -23.23 -36.90
#